data_5HBU
#
_entry.id   5HBU
#
_cell.length_a   70.114
_cell.length_b   158.893
_cell.length_c   200.201
_cell.angle_alpha   90.000
_cell.angle_beta   90.000
_cell.angle_gamma   90.000
#
_symmetry.space_group_name_H-M   'P 21 21 21'
#
loop_
_entity.id
_entity.type
_entity.pdbx_description
1 polymer 'Nucleoid occlusion factor SlmA'
2 polymer "DNA (5'-D(*GP*TP*GP*AP*GP*TP*AP*CP*TP*CP*AP*C)-3')"
3 polymer 'FtsZ CTT peptide'
4 water water
#
loop_
_entity_poly.entity_id
_entity_poly.type
_entity_poly.pdbx_seq_one_letter_code
_entity_poly.pdbx_strand_id
1 'polypeptide(L)'
;AEKQAKRNRREEILQSLALMLESSDGSQRITTAKLAASVGVSEAALYRHFPSKTRMFDSLIEFIEDSLITRINLILKDEK
DTTARLRLIVLLLLGFGERNPGLTRILTGHALMFEQDRLQGRINQLFERIEAQLRQVLREKRMREGEGYTTDETLLASQI
LAFCEGMLSRFVRSEFKYRPTDDFDARWPLIAAQLQ
;
A,B,C,D,E,F,G,H
2 'polydeoxyribonucleotide' (DG)(DT)(DG)(DA)(DG)(DT)(DA)(DC)(DT)(DC)(DA)(DC) W,Z,R,T
3 'polypeptide(L)' DYLDIPAFLR K
#
# COMPACT_ATOMS: atom_id res chain seq x y z
N ARG A 7 -33.63 6.62 9.15
CA ARG A 7 -33.39 7.26 10.44
C ARG A 7 -32.28 8.28 10.36
N ASN A 8 -31.79 8.70 11.52
CA ASN A 8 -30.78 9.75 11.63
C ASN A 8 -29.68 9.67 10.57
N ARG A 9 -28.81 8.67 10.67
CA ARG A 9 -27.65 8.57 9.79
C ARG A 9 -27.95 8.04 8.38
N ARG A 10 -29.14 7.50 8.18
CA ARG A 10 -29.55 6.99 6.88
C ARG A 10 -30.08 8.15 6.05
N GLU A 11 -31.08 8.84 6.58
CA GLU A 11 -31.64 10.01 5.92
C GLU A 11 -30.60 11.12 5.84
N GLU A 12 -29.82 11.27 6.91
CA GLU A 12 -28.75 12.26 6.97
C GLU A 12 -27.90 12.20 5.69
N ILE A 13 -27.61 10.98 5.25
CA ILE A 13 -26.87 10.76 4.01
C ILE A 13 -27.71 11.07 2.76
N LEU A 14 -28.84 10.39 2.63
CA LEU A 14 -29.74 10.60 1.49
C LEU A 14 -29.97 12.08 1.21
N GLN A 15 -30.07 12.87 2.28
CA GLN A 15 -30.26 14.32 2.16
C GLN A 15 -28.99 15.03 1.74
N SER A 16 -27.85 14.62 2.32
CA SER A 16 -26.56 15.21 1.97
C SER A 16 -26.26 14.91 0.50
N LEU A 17 -26.89 13.87 -0.02
CA LEU A 17 -26.78 13.51 -1.43
C LEU A 17 -27.55 14.50 -2.28
N ALA A 18 -28.81 14.75 -1.91
CA ALA A 18 -29.65 15.71 -2.61
C ALA A 18 -29.03 17.10 -2.58
N LEU A 19 -28.36 17.42 -1.47
CA LEU A 19 -27.71 18.71 -1.32
C LEU A 19 -26.57 18.87 -2.32
N MET A 20 -25.80 17.79 -2.53
CA MET A 20 -24.70 17.80 -3.46
C MET A 20 -25.19 17.75 -4.90
N LEU A 21 -26.33 17.10 -5.12
CA LEU A 21 -26.93 17.05 -6.44
C LEU A 21 -27.44 18.44 -6.83
N GLU A 22 -27.99 19.15 -5.85
CA GLU A 22 -28.56 20.48 -6.08
C GLU A 22 -27.45 21.53 -6.19
N SER A 23 -26.30 21.23 -5.60
CA SER A 23 -25.16 22.14 -5.68
C SER A 23 -24.57 22.13 -7.09
N SER A 24 -23.61 23.02 -7.33
CA SER A 24 -22.96 23.11 -8.63
C SER A 24 -22.12 21.86 -8.93
N ASP A 25 -21.80 21.10 -7.88
CA ASP A 25 -21.04 19.87 -8.05
C ASP A 25 -21.92 18.76 -8.59
N GLY A 26 -23.24 18.97 -8.54
CA GLY A 26 -24.19 18.03 -9.08
C GLY A 26 -24.01 17.84 -10.57
N SER A 27 -23.19 18.70 -11.19
CA SER A 27 -22.90 18.59 -12.61
C SER A 27 -21.81 17.54 -12.86
N GLN A 28 -21.17 17.12 -11.78
CA GLN A 28 -20.12 16.11 -11.85
C GLN A 28 -20.59 14.84 -11.15
N ARG A 29 -19.78 13.79 -11.22
CA ARG A 29 -20.14 12.53 -10.56
C ARG A 29 -19.97 12.63 -9.05
N ILE A 30 -20.97 12.17 -8.32
CA ILE A 30 -20.92 12.19 -6.86
C ILE A 30 -20.17 10.98 -6.34
N THR A 31 -18.87 11.14 -6.14
CA THR A 31 -18.03 10.04 -5.68
C THR A 31 -18.28 9.74 -4.19
N THR A 32 -18.25 8.47 -3.84
CA THR A 32 -18.45 8.05 -2.46
C THR A 32 -17.46 8.74 -1.52
N ALA A 33 -16.33 9.17 -2.08
CA ALA A 33 -15.33 9.91 -1.31
C ALA A 33 -15.82 11.31 -0.98
N LYS A 34 -16.43 11.97 -1.97
CA LYS A 34 -17.00 13.30 -1.77
C LYS A 34 -18.22 13.22 -0.85
N LEU A 35 -19.14 12.34 -1.17
CA LEU A 35 -20.35 12.15 -0.36
C LEU A 35 -20.01 11.91 1.10
N ALA A 36 -19.11 10.97 1.35
CA ALA A 36 -18.70 10.63 2.71
C ALA A 36 -18.13 11.85 3.42
N ALA A 37 -17.16 12.50 2.77
CA ALA A 37 -16.53 13.69 3.32
C ALA A 37 -17.55 14.79 3.57
N SER A 38 -18.61 14.82 2.76
CA SER A 38 -19.67 15.80 2.90
C SER A 38 -20.49 15.53 4.17
N VAL A 39 -20.79 14.26 4.41
CA VAL A 39 -21.53 13.86 5.60
C VAL A 39 -20.64 13.95 6.84
N GLY A 40 -19.33 14.07 6.60
CA GLY A 40 -18.37 14.17 7.68
C GLY A 40 -18.05 12.84 8.32
N VAL A 41 -18.02 11.79 7.51
CA VAL A 41 -17.74 10.44 8.00
C VAL A 41 -16.81 9.70 7.06
N SER A 42 -16.66 8.40 7.30
CA SER A 42 -15.84 7.56 6.42
C SER A 42 -16.72 6.84 5.41
N GLU A 43 -16.17 6.54 4.25
CA GLU A 43 -16.92 5.89 3.19
C GLU A 43 -17.48 4.56 3.68
N ALA A 44 -16.75 3.91 4.57
CA ALA A 44 -17.18 2.64 5.17
C ALA A 44 -18.46 2.81 5.98
N ALA A 45 -18.66 4.00 6.52
CA ALA A 45 -19.88 4.30 7.26
C ALA A 45 -21.08 4.37 6.30
N LEU A 46 -20.80 4.76 5.05
CA LEU A 46 -21.85 4.83 4.04
C LEU A 46 -22.49 3.47 3.82
N TYR A 47 -21.66 2.47 3.51
CA TYR A 47 -22.14 1.12 3.27
C TYR A 47 -22.59 0.42 4.54
N ARG A 48 -22.41 1.08 5.68
CA ARG A 48 -22.97 0.60 6.93
C ARG A 48 -24.48 0.78 6.84
N HIS A 49 -24.91 1.68 5.98
CA HIS A 49 -26.33 1.98 5.81
C HIS A 49 -26.83 1.66 4.40
N PHE A 50 -25.91 1.46 3.46
CA PHE A 50 -26.28 1.18 2.08
C PHE A 50 -25.38 0.14 1.43
N PRO A 51 -25.99 -0.83 0.72
CA PRO A 51 -25.23 -1.84 -0.01
C PRO A 51 -24.45 -1.22 -1.17
N SER A 52 -25.18 -0.75 -2.17
CA SER A 52 -24.55 -0.13 -3.33
C SER A 52 -24.96 1.33 -3.39
N LYS A 53 -24.04 2.20 -3.83
CA LYS A 53 -24.36 3.61 -3.95
C LYS A 53 -25.53 3.76 -4.91
N THR A 54 -25.65 2.80 -5.82
CA THR A 54 -26.75 2.77 -6.76
C THR A 54 -28.07 2.76 -6.00
N ARG A 55 -28.05 2.14 -4.82
CA ARG A 55 -29.26 2.02 -4.01
C ARG A 55 -29.68 3.36 -3.40
N MET A 56 -28.71 4.22 -3.10
CA MET A 56 -28.98 5.56 -2.57
C MET A 56 -29.85 6.31 -3.56
N PHE A 57 -29.46 6.21 -4.83
CA PHE A 57 -30.23 6.80 -5.92
C PHE A 57 -31.55 6.08 -6.07
N ASP A 58 -31.57 4.80 -5.75
CA ASP A 58 -32.81 4.02 -5.77
C ASP A 58 -33.83 4.57 -4.78
N SER A 59 -33.38 4.90 -3.57
CA SER A 59 -34.28 5.45 -2.56
C SER A 59 -34.69 6.88 -2.92
N LEU A 60 -33.73 7.66 -3.39
CA LEU A 60 -33.98 9.04 -3.79
C LEU A 60 -34.99 9.08 -4.93
N ILE A 61 -34.94 8.09 -5.81
CA ILE A 61 -35.89 7.98 -6.90
C ILE A 61 -37.26 7.51 -6.39
N GLU A 62 -37.26 6.81 -5.26
CA GLU A 62 -38.50 6.39 -4.63
C GLU A 62 -39.16 7.58 -3.94
N PHE A 63 -38.37 8.38 -3.24
CA PHE A 63 -38.87 9.56 -2.55
C PHE A 63 -39.42 10.57 -3.56
N ILE A 64 -39.02 10.42 -4.82
CA ILE A 64 -39.52 11.28 -5.89
C ILE A 64 -40.83 10.73 -6.46
N GLU A 65 -40.95 9.40 -6.48
CA GLU A 65 -42.16 8.75 -6.98
C GLU A 65 -43.24 8.66 -5.90
N ASP A 66 -42.82 8.70 -4.64
CA ASP A 66 -43.75 8.65 -3.52
C ASP A 66 -44.25 10.05 -3.15
N SER A 67 -43.66 11.07 -3.76
CA SER A 67 -44.09 12.45 -3.55
C SER A 67 -45.00 12.91 -4.68
N LEU A 68 -44.57 12.67 -5.92
CA LEU A 68 -45.34 13.05 -7.11
C LEU A 68 -46.61 12.21 -7.28
N ILE A 69 -46.46 10.90 -7.39
CA ILE A 69 -47.60 9.99 -7.55
C ILE A 69 -48.67 10.22 -6.46
N THR A 70 -48.22 10.48 -5.23
CA THR A 70 -49.14 10.79 -4.14
C THR A 70 -49.95 12.03 -4.49
N ARG A 71 -49.29 13.18 -4.44
CA ARG A 71 -49.93 14.46 -4.69
C ARG A 71 -50.82 14.47 -5.93
N ILE A 72 -50.47 13.64 -6.92
CA ILE A 72 -51.28 13.49 -8.14
C ILE A 72 -52.64 12.86 -7.82
N ASN A 73 -52.64 11.75 -7.10
CA ASN A 73 -53.88 11.11 -6.69
C ASN A 73 -54.82 12.09 -6.01
N LEU A 74 -54.29 12.79 -5.00
CA LEU A 74 -55.03 13.81 -4.26
C LEU A 74 -55.75 14.78 -5.21
N ILE A 75 -54.99 15.45 -6.05
CA ILE A 75 -55.53 16.41 -7.01
C ILE A 75 -56.75 15.85 -7.76
N LEU A 76 -56.69 14.57 -8.09
CA LEU A 76 -57.77 13.89 -8.80
C LEU A 76 -58.99 13.62 -7.91
N LYS A 77 -58.77 13.68 -6.60
CA LYS A 77 -59.83 13.39 -5.64
C LYS A 77 -60.33 14.66 -4.95
N ASP A 78 -59.57 15.74 -5.03
CA ASP A 78 -59.95 16.99 -4.40
C ASP A 78 -60.19 18.10 -5.45
N GLU A 79 -60.48 17.69 -6.68
CA GLU A 79 -60.70 18.62 -7.80
C GLU A 79 -61.20 17.84 -9.02
N LYS A 80 -62.52 17.85 -9.25
CA LYS A 80 -63.11 17.14 -10.36
C LYS A 80 -63.28 18.02 -11.60
N ASP A 81 -62.42 19.01 -11.75
CA ASP A 81 -62.42 19.84 -12.95
C ASP A 81 -61.30 19.40 -13.89
N THR A 82 -61.67 19.01 -15.11
CA THR A 82 -60.71 18.49 -16.08
C THR A 82 -59.50 19.42 -16.29
N THR A 83 -59.74 20.72 -16.29
CA THR A 83 -58.68 21.70 -16.56
C THR A 83 -58.01 22.20 -15.28
N ALA A 84 -58.76 22.25 -14.19
CA ALA A 84 -58.18 22.59 -12.89
C ALA A 84 -57.28 21.46 -12.40
N ARG A 85 -57.47 20.27 -12.98
CA ARG A 85 -56.61 19.12 -12.68
C ARG A 85 -55.28 19.23 -13.39
N LEU A 86 -55.31 19.55 -14.69
CA LEU A 86 -54.09 19.68 -15.47
C LEU A 86 -53.23 20.81 -14.90
N ARG A 87 -53.87 21.89 -14.50
CA ARG A 87 -53.17 23.03 -13.92
C ARG A 87 -52.41 22.63 -12.66
N LEU A 88 -53.14 22.14 -11.66
CA LEU A 88 -52.52 21.74 -10.41
C LEU A 88 -51.38 20.75 -10.61
N ILE A 89 -51.57 19.81 -11.53
CA ILE A 89 -50.55 18.81 -11.81
C ILE A 89 -49.28 19.42 -12.39
N VAL A 90 -49.44 20.26 -13.41
CA VAL A 90 -48.29 20.94 -14.02
C VAL A 90 -47.57 21.81 -13.00
N LEU A 91 -48.33 22.49 -12.16
CA LEU A 91 -47.75 23.31 -11.11
C LEU A 91 -47.01 22.45 -10.09
N LEU A 92 -47.53 21.24 -9.87
CA LEU A 92 -46.91 20.31 -8.94
C LEU A 92 -45.53 19.87 -9.44
N LEU A 93 -45.48 19.44 -10.70
CA LEU A 93 -44.22 19.04 -11.30
C LEU A 93 -43.21 20.18 -11.28
N LEU A 94 -43.61 21.31 -11.87
CA LEU A 94 -42.76 22.50 -11.90
C LEU A 94 -42.36 22.93 -10.49
N GLY A 95 -43.35 23.03 -9.61
CA GLY A 95 -43.12 23.44 -8.24
C GLY A 95 -42.20 22.50 -7.48
N PHE A 96 -42.43 21.20 -7.62
CA PHE A 96 -41.61 20.19 -6.94
C PHE A 96 -40.18 20.25 -7.43
N GLY A 97 -40.01 20.31 -8.75
CA GLY A 97 -38.69 20.38 -9.34
C GLY A 97 -37.91 21.56 -8.83
N GLU A 98 -38.61 22.67 -8.61
CA GLU A 98 -37.98 23.89 -8.14
C GLU A 98 -37.55 23.79 -6.67
N ARG A 99 -38.40 23.19 -5.84
CA ARG A 99 -38.10 23.05 -4.42
C ARG A 99 -37.03 21.99 -4.18
N ASN A 100 -36.76 21.18 -5.19
CA ASN A 100 -35.75 20.13 -5.10
C ASN A 100 -34.85 20.11 -6.34
N PRO A 101 -33.98 21.11 -6.48
CA PRO A 101 -33.09 21.24 -7.63
C PRO A 101 -32.27 19.97 -7.85
N GLY A 102 -31.76 19.38 -6.78
CA GLY A 102 -30.95 18.19 -6.87
C GLY A 102 -31.71 17.00 -7.40
N LEU A 103 -32.93 16.80 -6.89
CA LEU A 103 -33.76 15.69 -7.32
C LEU A 103 -34.22 15.89 -8.76
N THR A 104 -34.35 17.15 -9.18
CA THR A 104 -34.71 17.47 -10.55
C THR A 104 -33.64 16.95 -11.50
N ARG A 105 -32.39 17.00 -11.05
CA ARG A 105 -31.28 16.52 -11.85
C ARG A 105 -31.43 15.03 -12.14
N ILE A 106 -32.17 14.34 -11.28
CA ILE A 106 -32.47 12.93 -11.48
C ILE A 106 -33.62 12.76 -12.47
N LEU A 107 -34.65 13.59 -12.33
CA LEU A 107 -35.77 13.57 -13.25
C LEU A 107 -35.31 13.80 -14.68
N THR A 108 -34.42 14.78 -14.85
CA THR A 108 -33.89 15.10 -16.17
C THR A 108 -32.95 14.01 -16.67
N GLY A 109 -32.39 13.25 -15.74
CA GLY A 109 -31.55 12.11 -16.09
C GLY A 109 -30.08 12.44 -16.18
N HIS A 110 -29.70 13.64 -15.75
CA HIS A 110 -28.30 14.06 -15.80
C HIS A 110 -27.49 13.45 -14.67
N ALA A 111 -28.08 13.36 -13.49
CA ALA A 111 -27.42 12.74 -12.34
C ALA A 111 -27.35 11.24 -12.52
N LEU A 112 -28.17 10.71 -13.42
CA LEU A 112 -28.22 9.27 -13.67
C LEU A 112 -27.25 8.85 -14.77
N MET A 113 -26.55 9.82 -15.34
CA MET A 113 -25.58 9.53 -16.39
C MET A 113 -24.38 8.77 -15.84
N PHE A 114 -23.91 9.18 -14.67
CA PHE A 114 -22.75 8.55 -14.04
C PHE A 114 -23.11 7.18 -13.47
N GLU A 115 -24.38 6.99 -13.15
CA GLU A 115 -24.82 5.77 -12.47
C GLU A 115 -25.40 4.73 -13.43
N GLN A 116 -25.90 3.64 -12.85
CA GLN A 116 -26.40 2.51 -13.63
C GLN A 116 -27.47 2.92 -14.65
N ASP A 117 -27.56 2.14 -15.72
CA ASP A 117 -28.55 2.38 -16.77
C ASP A 117 -29.97 2.10 -16.29
N ARG A 118 -30.10 1.27 -15.26
CA ARG A 118 -31.41 0.90 -14.75
C ARG A 118 -32.17 2.10 -14.20
N LEU A 119 -31.50 2.86 -13.34
CA LEU A 119 -32.10 4.01 -12.69
C LEU A 119 -32.84 4.93 -13.68
N GLN A 120 -32.22 5.19 -14.82
CA GLN A 120 -32.86 5.96 -15.87
C GLN A 120 -34.16 5.31 -16.33
N GLY A 121 -34.12 3.99 -16.49
CA GLY A 121 -35.30 3.23 -16.87
C GLY A 121 -36.38 3.30 -15.80
N ARG A 122 -35.94 3.43 -14.55
CA ARG A 122 -36.88 3.55 -13.44
C ARG A 122 -37.56 4.92 -13.47
N ILE A 123 -36.75 5.97 -13.66
CA ILE A 123 -37.27 7.31 -13.86
C ILE A 123 -38.21 7.36 -15.06
N ASN A 124 -37.82 6.67 -16.12
CA ASN A 124 -38.66 6.54 -17.31
C ASN A 124 -40.06 6.07 -16.95
N GLN A 125 -40.14 5.12 -16.02
CA GLN A 125 -41.42 4.57 -15.58
C GLN A 125 -42.25 5.60 -14.81
N LEU A 126 -41.58 6.40 -13.98
CA LEU A 126 -42.23 7.44 -13.21
C LEU A 126 -42.96 8.39 -14.14
N PHE A 127 -42.28 8.74 -15.22
CA PHE A 127 -42.78 9.71 -16.20
C PHE A 127 -43.86 9.07 -17.07
N GLU A 128 -43.86 7.74 -17.11
CA GLU A 128 -44.90 6.98 -17.80
C GLU A 128 -46.14 6.82 -16.94
N ARG A 129 -45.96 6.89 -15.62
CA ARG A 129 -47.10 6.88 -14.70
C ARG A 129 -47.74 8.26 -14.60
N ILE A 130 -46.90 9.28 -14.51
CA ILE A 130 -47.39 10.66 -14.49
C ILE A 130 -48.12 10.97 -15.80
N GLU A 131 -47.57 10.52 -16.92
CA GLU A 131 -48.19 10.74 -18.21
C GLU A 131 -49.43 9.86 -18.36
N ALA A 132 -49.57 8.88 -17.48
CA ALA A 132 -50.74 8.00 -17.48
C ALA A 132 -51.94 8.66 -16.79
N GLN A 133 -51.76 9.04 -15.52
CA GLN A 133 -52.79 9.76 -14.78
C GLN A 133 -53.01 11.14 -15.39
N LEU A 134 -52.17 11.48 -16.35
CA LEU A 134 -52.34 12.70 -17.12
C LEU A 134 -53.23 12.42 -18.33
N ARG A 135 -53.03 11.25 -18.92
CA ARG A 135 -53.71 10.86 -20.16
C ARG A 135 -55.14 10.38 -19.95
N GLN A 136 -55.61 10.38 -18.70
CA GLN A 136 -56.97 9.95 -18.45
C GLN A 136 -57.88 11.08 -17.97
N VAL A 137 -57.31 12.00 -17.18
CA VAL A 137 -58.05 13.17 -16.74
C VAL A 137 -58.72 13.80 -17.96
N LEU A 138 -58.05 13.61 -19.08
CA LEU A 138 -58.45 14.15 -20.36
C LEU A 138 -59.66 13.44 -20.93
N ARG A 139 -59.51 12.14 -21.12
CA ARG A 139 -60.57 11.32 -21.70
C ARG A 139 -61.84 11.46 -20.88
N GLU A 140 -61.71 11.93 -19.64
CA GLU A 140 -62.86 12.13 -18.76
C GLU A 140 -63.51 13.48 -19.02
N LYS A 141 -63.38 13.98 -20.25
CA LYS A 141 -64.03 15.23 -20.63
C LYS A 141 -65.36 14.91 -21.29
N ARG A 142 -65.40 13.76 -21.94
CA ARG A 142 -66.60 13.35 -22.65
C ARG A 142 -67.57 12.72 -21.65
N MET A 143 -67.13 12.62 -20.41
CA MET A 143 -67.99 12.23 -19.30
C MET A 143 -68.66 13.46 -18.69
N ARG A 144 -67.90 14.23 -17.91
CA ARG A 144 -68.45 15.34 -17.13
C ARG A 144 -68.84 16.55 -17.96
N GLU A 145 -68.25 16.70 -19.15
CA GLU A 145 -68.47 17.90 -19.95
C GLU A 145 -69.19 17.58 -21.25
N GLY A 146 -69.25 16.30 -21.60
CA GLY A 146 -70.01 15.85 -22.75
C GLY A 146 -69.43 16.22 -24.11
N GLU A 147 -68.27 16.86 -24.09
CA GLU A 147 -67.55 17.23 -25.31
C GLU A 147 -66.13 16.70 -25.24
N GLY A 148 -65.54 16.37 -26.38
CA GLY A 148 -64.20 15.80 -26.40
C GLY A 148 -63.10 16.73 -26.88
N TYR A 149 -61.95 16.14 -27.16
CA TYR A 149 -60.79 16.88 -27.65
C TYR A 149 -60.50 16.57 -29.11
N THR A 150 -60.23 17.60 -29.90
CA THR A 150 -59.84 17.41 -31.29
C THR A 150 -58.69 16.42 -31.40
N THR A 151 -57.63 16.68 -30.65
CA THR A 151 -56.42 15.87 -30.70
C THR A 151 -56.49 14.68 -29.77
N ASP A 152 -55.79 13.61 -30.13
CA ASP A 152 -55.74 12.40 -29.32
C ASP A 152 -55.20 12.70 -27.93
N GLU A 153 -55.78 12.09 -26.91
CA GLU A 153 -55.32 12.30 -25.53
C GLU A 153 -53.86 11.93 -25.42
N THR A 154 -53.48 10.89 -26.16
CA THR A 154 -52.08 10.50 -26.31
C THR A 154 -51.24 11.71 -26.69
N LEU A 155 -51.49 12.20 -27.91
CA LEU A 155 -50.72 13.28 -28.53
C LEU A 155 -51.01 14.65 -27.93
N LEU A 156 -51.25 14.70 -26.63
CA LEU A 156 -51.47 15.99 -26.01
C LEU A 156 -51.12 15.92 -24.54
N ALA A 157 -51.38 14.77 -23.91
CA ALA A 157 -50.83 14.52 -22.59
C ALA A 157 -49.31 14.50 -22.74
N SER A 158 -48.86 14.12 -23.93
CA SER A 158 -47.45 14.13 -24.27
C SER A 158 -46.99 15.56 -24.53
N GLN A 159 -47.91 16.39 -25.00
CA GLN A 159 -47.61 17.78 -25.29
C GLN A 159 -47.39 18.54 -23.99
N ILE A 160 -48.24 18.24 -23.00
CA ILE A 160 -48.17 18.89 -21.70
C ILE A 160 -46.92 18.46 -20.94
N LEU A 161 -46.68 17.16 -20.86
CA LEU A 161 -45.52 16.65 -20.16
C LEU A 161 -44.23 17.13 -20.80
N ALA A 162 -44.23 17.20 -22.13
CA ALA A 162 -43.07 17.70 -22.87
C ALA A 162 -42.70 19.09 -22.39
N PHE A 163 -43.71 19.93 -22.16
CA PHE A 163 -43.48 21.27 -21.64
C PHE A 163 -42.83 21.20 -20.27
N CYS A 164 -43.41 20.41 -19.37
CA CYS A 164 -42.88 20.25 -18.02
C CYS A 164 -41.41 19.81 -18.06
N GLU A 165 -41.13 18.73 -18.80
CA GLU A 165 -39.77 18.25 -18.94
C GLU A 165 -38.86 19.35 -19.46
N GLY A 166 -39.39 20.16 -20.37
CA GLY A 166 -38.63 21.27 -20.93
C GLY A 166 -38.21 22.26 -19.87
N MET A 167 -39.15 22.61 -18.98
CA MET A 167 -38.88 23.57 -17.92
C MET A 167 -37.85 23.04 -16.93
N LEU A 168 -37.97 21.77 -16.56
CA LEU A 168 -37.04 21.15 -15.63
C LEU A 168 -35.64 21.06 -16.26
N SER A 169 -35.60 20.74 -17.54
CA SER A 169 -34.33 20.63 -18.25
C SER A 169 -33.66 21.99 -18.37
N ARG A 170 -34.45 23.03 -18.64
CA ARG A 170 -33.94 24.39 -18.67
C ARG A 170 -33.46 24.79 -17.29
N PHE A 171 -34.22 24.37 -16.28
CA PHE A 171 -33.88 24.64 -14.89
C PHE A 171 -32.50 24.09 -14.55
N VAL A 172 -32.28 22.83 -14.90
CA VAL A 172 -30.98 22.19 -14.71
C VAL A 172 -29.94 22.84 -15.61
N ARG A 173 -30.24 22.86 -16.91
CA ARG A 173 -29.35 23.41 -17.93
C ARG A 173 -28.79 24.79 -17.56
N SER A 174 -29.64 25.62 -16.97
CA SER A 174 -29.25 26.99 -16.65
C SER A 174 -28.73 27.14 -15.23
N GLU A 175 -28.24 26.05 -14.65
CA GLU A 175 -27.75 26.06 -13.27
C GLU A 175 -28.77 26.64 -12.31
N PHE A 176 -30.03 26.29 -12.53
CA PHE A 176 -31.12 26.65 -11.63
C PHE A 176 -31.48 28.13 -11.64
N LYS A 177 -31.19 28.80 -12.75
CA LYS A 177 -31.57 30.20 -12.92
C LYS A 177 -33.02 30.30 -13.38
N TYR A 178 -33.36 29.55 -14.43
CA TYR A 178 -34.73 29.49 -14.91
C TYR A 178 -35.60 28.68 -13.96
N ARG A 179 -36.09 29.33 -12.91
CA ARG A 179 -36.98 28.67 -11.97
C ARG A 179 -38.29 28.27 -12.65
N PRO A 180 -38.60 26.97 -12.67
CA PRO A 180 -39.69 26.34 -13.42
C PRO A 180 -41.06 27.01 -13.24
N THR A 181 -41.28 27.65 -12.09
CA THR A 181 -42.60 28.20 -11.80
C THR A 181 -42.68 29.72 -12.02
N ASP A 182 -41.61 30.31 -12.55
CA ASP A 182 -41.60 31.73 -12.90
C ASP A 182 -42.57 32.02 -14.03
N ASP A 183 -43.51 32.91 -13.78
CA ASP A 183 -44.49 33.31 -14.79
C ASP A 183 -45.46 32.19 -15.11
N PHE A 184 -45.71 31.33 -14.13
CA PHE A 184 -46.60 30.19 -14.34
C PHE A 184 -48.03 30.61 -14.66
N ASP A 185 -48.54 31.57 -13.88
CA ASP A 185 -49.91 32.05 -14.09
C ASP A 185 -50.06 32.69 -15.46
N ALA A 186 -48.96 33.16 -16.03
CA ALA A 186 -48.96 33.74 -17.35
C ALA A 186 -48.76 32.66 -18.41
N ARG A 187 -48.11 31.57 -18.01
CA ARG A 187 -47.87 30.45 -18.92
C ARG A 187 -49.08 29.54 -19.05
N TRP A 188 -49.76 29.28 -17.93
CA TRP A 188 -50.86 28.32 -17.92
C TRP A 188 -51.90 28.56 -19.01
N PRO A 189 -52.37 29.81 -19.18
CA PRO A 189 -53.32 30.09 -20.25
C PRO A 189 -52.80 29.59 -21.59
N LEU A 190 -51.51 29.79 -21.84
CA LEU A 190 -50.87 29.33 -23.07
C LEU A 190 -51.01 27.82 -23.24
N ILE A 191 -51.03 27.11 -22.11
CA ILE A 191 -51.22 25.67 -22.12
C ILE A 191 -52.67 25.33 -22.45
N ALA A 192 -53.58 25.98 -21.73
CA ALA A 192 -55.02 25.74 -21.90
C ALA A 192 -55.46 25.88 -23.35
N ALA A 193 -54.82 26.80 -24.06
CA ALA A 193 -55.14 27.04 -25.47
C ALA A 193 -54.95 25.79 -26.31
N GLN A 194 -54.19 24.84 -25.78
CA GLN A 194 -53.91 23.59 -26.48
C GLN A 194 -54.91 22.51 -26.09
N LEU A 195 -55.71 22.80 -25.07
CA LEU A 195 -56.70 21.85 -24.60
C LEU A 195 -57.94 21.83 -25.50
N GLN A 196 -57.70 21.93 -26.80
CA GLN A 196 -58.77 21.78 -27.77
C GLN A 196 -59.40 20.40 -27.65
N ALA B 1 -3.40 18.91 -49.63
CA ALA B 1 -2.77 17.62 -49.90
C ALA B 1 -2.51 16.85 -48.59
N GLU B 2 -1.56 17.34 -47.81
CA GLU B 2 -1.23 16.71 -46.54
C GLU B 2 -2.20 17.12 -45.44
N LYS B 3 -2.70 18.34 -45.53
CA LYS B 3 -3.70 18.82 -44.57
C LYS B 3 -5.05 18.18 -44.89
N GLN B 4 -5.29 17.91 -46.18
CA GLN B 4 -6.51 17.24 -46.61
C GLN B 4 -6.55 15.79 -46.12
N ALA B 5 -5.40 15.28 -45.71
CA ALA B 5 -5.31 13.93 -45.18
C ALA B 5 -5.31 13.95 -43.66
N LYS B 6 -5.22 15.16 -43.10
CA LYS B 6 -5.24 15.36 -41.66
C LYS B 6 -6.66 15.64 -41.19
N ARG B 7 -7.62 15.33 -42.06
CA ARG B 7 -9.02 15.54 -41.75
C ARG B 7 -9.82 14.32 -42.21
N ASN B 8 -9.18 13.43 -42.95
CA ASN B 8 -9.79 12.16 -43.32
C ASN B 8 -9.69 11.17 -42.16
N ARG B 9 -8.66 11.34 -41.34
CA ARG B 9 -8.51 10.56 -40.12
C ARG B 9 -9.27 11.25 -38.99
N ARG B 10 -9.07 12.56 -38.89
CA ARG B 10 -9.76 13.38 -37.91
C ARG B 10 -11.26 13.15 -37.96
N GLU B 11 -11.94 13.86 -38.85
CA GLU B 11 -13.40 13.82 -38.95
C GLU B 11 -13.94 12.41 -38.87
N GLU B 12 -13.14 11.44 -39.33
CA GLU B 12 -13.47 10.02 -39.20
C GLU B 12 -13.64 9.64 -37.74
N ILE B 13 -12.96 10.37 -36.85
CA ILE B 13 -13.09 10.20 -35.41
C ILE B 13 -14.45 10.71 -34.94
N LEU B 14 -14.82 11.90 -35.41
CA LEU B 14 -16.10 12.50 -35.04
C LEU B 14 -17.27 11.70 -35.59
N GLN B 15 -17.09 11.13 -36.77
CA GLN B 15 -18.11 10.26 -37.36
C GLN B 15 -18.43 9.12 -36.40
N SER B 16 -17.41 8.67 -35.68
CA SER B 16 -17.55 7.62 -34.68
C SER B 16 -18.02 8.16 -33.33
N LEU B 17 -17.31 9.16 -32.79
CA LEU B 17 -17.74 9.81 -31.55
C LEU B 17 -19.24 10.08 -31.62
N ALA B 18 -19.69 10.59 -32.75
CA ALA B 18 -21.11 10.82 -32.96
C ALA B 18 -21.88 9.50 -33.05
N LEU B 19 -21.34 8.55 -33.82
CA LEU B 19 -21.97 7.25 -33.96
C LEU B 19 -22.15 6.55 -32.61
N MET B 20 -21.17 6.71 -31.72
CA MET B 20 -21.26 6.10 -30.39
C MET B 20 -22.29 6.81 -29.52
N LEU B 21 -22.24 8.13 -29.50
CA LEU B 21 -23.22 8.94 -28.77
C LEU B 21 -24.64 8.57 -29.19
N GLU B 22 -24.75 7.96 -30.38
CA GLU B 22 -26.03 7.64 -31.00
C GLU B 22 -26.52 6.24 -30.64
N SER B 23 -25.60 5.28 -30.64
CA SER B 23 -25.94 3.90 -30.30
C SER B 23 -26.39 3.79 -28.84
N SER B 24 -26.73 2.58 -28.41
CA SER B 24 -27.25 2.35 -27.06
C SER B 24 -26.24 2.70 -25.97
N ASP B 25 -25.01 2.98 -26.37
CA ASP B 25 -23.93 3.28 -25.44
C ASP B 25 -23.68 4.78 -25.30
N GLY B 26 -24.67 5.58 -25.65
CA GLY B 26 -24.56 7.02 -25.49
C GLY B 26 -24.94 7.45 -24.09
N SER B 27 -25.66 6.57 -23.39
CA SER B 27 -26.14 6.83 -22.04
C SER B 27 -25.06 6.54 -21.00
N GLN B 28 -23.87 6.19 -21.48
CA GLN B 28 -22.72 6.03 -20.61
C GLN B 28 -21.46 6.63 -21.26
N ARG B 29 -20.46 6.91 -20.43
CA ARG B 29 -19.24 7.64 -20.81
C ARG B 29 -18.59 7.23 -22.13
N ILE B 30 -17.96 8.17 -22.82
CA ILE B 30 -17.19 7.78 -24.00
C ILE B 30 -15.70 8.08 -23.84
N THR B 31 -14.98 7.14 -23.25
CA THR B 31 -13.53 7.25 -23.03
C THR B 31 -12.65 7.21 -24.28
N THR B 32 -11.46 7.79 -24.16
CA THR B 32 -10.49 7.83 -25.25
C THR B 32 -10.14 6.47 -25.82
N ALA B 33 -9.90 5.51 -24.93
CA ALA B 33 -9.54 4.15 -25.31
C ALA B 33 -10.59 3.50 -26.19
N LYS B 34 -11.82 3.42 -25.68
CA LYS B 34 -12.87 2.71 -26.40
C LYS B 34 -13.22 3.40 -27.72
N LEU B 35 -12.81 4.66 -27.85
CA LEU B 35 -13.00 5.41 -29.09
C LEU B 35 -11.90 5.04 -30.08
N ALA B 36 -10.64 5.18 -29.65
CA ALA B 36 -9.49 4.80 -30.46
C ALA B 36 -9.70 3.43 -31.10
N ALA B 37 -10.37 2.55 -30.37
CA ALA B 37 -10.66 1.20 -30.84
C ALA B 37 -11.65 1.21 -32.00
N SER B 38 -12.58 2.17 -31.98
CA SER B 38 -13.57 2.30 -33.04
C SER B 38 -12.99 2.86 -34.34
N VAL B 39 -12.14 3.89 -34.23
CA VAL B 39 -11.46 4.45 -35.39
C VAL B 39 -10.49 3.42 -35.97
N GLY B 40 -9.63 2.88 -35.10
CA GLY B 40 -8.66 1.89 -35.51
C GLY B 40 -7.25 2.38 -35.26
N VAL B 41 -7.04 2.94 -34.07
CA VAL B 41 -5.76 3.55 -33.72
C VAL B 41 -5.56 3.55 -32.20
N SER B 42 -4.40 4.06 -31.77
CA SER B 42 -4.10 4.21 -30.35
C SER B 42 -4.72 5.48 -29.78
N GLU B 43 -4.31 5.84 -28.57
CA GLU B 43 -4.78 7.06 -27.93
C GLU B 43 -3.80 8.20 -28.16
N ALA B 44 -2.51 7.87 -28.12
CA ALA B 44 -1.46 8.83 -28.38
C ALA B 44 -1.54 9.30 -29.83
N ALA B 45 -1.87 8.38 -30.73
CA ALA B 45 -2.04 8.71 -32.14
C ALA B 45 -3.40 9.33 -32.37
N LEU B 46 -4.05 9.74 -31.28
CA LEU B 46 -5.34 10.37 -31.36
C LEU B 46 -5.19 11.86 -31.08
N TYR B 47 -4.41 12.15 -30.05
CA TYR B 47 -4.14 13.53 -29.65
C TYR B 47 -3.25 14.25 -30.67
N ARG B 48 -3.10 13.64 -31.83
CA ARG B 48 -2.48 14.28 -32.99
C ARG B 48 -3.56 14.70 -33.97
N HIS B 49 -4.78 14.85 -33.47
CA HIS B 49 -5.89 15.38 -34.24
C HIS B 49 -6.72 16.26 -33.30
N PHE B 50 -6.58 15.98 -32.01
CA PHE B 50 -7.26 16.75 -30.97
C PHE B 50 -6.40 16.80 -29.71
N PRO B 51 -6.15 18.02 -29.21
CA PRO B 51 -5.32 18.19 -28.00
C PRO B 51 -6.10 17.79 -26.76
N SER B 52 -7.27 17.19 -26.96
CA SER B 52 -8.13 16.79 -25.86
C SER B 52 -9.42 16.11 -26.34
N LYS B 53 -10.24 15.67 -25.39
CA LYS B 53 -11.55 15.08 -25.68
C LYS B 53 -12.63 16.15 -25.66
N THR B 54 -12.39 17.21 -24.87
CA THR B 54 -13.22 18.40 -24.88
C THR B 54 -13.28 18.95 -26.30
N ARG B 55 -12.10 19.23 -26.85
CA ARG B 55 -11.98 19.80 -28.19
C ARG B 55 -12.69 18.99 -29.27
N MET B 56 -12.99 17.72 -28.99
CA MET B 56 -13.72 16.89 -29.93
C MET B 56 -15.20 17.28 -29.91
N PHE B 57 -15.72 17.53 -28.71
CA PHE B 57 -17.11 17.97 -28.56
C PHE B 57 -17.31 19.38 -29.09
N ASP B 58 -16.27 20.22 -28.96
CA ASP B 58 -16.33 21.57 -29.49
C ASP B 58 -16.69 21.54 -30.98
N SER B 59 -15.75 21.04 -31.79
CA SER B 59 -15.97 20.89 -33.23
C SER B 59 -17.25 20.12 -33.51
N LEU B 60 -17.67 19.30 -32.56
CA LEU B 60 -18.88 18.49 -32.70
C LEU B 60 -20.14 19.33 -32.43
N ILE B 61 -20.04 20.28 -31.51
CA ILE B 61 -21.11 21.24 -31.24
C ILE B 61 -21.18 22.26 -32.38
N GLU B 62 -20.01 22.74 -32.80
CA GLU B 62 -19.90 23.66 -33.93
C GLU B 62 -20.76 23.21 -35.10
N PHE B 63 -20.87 21.89 -35.30
CA PHE B 63 -21.65 21.34 -36.39
C PHE B 63 -23.13 21.62 -36.23
N ILE B 64 -23.62 21.44 -35.00
CA ILE B 64 -25.00 21.72 -34.66
C ILE B 64 -25.21 23.22 -34.46
N GLU B 65 -24.16 23.90 -34.03
CA GLU B 65 -24.12 25.36 -33.94
C GLU B 65 -24.41 25.95 -35.32
N ASP B 66 -23.70 25.44 -36.32
CA ASP B 66 -23.80 25.93 -37.69
C ASP B 66 -25.03 25.39 -38.44
N SER B 67 -25.31 24.10 -38.28
CA SER B 67 -26.44 23.47 -38.95
C SER B 67 -27.76 24.24 -38.76
N LEU B 68 -28.03 24.63 -37.51
CA LEU B 68 -29.26 25.32 -37.15
C LEU B 68 -29.23 26.83 -37.46
N ILE B 69 -28.14 27.49 -37.08
CA ILE B 69 -27.98 28.92 -37.35
C ILE B 69 -28.09 29.20 -38.85
N THR B 70 -27.49 28.33 -39.65
CA THR B 70 -27.58 28.42 -41.10
C THR B 70 -28.99 28.12 -41.60
N ARG B 71 -29.55 27.01 -41.13
CA ARG B 71 -30.87 26.54 -41.55
C ARG B 71 -31.98 27.49 -41.09
N ILE B 72 -31.64 28.43 -40.21
CA ILE B 72 -32.60 29.39 -39.68
C ILE B 72 -32.47 30.75 -40.35
N ASN B 73 -31.24 31.19 -40.57
CA ASN B 73 -31.00 32.42 -41.30
C ASN B 73 -31.48 32.32 -42.74
N LEU B 74 -31.88 31.13 -43.14
CA LEU B 74 -32.35 30.90 -44.51
C LEU B 74 -33.86 30.75 -44.53
N ILE B 75 -34.40 30.26 -43.42
CA ILE B 75 -35.83 30.05 -43.29
C ILE B 75 -36.51 31.41 -43.21
N LEU B 76 -35.76 32.40 -42.74
CA LEU B 76 -36.25 33.78 -42.68
C LEU B 76 -36.42 34.34 -44.08
N LYS B 77 -35.30 34.57 -44.77
CA LYS B 77 -35.31 35.17 -46.10
C LYS B 77 -36.39 34.58 -46.98
N ASP B 78 -36.41 33.26 -47.05
CA ASP B 78 -37.31 32.53 -47.94
C ASP B 78 -38.66 32.26 -47.28
N GLU B 79 -39.05 33.15 -46.37
CA GLU B 79 -40.39 33.13 -45.78
C GLU B 79 -40.73 34.45 -45.10
N LYS B 80 -41.95 34.92 -45.32
CA LYS B 80 -42.35 36.25 -44.87
C LYS B 80 -43.39 36.18 -43.75
N ASP B 81 -44.04 35.03 -43.63
CA ASP B 81 -45.17 34.87 -42.72
C ASP B 81 -44.75 34.41 -41.32
N THR B 82 -44.66 35.36 -40.39
CA THR B 82 -44.31 35.10 -39.00
C THR B 82 -44.54 33.66 -38.53
N THR B 83 -45.80 33.21 -38.53
CA THR B 83 -46.15 31.84 -38.12
C THR B 83 -45.31 30.81 -38.87
N ALA B 84 -45.44 30.79 -40.19
CA ALA B 84 -44.72 29.83 -41.01
C ALA B 84 -43.23 29.80 -40.64
N ARG B 85 -42.69 30.96 -40.30
CA ARG B 85 -41.31 31.05 -39.83
C ARG B 85 -41.12 30.28 -38.52
N LEU B 86 -42.01 30.53 -37.57
CA LEU B 86 -41.97 29.83 -36.28
C LEU B 86 -42.13 28.32 -36.45
N ARG B 87 -43.13 27.92 -37.22
CA ARG B 87 -43.43 26.50 -37.42
C ARG B 87 -42.24 25.73 -37.99
N LEU B 88 -41.44 26.40 -38.82
CA LEU B 88 -40.32 25.76 -39.49
C LEU B 88 -39.03 25.84 -38.65
N ILE B 89 -38.94 26.83 -37.76
CA ILE B 89 -37.82 26.92 -36.83
C ILE B 89 -37.97 25.82 -35.77
N VAL B 90 -39.20 25.65 -35.30
CA VAL B 90 -39.52 24.60 -34.35
C VAL B 90 -39.22 23.22 -34.93
N LEU B 91 -39.69 22.98 -36.16
CA LEU B 91 -39.46 21.71 -36.83
C LEU B 91 -37.97 21.48 -37.07
N LEU B 92 -37.22 22.55 -37.30
CA LEU B 92 -35.79 22.42 -37.54
C LEU B 92 -35.13 21.74 -36.36
N LEU B 93 -35.51 22.18 -35.16
CA LEU B 93 -34.98 21.62 -33.93
C LEU B 93 -35.39 20.16 -33.80
N LEU B 94 -36.68 19.89 -33.97
CA LEU B 94 -37.20 18.54 -33.82
C LEU B 94 -36.66 17.59 -34.87
N GLY B 95 -36.43 18.10 -36.08
CA GLY B 95 -35.91 17.31 -37.16
C GLY B 95 -34.42 17.04 -37.00
N PHE B 96 -33.64 18.11 -36.82
CA PHE B 96 -32.20 18.01 -36.64
C PHE B 96 -31.83 17.14 -35.44
N GLY B 97 -32.69 17.09 -34.44
CA GLY B 97 -32.44 16.26 -33.27
C GLY B 97 -32.76 14.80 -33.53
N GLU B 98 -33.70 14.58 -34.45
CA GLU B 98 -34.07 13.23 -34.85
C GLU B 98 -33.13 12.72 -35.95
N ARG B 99 -32.52 13.66 -36.66
CA ARG B 99 -31.58 13.31 -37.72
C ARG B 99 -30.24 12.92 -37.12
N ASN B 100 -29.95 13.45 -35.94
CA ASN B 100 -28.69 13.19 -35.26
C ASN B 100 -28.88 12.90 -33.77
N PRO B 101 -29.49 11.75 -33.46
CA PRO B 101 -29.77 11.36 -32.06
C PRO B 101 -28.54 11.48 -31.18
N GLY B 102 -27.38 11.08 -31.68
CA GLY B 102 -26.15 11.17 -30.93
C GLY B 102 -25.80 12.60 -30.54
N LEU B 103 -25.97 13.51 -31.49
CA LEU B 103 -25.70 14.93 -31.24
C LEU B 103 -26.73 15.53 -30.30
N THR B 104 -27.92 14.92 -30.24
CA THR B 104 -28.97 15.40 -29.37
C THR B 104 -28.59 15.26 -27.90
N ARG B 105 -27.95 14.15 -27.57
CA ARG B 105 -27.46 13.93 -26.21
C ARG B 105 -26.62 15.12 -25.77
N ILE B 106 -25.97 15.76 -26.73
CA ILE B 106 -25.17 16.95 -26.46
C ILE B 106 -26.08 18.14 -26.20
N LEU B 107 -27.08 18.32 -27.06
CA LEU B 107 -28.06 19.39 -26.89
C LEU B 107 -28.72 19.33 -25.53
N THR B 108 -29.14 18.12 -25.14
CA THR B 108 -29.83 17.93 -23.88
C THR B 108 -28.85 18.01 -22.69
N GLY B 109 -27.56 17.96 -23.00
CA GLY B 109 -26.53 18.13 -22.00
C GLY B 109 -26.09 16.85 -21.31
N HIS B 110 -26.77 15.75 -21.61
CA HIS B 110 -26.46 14.47 -20.97
C HIS B 110 -25.06 13.98 -21.32
N ALA B 111 -24.77 13.88 -22.61
CA ALA B 111 -23.45 13.43 -23.07
C ALA B 111 -22.35 14.32 -22.53
N LEU B 112 -22.71 15.54 -22.13
CA LEU B 112 -21.74 16.51 -21.65
C LEU B 112 -21.39 16.33 -20.17
N MET B 113 -22.17 15.49 -19.48
CA MET B 113 -21.97 15.29 -18.05
C MET B 113 -20.55 14.85 -17.70
N PHE B 114 -19.91 14.15 -18.63
CA PHE B 114 -18.57 13.61 -18.39
C PHE B 114 -17.47 14.60 -18.73
N GLU B 115 -17.75 15.51 -19.65
CA GLU B 115 -16.75 16.48 -20.08
C GLU B 115 -16.82 17.80 -19.31
N GLN B 116 -16.13 18.81 -19.82
CA GLN B 116 -15.94 20.07 -19.11
C GLN B 116 -17.17 20.97 -19.11
N ASP B 117 -17.51 21.49 -17.94
CA ASP B 117 -18.68 22.35 -17.75
C ASP B 117 -18.84 23.40 -18.86
N ARG B 118 -17.72 23.89 -19.37
CA ARG B 118 -17.74 24.95 -20.38
C ARG B 118 -18.42 24.51 -21.68
N LEU B 119 -18.60 23.20 -21.86
CA LEU B 119 -19.32 22.69 -23.02
C LEU B 119 -20.81 22.92 -22.89
N GLN B 120 -21.31 22.83 -21.66
CA GLN B 120 -22.71 23.11 -21.38
C GLN B 120 -23.00 24.60 -21.56
N GLY B 121 -22.04 25.42 -21.15
CA GLY B 121 -22.15 26.86 -21.30
C GLY B 121 -22.33 27.24 -22.75
N ARG B 122 -21.58 26.58 -23.62
CA ARG B 122 -21.68 26.82 -25.06
C ARG B 122 -23.06 26.45 -25.58
N ILE B 123 -23.47 25.21 -25.34
CA ILE B 123 -24.80 24.75 -25.73
C ILE B 123 -25.88 25.72 -25.25
N ASN B 124 -25.65 26.31 -24.09
CA ASN B 124 -26.56 27.32 -23.54
C ASN B 124 -26.66 28.56 -24.42
N GLN B 125 -25.51 29.09 -24.82
CA GLN B 125 -25.47 30.27 -25.68
C GLN B 125 -26.18 29.99 -27.00
N LEU B 126 -26.18 28.73 -27.41
CA LEU B 126 -26.86 28.34 -28.62
C LEU B 126 -28.37 28.47 -28.43
N PHE B 127 -28.88 27.91 -27.35
CA PHE B 127 -30.30 28.02 -27.04
C PHE B 127 -30.72 29.47 -26.89
N GLU B 128 -29.94 30.25 -26.17
CA GLU B 128 -30.20 31.67 -25.99
C GLU B 128 -30.28 32.39 -27.34
N ARG B 129 -29.63 31.81 -28.34
CA ARG B 129 -29.63 32.35 -29.69
C ARG B 129 -30.87 31.92 -30.46
N ILE B 130 -31.19 30.63 -30.40
CA ILE B 130 -32.36 30.08 -31.07
C ILE B 130 -33.61 30.77 -30.53
N GLU B 131 -33.55 31.14 -29.26
CA GLU B 131 -34.66 31.77 -28.57
C GLU B 131 -34.80 33.24 -28.96
N ALA B 132 -33.69 33.97 -28.89
CA ALA B 132 -33.66 35.37 -29.30
C ALA B 132 -34.11 35.50 -30.76
N GLN B 133 -33.75 34.51 -31.57
CA GLN B 133 -34.15 34.46 -32.97
C GLN B 133 -35.64 34.08 -33.10
N LEU B 134 -36.16 33.37 -32.11
CA LEU B 134 -37.60 33.13 -32.04
C LEU B 134 -38.27 34.40 -31.55
N ARG B 135 -37.56 35.12 -30.68
CA ARG B 135 -38.06 36.33 -30.07
C ARG B 135 -38.24 37.43 -31.12
N GLN B 136 -37.37 37.43 -32.13
CA GLN B 136 -37.45 38.42 -33.20
C GLN B 136 -38.65 38.16 -34.10
N VAL B 137 -38.83 36.89 -34.48
CA VAL B 137 -39.95 36.50 -35.33
C VAL B 137 -41.27 36.91 -34.70
N LEU B 138 -41.33 36.87 -33.37
CA LEU B 138 -42.54 37.23 -32.64
C LEU B 138 -42.67 38.74 -32.49
N ARG B 139 -41.56 39.44 -32.42
CA ARG B 139 -41.56 40.89 -32.23
C ARG B 139 -41.62 41.63 -33.57
N GLU B 140 -41.45 40.90 -34.66
CA GLU B 140 -41.53 41.50 -35.99
C GLU B 140 -42.93 41.40 -36.59
N LYS B 141 -43.80 40.62 -35.94
CA LYS B 141 -45.16 40.42 -36.42
C LYS B 141 -45.91 41.74 -36.57
N ARG B 142 -45.71 42.64 -35.62
CA ARG B 142 -46.37 43.94 -35.62
C ARG B 142 -46.06 44.76 -36.87
N MET B 143 -44.77 44.90 -37.18
CA MET B 143 -44.33 45.68 -38.33
C MET B 143 -44.77 45.06 -39.66
N ARG B 144 -45.17 43.79 -39.63
CA ARG B 144 -45.47 43.07 -40.86
C ARG B 144 -46.97 42.85 -41.06
N GLU B 145 -47.71 42.77 -39.97
CA GLU B 145 -49.13 42.43 -40.04
C GLU B 145 -49.96 43.22 -39.03
N GLY B 146 -49.56 44.46 -38.79
CA GLY B 146 -50.30 45.37 -37.95
C GLY B 146 -50.15 45.15 -36.46
N GLU B 147 -50.73 44.06 -35.96
CA GLU B 147 -50.78 43.81 -34.53
C GLU B 147 -49.90 42.64 -34.13
N GLY B 148 -49.31 42.72 -32.94
CA GLY B 148 -48.43 41.68 -32.44
C GLY B 148 -49.15 40.64 -31.62
N TYR B 149 -48.61 40.34 -30.44
CA TYR B 149 -49.17 39.31 -29.57
C TYR B 149 -49.67 39.85 -28.24
N THR B 150 -50.67 39.18 -27.68
CA THR B 150 -51.18 39.50 -26.36
C THR B 150 -50.09 39.29 -25.31
N THR B 151 -49.56 38.06 -25.28
CA THR B 151 -48.53 37.69 -24.31
C THR B 151 -47.18 38.31 -24.65
N ASP B 152 -46.32 38.43 -23.63
CA ASP B 152 -44.97 38.96 -23.81
C ASP B 152 -44.21 38.11 -24.82
N GLU B 153 -43.49 38.77 -25.73
CA GLU B 153 -42.74 38.06 -26.75
C GLU B 153 -41.67 37.14 -26.15
N THR B 154 -41.09 37.57 -25.03
CA THR B 154 -40.07 36.79 -24.34
C THR B 154 -40.67 35.52 -23.75
N LEU B 155 -41.85 35.65 -23.16
CA LEU B 155 -42.53 34.52 -22.54
C LEU B 155 -42.97 33.50 -23.58
N LEU B 156 -43.41 34.00 -24.74
CA LEU B 156 -43.84 33.12 -25.83
C LEU B 156 -42.68 32.30 -26.39
N ALA B 157 -41.56 32.98 -26.65
CA ALA B 157 -40.39 32.31 -27.19
C ALA B 157 -39.92 31.18 -26.28
N SER B 158 -39.84 31.48 -24.98
CA SER B 158 -39.43 30.48 -24.00
C SER B 158 -40.44 29.36 -23.91
N GLN B 159 -41.72 29.70 -24.04
CA GLN B 159 -42.79 28.71 -24.00
C GLN B 159 -42.68 27.74 -25.17
N ILE B 160 -42.17 28.24 -26.29
CA ILE B 160 -42.02 27.43 -27.49
C ILE B 160 -40.74 26.60 -27.44
N LEU B 161 -39.66 27.21 -26.94
CA LEU B 161 -38.38 26.53 -26.83
C LEU B 161 -38.43 25.47 -25.74
N ALA B 162 -39.24 25.72 -24.71
CA ALA B 162 -39.41 24.77 -23.62
C ALA B 162 -39.94 23.44 -24.14
N PHE B 163 -40.94 23.52 -25.02
CA PHE B 163 -41.51 22.33 -25.63
C PHE B 163 -40.45 21.56 -26.41
N CYS B 164 -39.65 22.29 -27.17
CA CYS B 164 -38.59 21.68 -27.97
C CYS B 164 -37.59 20.95 -27.10
N GLU B 165 -37.04 21.64 -26.11
CA GLU B 165 -36.12 21.02 -25.16
C GLU B 165 -36.77 19.83 -24.49
N GLY B 166 -38.09 19.91 -24.30
CA GLY B 166 -38.85 18.83 -23.72
C GLY B 166 -38.90 17.62 -24.63
N MET B 167 -39.27 17.85 -25.88
CA MET B 167 -39.33 16.79 -26.87
C MET B 167 -37.99 16.08 -27.00
N LEU B 168 -36.94 16.86 -27.20
CA LEU B 168 -35.59 16.32 -27.33
C LEU B 168 -35.18 15.53 -26.08
N SER B 169 -35.60 16.01 -24.92
CA SER B 169 -35.29 15.33 -23.67
C SER B 169 -35.98 13.97 -23.60
N ARG B 170 -37.24 13.93 -24.05
CA ARG B 170 -37.97 12.68 -24.14
C ARG B 170 -37.23 11.73 -25.09
N PHE B 171 -36.84 12.29 -26.24
CA PHE B 171 -36.10 11.53 -27.25
C PHE B 171 -34.91 10.82 -26.64
N VAL B 172 -33.99 11.60 -26.07
CA VAL B 172 -32.76 11.04 -25.47
C VAL B 172 -33.07 10.06 -24.35
N ARG B 173 -33.96 10.44 -23.44
CA ARG B 173 -34.30 9.62 -22.29
C ARG B 173 -34.82 8.23 -22.65
N SER B 174 -35.91 8.19 -23.41
CA SER B 174 -36.55 6.92 -23.77
C SER B 174 -35.68 6.08 -24.68
N GLU B 175 -34.40 6.45 -24.77
CA GLU B 175 -33.44 5.78 -25.63
C GLU B 175 -33.82 5.92 -27.11
N PHE B 176 -34.17 7.14 -27.50
CA PHE B 176 -34.50 7.45 -28.89
C PHE B 176 -35.77 6.71 -29.33
N LYS B 177 -36.66 6.48 -28.38
CA LYS B 177 -37.93 5.80 -28.65
C LYS B 177 -38.98 6.78 -29.16
N TYR B 178 -39.10 7.93 -28.49
CA TYR B 178 -40.04 8.97 -28.90
C TYR B 178 -39.41 9.90 -29.93
N ARG B 179 -39.76 9.71 -31.20
CA ARG B 179 -39.25 10.56 -32.27
C ARG B 179 -39.92 11.93 -32.22
N PRO B 180 -39.12 13.00 -32.03
CA PRO B 180 -39.61 14.38 -31.97
C PRO B 180 -40.45 14.80 -33.19
N THR B 181 -39.97 14.54 -34.40
CA THR B 181 -40.70 14.89 -35.61
C THR B 181 -41.91 13.97 -35.86
N ASP B 182 -42.39 13.34 -34.80
CA ASP B 182 -43.58 12.50 -34.90
C ASP B 182 -44.85 13.30 -34.63
N ASP B 183 -45.84 13.15 -35.51
CA ASP B 183 -47.12 13.83 -35.35
C ASP B 183 -46.93 15.33 -35.23
N PHE B 184 -45.82 15.83 -35.78
CA PHE B 184 -45.54 17.26 -35.72
C PHE B 184 -46.57 18.03 -36.54
N ASP B 185 -47.23 17.34 -37.45
CA ASP B 185 -48.29 17.93 -38.24
C ASP B 185 -49.57 18.05 -37.42
N ALA B 186 -49.69 17.20 -36.40
CA ALA B 186 -50.85 17.20 -35.53
C ALA B 186 -50.60 17.95 -34.23
N ARG B 187 -49.33 18.15 -33.89
CA ARG B 187 -48.94 18.82 -32.66
C ARG B 187 -48.91 20.32 -32.86
N TRP B 188 -48.39 20.73 -34.01
CA TRP B 188 -48.24 22.15 -34.32
C TRP B 188 -49.46 23.01 -33.98
N PRO B 189 -50.65 22.61 -34.44
CA PRO B 189 -51.83 23.46 -34.23
C PRO B 189 -51.99 23.88 -32.76
N LEU B 190 -51.51 23.01 -31.89
CA LEU B 190 -51.57 23.24 -30.45
C LEU B 190 -50.51 24.25 -30.01
N ILE B 191 -49.31 24.14 -30.59
CA ILE B 191 -48.26 25.13 -30.31
C ILE B 191 -48.66 26.51 -30.81
N ALA B 192 -49.22 26.55 -32.02
CA ALA B 192 -49.67 27.80 -32.62
C ALA B 192 -50.86 28.38 -31.87
N ALA B 193 -51.57 27.53 -31.14
CA ALA B 193 -52.69 27.99 -30.32
C ALA B 193 -52.18 28.81 -29.15
N GLN B 194 -50.89 28.65 -28.85
CA GLN B 194 -50.24 29.42 -27.79
C GLN B 194 -49.82 30.79 -28.33
N LEU B 195 -49.79 30.92 -29.65
CA LEU B 195 -49.40 32.16 -30.30
C LEU B 195 -50.47 33.23 -30.18
N GLN B 196 -50.96 33.43 -28.96
CA GLN B 196 -51.98 34.45 -28.71
C GLN B 196 -51.39 35.64 -27.98
N ARG C 7 6.98 -10.69 -23.82
CA ARG C 7 7.48 -9.38 -24.24
C ARG C 7 8.17 -8.68 -23.08
N ASN C 8 8.97 -7.67 -23.40
CA ASN C 8 9.77 -6.94 -22.40
C ASN C 8 9.09 -6.68 -21.06
N ARG C 9 7.78 -6.46 -21.08
CA ARG C 9 7.03 -6.21 -19.86
C ARG C 9 6.18 -7.41 -19.47
N ARG C 10 5.42 -7.93 -20.43
CA ARG C 10 4.48 -9.01 -20.19
C ARG C 10 5.15 -10.20 -19.49
N GLU C 11 6.10 -10.82 -20.16
CA GLU C 11 6.84 -11.94 -19.61
C GLU C 11 7.49 -11.51 -18.31
N GLU C 12 8.18 -10.38 -18.36
CA GLU C 12 8.81 -9.79 -17.19
C GLU C 12 7.84 -9.71 -16.01
N ILE C 13 6.62 -9.28 -16.28
CA ILE C 13 5.61 -9.15 -15.23
C ILE C 13 5.36 -10.47 -14.52
N LEU C 14 5.08 -11.53 -15.29
CA LEU C 14 4.81 -12.85 -14.73
C LEU C 14 5.96 -13.38 -13.87
N GLN C 15 7.19 -12.99 -14.21
CA GLN C 15 8.38 -13.43 -13.48
C GLN C 15 8.59 -12.64 -12.20
N SER C 16 8.09 -11.40 -12.17
CA SER C 16 8.08 -10.63 -10.94
C SER C 16 7.02 -11.22 -10.02
N LEU C 17 5.95 -11.71 -10.63
CA LEU C 17 4.86 -12.33 -9.91
C LEU C 17 5.37 -13.57 -9.18
N ALA C 18 6.09 -14.42 -9.92
CA ALA C 18 6.65 -15.64 -9.35
C ALA C 18 7.67 -15.33 -8.27
N LEU C 19 8.57 -14.40 -8.56
CA LEU C 19 9.59 -14.01 -7.59
C LEU C 19 8.96 -13.53 -6.29
N MET C 20 7.87 -12.77 -6.40
CA MET C 20 7.15 -12.31 -5.22
C MET C 20 6.51 -13.47 -4.49
N LEU C 21 5.91 -14.39 -5.25
CA LEU C 21 5.32 -15.59 -4.67
C LEU C 21 6.39 -16.44 -4.00
N GLU C 22 7.59 -16.43 -4.58
CA GLU C 22 8.70 -17.20 -4.04
C GLU C 22 9.20 -16.63 -2.72
N SER C 23 9.05 -15.31 -2.57
CA SER C 23 9.47 -14.65 -1.34
C SER C 23 8.38 -14.73 -0.27
N SER C 24 8.63 -14.11 0.88
CA SER C 24 7.70 -14.10 2.00
C SER C 24 6.39 -13.40 1.63
N ASP C 25 6.46 -12.53 0.63
CA ASP C 25 5.28 -11.82 0.14
C ASP C 25 4.25 -12.83 -0.36
N GLY C 26 4.72 -14.00 -0.77
CA GLY C 26 3.84 -15.05 -1.28
C GLY C 26 3.03 -15.71 -0.20
N SER C 27 3.29 -15.33 1.05
CA SER C 27 2.53 -15.85 2.19
C SER C 27 1.19 -15.12 2.31
N GLN C 28 1.04 -14.03 1.58
CA GLN C 28 -0.16 -13.22 1.68
C GLN C 28 -0.59 -12.69 0.33
N ARG C 29 -1.72 -12.00 0.31
CA ARG C 29 -2.29 -11.46 -0.92
C ARG C 29 -1.26 -10.68 -1.74
N ILE C 30 -1.27 -10.88 -3.05
CA ILE C 30 -0.37 -10.15 -3.94
C ILE C 30 -1.12 -9.02 -4.65
N THR C 31 -1.01 -7.81 -4.12
CA THR C 31 -1.73 -6.66 -4.64
C THR C 31 -1.11 -6.13 -5.93
N THR C 32 -1.95 -5.61 -6.82
CA THR C 32 -1.48 -4.98 -8.05
C THR C 32 -0.52 -3.86 -7.71
N ALA C 33 -0.67 -3.29 -6.52
CA ALA C 33 0.21 -2.22 -6.05
C ALA C 33 1.65 -2.70 -5.92
N LYS C 34 1.86 -3.70 -5.06
CA LYS C 34 3.18 -4.29 -4.85
C LYS C 34 3.77 -4.85 -6.15
N LEU C 35 2.92 -5.52 -6.91
CA LEU C 35 3.35 -6.12 -8.18
C LEU C 35 3.94 -5.06 -9.10
N ALA C 36 3.14 -4.05 -9.41
CA ALA C 36 3.56 -2.96 -10.28
C ALA C 36 4.82 -2.26 -9.75
N ALA C 37 4.90 -2.10 -8.43
CA ALA C 37 6.06 -1.48 -7.80
C ALA C 37 7.29 -2.38 -7.97
N SER C 38 7.12 -3.66 -7.65
CA SER C 38 8.18 -4.65 -7.82
C SER C 38 8.68 -4.66 -9.26
N VAL C 39 7.75 -4.49 -10.21
CA VAL C 39 8.08 -4.49 -11.62
C VAL C 39 8.78 -3.20 -12.02
N GLY C 40 8.30 -2.09 -11.50
CA GLY C 40 8.88 -0.79 -11.79
C GLY C 40 7.97 0.09 -12.61
N VAL C 41 6.70 -0.30 -12.71
CA VAL C 41 5.72 0.46 -13.48
C VAL C 41 4.50 0.83 -12.65
N SER C 42 3.52 1.44 -13.31
CA SER C 42 2.26 1.79 -12.66
C SER C 42 1.26 0.65 -12.76
N GLU C 43 0.25 0.67 -11.89
CA GLU C 43 -0.79 -0.35 -11.91
C GLU C 43 -1.51 -0.37 -13.26
N ALA C 44 -1.70 0.81 -13.85
CA ALA C 44 -2.34 0.90 -15.16
C ALA C 44 -1.48 0.22 -16.21
N ALA C 45 -0.16 0.33 -16.07
CA ALA C 45 0.77 -0.32 -16.98
C ALA C 45 0.53 -1.82 -17.01
N LEU C 46 0.28 -2.40 -15.83
CA LEU C 46 -0.03 -3.81 -15.71
C LEU C 46 -1.23 -4.17 -16.59
N TYR C 47 -2.30 -3.40 -16.47
CA TYR C 47 -3.53 -3.66 -17.20
C TYR C 47 -3.40 -3.29 -18.68
N ARG C 48 -2.19 -2.97 -19.09
CA ARG C 48 -1.91 -2.72 -20.50
C ARG C 48 -1.51 -4.04 -21.16
N HIS C 49 -1.20 -5.02 -20.33
CA HIS C 49 -0.80 -6.34 -20.82
C HIS C 49 -1.72 -7.45 -20.31
N PHE C 50 -2.49 -7.14 -19.26
CA PHE C 50 -3.42 -8.12 -18.70
C PHE C 50 -4.76 -7.46 -18.34
N PRO C 51 -5.86 -8.08 -18.79
CA PRO C 51 -7.22 -7.58 -18.50
C PRO C 51 -7.58 -7.73 -17.02
N SER C 52 -6.85 -8.58 -16.31
CA SER C 52 -7.09 -8.80 -14.89
C SER C 52 -5.92 -9.52 -14.25
N LYS C 53 -5.78 -9.39 -12.93
CA LYS C 53 -4.74 -10.11 -12.22
C LYS C 53 -5.02 -11.61 -12.30
N THR C 54 -6.30 -11.96 -12.43
CA THR C 54 -6.71 -13.35 -12.57
C THR C 54 -6.00 -14.01 -13.74
N ARG C 55 -5.98 -13.32 -14.88
CA ARG C 55 -5.37 -13.83 -16.10
C ARG C 55 -3.84 -13.87 -15.99
N MET C 56 -3.29 -13.14 -15.01
CA MET C 56 -1.86 -13.21 -14.72
C MET C 56 -1.55 -14.56 -14.09
N PHE C 57 -2.45 -15.03 -13.23
CA PHE C 57 -2.32 -16.35 -12.62
C PHE C 57 -2.64 -17.44 -13.64
N ASP C 58 -3.58 -17.15 -14.54
CA ASP C 58 -3.90 -18.08 -15.62
C ASP C 58 -2.64 -18.36 -16.45
N SER C 59 -1.89 -17.30 -16.74
CA SER C 59 -0.66 -17.43 -17.50
C SER C 59 0.38 -18.26 -16.73
N LEU C 60 0.45 -18.03 -15.43
CA LEU C 60 1.38 -18.74 -14.57
C LEU C 60 1.04 -20.22 -14.49
N ILE C 61 -0.26 -20.52 -14.46
CA ILE C 61 -0.73 -21.90 -14.43
C ILE C 61 -0.48 -22.61 -15.76
N GLU C 62 -0.51 -21.87 -16.86
CA GLU C 62 -0.22 -22.42 -18.17
C GLU C 62 1.27 -22.69 -18.35
N PHE C 63 2.10 -21.87 -17.73
CA PHE C 63 3.54 -22.07 -17.76
C PHE C 63 3.91 -23.33 -16.98
N ILE C 64 3.22 -23.54 -15.86
CA ILE C 64 3.41 -24.72 -15.04
C ILE C 64 2.91 -25.96 -15.77
N GLU C 65 1.73 -25.83 -16.37
CA GLU C 65 1.12 -26.93 -17.12
C GLU C 65 2.04 -27.38 -18.26
N ASP C 66 2.62 -26.41 -18.95
CA ASP C 66 3.52 -26.70 -20.07
C ASP C 66 4.81 -27.35 -19.60
N SER C 67 5.51 -26.69 -18.69
CA SER C 67 6.79 -27.20 -18.20
C SER C 67 6.70 -28.65 -17.77
N LEU C 68 5.64 -29.00 -17.06
CA LEU C 68 5.46 -30.35 -16.53
C LEU C 68 5.11 -31.35 -17.62
N ILE C 69 4.03 -31.08 -18.36
CA ILE C 69 3.60 -31.99 -19.42
C ILE C 69 4.67 -32.17 -20.49
N THR C 70 5.34 -31.08 -20.85
CA THR C 70 6.42 -31.13 -21.83
C THR C 70 7.54 -32.05 -21.37
N ARG C 71 8.03 -31.83 -20.16
CA ARG C 71 9.14 -32.60 -19.62
C ARG C 71 8.76 -34.07 -19.37
N ILE C 72 7.48 -34.30 -19.06
CA ILE C 72 7.00 -35.66 -18.89
C ILE C 72 7.02 -36.40 -20.23
N ASN C 73 6.51 -35.73 -21.26
CA ASN C 73 6.52 -36.30 -22.61
C ASN C 73 7.93 -36.63 -23.07
N LEU C 74 8.90 -35.81 -22.67
CA LEU C 74 10.29 -36.09 -22.99
C LEU C 74 10.77 -37.32 -22.24
N ILE C 75 10.38 -37.43 -20.98
CA ILE C 75 10.73 -38.59 -20.15
C ILE C 75 10.21 -39.88 -20.77
N LEU C 76 8.99 -39.84 -21.30
CA LEU C 76 8.37 -41.00 -21.89
C LEU C 76 9.09 -41.44 -23.16
N LYS C 77 9.68 -40.48 -23.87
CA LYS C 77 10.38 -40.77 -25.11
C LYS C 77 11.84 -41.15 -24.88
N ASP C 78 12.40 -40.71 -23.76
CA ASP C 78 13.82 -40.93 -23.47
C ASP C 78 14.05 -42.13 -22.55
N GLU C 79 12.96 -42.68 -22.01
CA GLU C 79 13.05 -43.82 -21.11
C GLU C 79 11.91 -44.80 -21.35
N LYS C 80 12.24 -46.07 -21.52
CA LYS C 80 11.24 -47.09 -21.86
C LYS C 80 10.86 -47.97 -20.68
N ASP C 81 11.65 -47.93 -19.61
CA ASP C 81 11.39 -48.76 -18.45
C ASP C 81 10.31 -48.14 -17.56
N THR C 82 9.22 -48.88 -17.36
CA THR C 82 8.08 -48.40 -16.58
C THR C 82 8.50 -47.80 -15.25
N THR C 83 9.34 -48.53 -14.51
CA THR C 83 9.78 -48.09 -13.19
C THR C 83 10.63 -46.83 -13.27
N ALA C 84 11.54 -46.79 -14.24
CA ALA C 84 12.41 -45.63 -14.41
C ALA C 84 11.61 -44.39 -14.78
N ARG C 85 10.54 -44.58 -15.54
CA ARG C 85 9.65 -43.49 -15.91
C ARG C 85 9.01 -42.88 -14.66
N LEU C 86 8.35 -43.72 -13.87
CA LEU C 86 7.72 -43.28 -12.64
C LEU C 86 8.72 -42.52 -11.77
N ARG C 87 9.93 -43.06 -11.65
CA ARG C 87 10.96 -42.44 -10.84
C ARG C 87 11.28 -41.02 -11.31
N LEU C 88 11.47 -40.87 -12.62
CA LEU C 88 11.82 -39.56 -13.19
C LEU C 88 10.66 -38.58 -13.11
N ILE C 89 9.45 -39.06 -13.38
CA ILE C 89 8.26 -38.21 -13.29
C ILE C 89 8.12 -37.62 -11.89
N VAL C 90 8.30 -38.48 -10.88
CA VAL C 90 8.22 -38.04 -9.50
C VAL C 90 9.34 -37.06 -9.17
N LEU C 91 10.57 -37.43 -9.52
CA LEU C 91 11.71 -36.56 -9.34
C LEU C 91 11.49 -35.23 -10.04
N LEU C 92 10.74 -35.27 -11.13
CA LEU C 92 10.43 -34.07 -11.89
C LEU C 92 9.52 -33.13 -11.11
N LEU C 93 8.42 -33.66 -10.62
CA LEU C 93 7.46 -32.88 -9.84
C LEU C 93 8.15 -32.26 -8.63
N LEU C 94 8.86 -33.08 -7.87
CA LEU C 94 9.62 -32.60 -6.72
C LEU C 94 10.65 -31.56 -7.13
N GLY C 95 11.42 -31.89 -8.17
CA GLY C 95 12.44 -30.99 -8.67
C GLY C 95 11.88 -29.64 -9.09
N PHE C 96 10.85 -29.68 -9.93
CA PHE C 96 10.22 -28.45 -10.41
C PHE C 96 9.71 -27.60 -9.26
N GLY C 97 9.10 -28.24 -8.27
CA GLY C 97 8.57 -27.53 -7.12
C GLY C 97 9.66 -26.85 -6.32
N GLU C 98 10.82 -27.47 -6.25
CA GLU C 98 11.94 -26.95 -5.45
C GLU C 98 12.58 -25.72 -6.08
N ARG C 99 12.79 -25.75 -7.39
CA ARG C 99 13.42 -24.64 -8.10
C ARG C 99 12.41 -23.57 -8.52
N ASN C 100 11.15 -23.77 -8.15
CA ASN C 100 10.11 -22.78 -8.40
C ASN C 100 9.17 -22.65 -7.20
N PRO C 101 9.70 -22.20 -6.05
CA PRO C 101 8.94 -22.09 -4.81
C PRO C 101 7.66 -21.28 -4.99
N GLY C 102 7.75 -20.18 -5.73
CA GLY C 102 6.61 -19.33 -5.98
C GLY C 102 5.49 -20.06 -6.71
N LEU C 103 5.83 -20.71 -7.81
CA LEU C 103 4.84 -21.42 -8.61
C LEU C 103 4.26 -22.61 -7.83
N THR C 104 5.00 -23.07 -6.83
CA THR C 104 4.54 -24.18 -6.00
C THR C 104 3.38 -23.75 -5.11
N ARG C 105 3.43 -22.52 -4.62
CA ARG C 105 2.33 -21.98 -3.82
C ARG C 105 1.03 -22.02 -4.61
N ILE C 106 1.14 -21.83 -5.91
CA ILE C 106 0.00 -21.96 -6.81
C ILE C 106 -0.39 -23.43 -6.96
N LEU C 107 0.64 -24.27 -7.11
CA LEU C 107 0.43 -25.70 -7.33
C LEU C 107 -0.21 -26.34 -6.10
N THR C 108 0.20 -25.91 -4.92
CA THR C 108 -0.36 -26.42 -3.68
C THR C 108 -1.69 -25.75 -3.35
N GLY C 109 -2.05 -24.75 -4.14
CA GLY C 109 -3.34 -24.10 -4.00
C GLY C 109 -3.38 -22.95 -3.01
N HIS C 110 -2.32 -22.81 -2.22
CA HIS C 110 -2.27 -21.76 -1.21
C HIS C 110 -2.35 -20.37 -1.81
N ALA C 111 -1.64 -20.16 -2.93
CA ALA C 111 -1.61 -18.86 -3.58
C ALA C 111 -2.93 -18.53 -4.25
N LEU C 112 -3.74 -19.56 -4.51
CA LEU C 112 -5.02 -19.39 -5.20
C LEU C 112 -6.15 -19.04 -4.23
N MET C 113 -5.81 -18.90 -2.96
CA MET C 113 -6.81 -18.59 -1.94
C MET C 113 -7.25 -17.13 -1.99
N PHE C 114 -6.35 -16.26 -2.39
CA PHE C 114 -6.65 -14.84 -2.50
C PHE C 114 -7.26 -14.53 -3.87
N GLU C 115 -7.33 -15.54 -4.72
CA GLU C 115 -7.81 -15.32 -6.08
C GLU C 115 -9.09 -16.10 -6.41
N GLN C 116 -9.49 -16.03 -7.67
CA GLN C 116 -10.71 -16.65 -8.16
C GLN C 116 -10.73 -18.18 -8.01
N ASP C 117 -11.89 -18.71 -7.64
CA ASP C 117 -12.08 -20.15 -7.50
C ASP C 117 -11.68 -20.91 -8.76
N ARG C 118 -12.11 -20.41 -9.91
CA ARG C 118 -11.84 -21.08 -11.19
C ARG C 118 -10.38 -21.51 -11.32
N LEU C 119 -9.47 -20.66 -10.85
CA LEU C 119 -8.04 -20.95 -10.94
C LEU C 119 -7.69 -22.27 -10.26
N GLN C 120 -8.26 -22.50 -9.08
CA GLN C 120 -8.03 -23.75 -8.37
C GLN C 120 -8.50 -24.94 -9.20
N GLY C 121 -9.61 -24.75 -9.91
CA GLY C 121 -10.14 -25.78 -10.79
C GLY C 121 -9.16 -26.14 -11.87
N ARG C 122 -8.44 -25.14 -12.38
CA ARG C 122 -7.42 -25.36 -13.38
C ARG C 122 -6.31 -26.25 -12.84
N ILE C 123 -5.85 -25.94 -11.64
CA ILE C 123 -4.83 -26.73 -10.97
C ILE C 123 -5.31 -28.17 -10.77
N ASN C 124 -6.62 -28.33 -10.58
CA ASN C 124 -7.22 -29.65 -10.48
C ASN C 124 -7.11 -30.40 -11.80
N GLN C 125 -7.41 -29.71 -12.89
CA GLN C 125 -7.32 -30.29 -14.22
C GLN C 125 -5.90 -30.70 -14.54
N LEU C 126 -4.94 -29.91 -14.07
CA LEU C 126 -3.53 -30.21 -14.27
C LEU C 126 -3.12 -31.47 -13.53
N PHE C 127 -3.50 -31.55 -12.26
CA PHE C 127 -3.17 -32.72 -11.45
C PHE C 127 -3.80 -33.99 -12.01
N GLU C 128 -5.02 -33.86 -12.55
CA GLU C 128 -5.69 -34.99 -13.17
C GLU C 128 -4.98 -35.34 -14.48
N ARG C 129 -4.35 -34.36 -15.08
CA ARG C 129 -3.59 -34.56 -16.30
C ARG C 129 -2.31 -35.34 -16.00
N ILE C 130 -1.57 -34.88 -15.00
CA ILE C 130 -0.36 -35.58 -14.56
C ILE C 130 -0.69 -36.98 -14.08
N GLU C 131 -1.81 -37.12 -13.37
CA GLU C 131 -2.22 -38.42 -12.84
C GLU C 131 -2.66 -39.36 -13.95
N ALA C 132 -3.29 -38.82 -14.98
CA ALA C 132 -3.70 -39.62 -16.13
C ALA C 132 -2.47 -40.12 -16.86
N GLN C 133 -1.39 -39.36 -16.77
CA GLN C 133 -0.12 -39.76 -17.39
C GLN C 133 0.52 -40.88 -16.58
N LEU C 134 0.64 -40.66 -15.27
CA LEU C 134 1.12 -41.70 -14.36
C LEU C 134 0.32 -42.97 -14.56
N ARG C 135 -1.00 -42.82 -14.66
CA ARG C 135 -1.91 -43.94 -14.80
C ARG C 135 -1.67 -44.69 -16.11
N GLN C 136 -1.43 -43.95 -17.18
CA GLN C 136 -1.13 -44.55 -18.48
C GLN C 136 0.18 -45.31 -18.43
N VAL C 137 1.20 -44.70 -17.83
CA VAL C 137 2.51 -45.31 -17.70
C VAL C 137 2.43 -46.67 -17.00
N LEU C 138 1.65 -46.72 -15.93
CA LEU C 138 1.48 -47.95 -15.16
C LEU C 138 0.77 -49.04 -15.97
N ARG C 139 -0.24 -48.64 -16.73
CA ARG C 139 -1.03 -49.59 -17.50
C ARG C 139 -0.26 -50.15 -18.69
N GLU C 140 0.81 -49.49 -19.09
CA GLU C 140 1.63 -49.94 -20.21
C GLU C 140 2.63 -51.01 -19.79
N LYS C 141 2.75 -51.23 -18.48
CA LYS C 141 3.75 -52.15 -17.96
C LYS C 141 3.51 -53.59 -18.43
N ARG C 142 2.26 -53.95 -18.71
CA ARG C 142 1.94 -55.33 -19.06
C ARG C 142 2.17 -55.65 -20.55
N MET C 143 2.04 -54.66 -21.42
CA MET C 143 2.40 -54.85 -22.82
C MET C 143 3.92 -54.85 -22.94
N ARG C 144 4.55 -53.94 -22.21
CA ARG C 144 5.99 -53.75 -22.26
C ARG C 144 6.75 -54.85 -21.52
N GLU C 145 6.17 -55.36 -20.44
CA GLU C 145 6.87 -56.31 -19.58
C GLU C 145 6.09 -57.59 -19.34
N GLY C 146 4.92 -57.71 -19.97
CA GLY C 146 4.10 -58.91 -19.85
C GLY C 146 3.33 -58.98 -18.55
N GLU C 147 4.00 -58.64 -17.45
CA GLU C 147 3.40 -58.68 -16.13
C GLU C 147 2.85 -57.31 -15.76
N GLY C 148 1.56 -57.25 -15.44
CA GLY C 148 0.95 -56.01 -15.00
C GLY C 148 1.19 -55.77 -13.53
N TYR C 149 0.41 -54.86 -12.95
CA TYR C 149 0.45 -54.60 -11.51
C TYR C 149 -0.77 -55.23 -10.84
N THR C 150 -0.54 -55.85 -9.68
CA THR C 150 -1.62 -56.45 -8.90
C THR C 150 -2.56 -55.40 -8.35
N THR C 151 -2.01 -54.23 -8.03
CA THR C 151 -2.80 -53.12 -7.52
C THR C 151 -3.47 -52.36 -8.67
N ASP C 152 -4.70 -51.88 -8.42
CA ASP C 152 -5.42 -51.08 -9.40
C ASP C 152 -4.57 -49.88 -9.80
N GLU C 153 -4.33 -49.73 -11.10
CA GLU C 153 -3.48 -48.66 -11.60
C GLU C 153 -3.95 -47.28 -11.14
N THR C 154 -5.26 -47.09 -11.11
CA THR C 154 -5.83 -45.81 -10.69
C THR C 154 -5.46 -45.53 -9.24
N LEU C 155 -5.35 -46.59 -8.45
CA LEU C 155 -4.99 -46.47 -7.04
C LEU C 155 -3.50 -46.18 -6.89
N LEU C 156 -2.68 -46.87 -7.69
CA LEU C 156 -1.24 -46.67 -7.66
C LEU C 156 -0.85 -45.26 -8.07
N ALA C 157 -1.48 -44.76 -9.12
CA ALA C 157 -1.20 -43.42 -9.62
C ALA C 157 -1.52 -42.38 -8.55
N SER C 158 -2.71 -42.49 -7.96
CA SER C 158 -3.13 -41.56 -6.90
C SER C 158 -2.24 -41.68 -5.68
N GLN C 159 -1.76 -42.90 -5.42
CA GLN C 159 -0.85 -43.14 -4.30
C GLN C 159 0.46 -42.40 -4.53
N ILE C 160 0.95 -42.47 -5.76
CA ILE C 160 2.20 -41.80 -6.14
C ILE C 160 2.03 -40.29 -6.11
N LEU C 161 0.95 -39.79 -6.72
CA LEU C 161 0.69 -38.37 -6.79
C LEU C 161 0.39 -37.81 -5.40
N ALA C 162 -0.21 -38.62 -4.55
CA ALA C 162 -0.51 -38.22 -3.19
C ALA C 162 0.76 -37.88 -2.43
N PHE C 163 1.78 -38.73 -2.59
CA PHE C 163 3.08 -38.49 -1.96
C PHE C 163 3.72 -37.22 -2.50
N CYS C 164 3.55 -36.98 -3.80
CA CYS C 164 4.12 -35.78 -4.43
C CYS C 164 3.49 -34.52 -3.88
N GLU C 165 2.16 -34.46 -3.86
CA GLU C 165 1.45 -33.32 -3.30
C GLU C 165 1.82 -33.14 -1.84
N GLY C 166 2.06 -34.25 -1.14
CA GLY C 166 2.46 -34.21 0.25
C GLY C 166 3.79 -33.50 0.42
N MET C 167 4.75 -33.86 -0.41
CA MET C 167 6.09 -33.24 -0.35
C MET C 167 6.03 -31.77 -0.73
N LEU C 168 5.20 -31.44 -1.72
CA LEU C 168 5.05 -30.05 -2.15
C LEU C 168 4.38 -29.21 -1.07
N SER C 169 3.28 -29.74 -0.51
CA SER C 169 2.53 -29.05 0.52
C SER C 169 3.41 -28.77 1.74
N ARG C 170 4.20 -29.76 2.13
CA ARG C 170 5.11 -29.61 3.26
C ARG C 170 6.24 -28.63 2.93
N PHE C 171 6.66 -28.63 1.68
CA PHE C 171 7.68 -27.70 1.21
C PHE C 171 7.21 -26.27 1.41
N VAL C 172 5.89 -26.07 1.27
CA VAL C 172 5.31 -24.75 1.47
C VAL C 172 5.14 -24.43 2.96
N ARG C 173 4.65 -25.40 3.73
CA ARG C 173 4.48 -25.22 5.16
C ARG C 173 5.73 -24.62 5.80
N SER C 174 6.86 -25.29 5.60
CA SER C 174 8.12 -24.90 6.24
C SER C 174 8.76 -23.69 5.58
N GLU C 175 7.98 -22.96 4.80
CA GLU C 175 8.51 -21.80 4.06
C GLU C 175 9.71 -22.20 3.22
N PHE C 176 9.62 -23.36 2.57
CA PHE C 176 10.63 -23.80 1.60
C PHE C 176 11.90 -24.34 2.25
N LYS C 177 11.83 -24.67 3.53
CA LYS C 177 12.99 -25.22 4.24
C LYS C 177 13.10 -26.72 4.05
N TYR C 178 11.96 -27.38 3.84
CA TYR C 178 11.94 -28.82 3.63
C TYR C 178 12.02 -29.14 2.13
N ARG C 179 13.25 -29.20 1.62
CA ARG C 179 13.48 -29.41 0.19
C ARG C 179 12.91 -30.74 -0.29
N PRO C 180 11.97 -30.68 -1.26
CA PRO C 180 11.25 -31.84 -1.79
C PRO C 180 12.15 -32.94 -2.35
N THR C 181 13.35 -32.57 -2.81
CA THR C 181 14.24 -33.55 -3.42
C THR C 181 15.30 -34.07 -2.46
N ASP C 182 15.29 -33.56 -1.23
CA ASP C 182 16.21 -34.05 -0.21
C ASP C 182 15.95 -35.52 0.11
N ASP C 183 16.95 -36.35 -0.12
CA ASP C 183 16.86 -37.78 0.17
C ASP C 183 15.95 -38.53 -0.80
N PHE C 184 15.87 -38.06 -2.03
CA PHE C 184 15.02 -38.68 -3.02
C PHE C 184 15.48 -40.10 -3.38
N ASP C 185 16.78 -40.26 -3.63
CA ASP C 185 17.33 -41.56 -3.97
C ASP C 185 17.15 -42.56 -2.85
N ALA C 186 17.03 -42.05 -1.63
CA ALA C 186 16.76 -42.90 -0.47
C ALA C 186 15.26 -43.17 -0.37
N ARG C 187 14.46 -42.19 -0.76
CA ARG C 187 13.00 -42.31 -0.70
C ARG C 187 12.45 -43.22 -1.80
N TRP C 188 12.99 -43.08 -3.01
CA TRP C 188 12.44 -43.79 -4.17
C TRP C 188 12.24 -45.29 -3.95
N PRO C 189 13.24 -45.98 -3.37
CA PRO C 189 13.07 -47.41 -3.10
C PRO C 189 11.80 -47.70 -2.32
N LEU C 190 11.44 -46.81 -1.40
CA LEU C 190 10.21 -46.95 -0.63
C LEU C 190 8.99 -46.92 -1.54
N ILE C 191 8.95 -45.92 -2.43
CA ILE C 191 7.85 -45.79 -3.38
C ILE C 191 7.83 -46.94 -4.37
N ALA C 192 9.01 -47.35 -4.81
CA ALA C 192 9.14 -48.46 -5.76
C ALA C 192 8.50 -49.72 -5.21
N ALA C 193 8.57 -49.90 -3.89
CA ALA C 193 8.02 -51.09 -3.24
C ALA C 193 6.50 -51.09 -3.28
N GLN C 194 5.90 -49.92 -3.56
CA GLN C 194 4.46 -49.81 -3.62
C GLN C 194 3.90 -50.31 -4.94
N LEU C 195 4.75 -50.35 -5.97
CA LEU C 195 4.34 -50.79 -7.29
C LEU C 195 4.16 -52.30 -7.32
N GLN C 196 3.15 -52.78 -6.60
CA GLN C 196 2.86 -54.21 -6.52
C GLN C 196 1.85 -54.62 -7.59
N ASN D 8 -19.38 -21.10 26.12
CA ASN D 8 -20.81 -21.11 25.82
C ASN D 8 -21.11 -20.49 24.46
N ARG D 9 -21.32 -19.18 24.45
CA ARG D 9 -21.50 -18.45 23.19
C ARG D 9 -20.22 -18.56 22.40
N ARG D 10 -19.12 -18.37 23.11
CA ARG D 10 -17.78 -18.58 22.61
C ARG D 10 -17.68 -19.90 21.84
N GLU D 11 -18.27 -20.96 22.38
CA GLU D 11 -18.29 -22.24 21.68
C GLU D 11 -19.15 -22.15 20.44
N GLU D 12 -20.21 -21.36 20.50
CA GLU D 12 -21.13 -21.23 19.38
C GLU D 12 -20.48 -20.61 18.16
N ILE D 13 -19.78 -19.50 18.35
CA ILE D 13 -19.06 -18.85 17.27
C ILE D 13 -18.12 -19.79 16.54
N LEU D 14 -17.32 -20.53 17.32
CA LEU D 14 -16.31 -21.41 16.75
C LEU D 14 -16.99 -22.52 15.99
N GLN D 15 -18.14 -22.97 16.50
CA GLN D 15 -18.92 -24.01 15.87
C GLN D 15 -19.38 -23.54 14.48
N SER D 16 -19.68 -22.25 14.34
CA SER D 16 -20.08 -21.69 13.05
C SER D 16 -18.88 -21.56 12.11
N LEU D 17 -17.77 -21.11 12.66
CA LEU D 17 -16.53 -20.93 11.90
C LEU D 17 -16.10 -22.24 11.23
N ALA D 18 -16.49 -23.37 11.82
CA ALA D 18 -16.14 -24.68 11.28
C ALA D 18 -16.99 -25.02 10.06
N LEU D 19 -18.30 -24.82 10.17
CA LEU D 19 -19.22 -25.09 9.07
C LEU D 19 -18.94 -24.17 7.88
N MET D 20 -18.56 -22.93 8.16
CA MET D 20 -18.18 -22.01 7.09
C MET D 20 -16.88 -22.47 6.46
N LEU D 21 -15.96 -22.93 7.30
CA LEU D 21 -14.70 -23.49 6.84
C LEU D 21 -14.94 -24.76 6.01
N GLU D 22 -16.04 -25.44 6.29
CA GLU D 22 -16.38 -26.66 5.56
C GLU D 22 -17.13 -26.34 4.27
N SER D 23 -18.01 -25.36 4.33
CA SER D 23 -18.84 -24.98 3.18
C SER D 23 -17.98 -24.50 2.02
N SER D 24 -18.64 -24.21 0.90
CA SER D 24 -17.96 -23.72 -0.29
C SER D 24 -17.23 -22.40 0.02
N ASP D 25 -17.78 -21.65 0.98
CA ASP D 25 -17.19 -20.37 1.37
C ASP D 25 -15.83 -20.56 2.03
N GLY D 26 -15.55 -21.78 2.48
CA GLY D 26 -14.26 -22.09 3.05
C GLY D 26 -13.15 -21.92 2.01
N SER D 27 -13.56 -21.90 0.75
CA SER D 27 -12.62 -21.68 -0.35
C SER D 27 -12.08 -20.25 -0.32
N GLN D 28 -12.93 -19.32 0.11
CA GLN D 28 -12.56 -17.90 0.14
C GLN D 28 -12.31 -17.39 1.55
N ARG D 29 -12.12 -16.08 1.67
CA ARG D 29 -11.90 -15.44 2.95
C ARG D 29 -13.13 -15.56 3.84
N ILE D 30 -12.89 -15.62 5.15
CA ILE D 30 -13.97 -15.63 6.13
C ILE D 30 -13.86 -14.41 7.03
N THR D 31 -14.67 -13.40 6.73
CA THR D 31 -14.59 -12.12 7.42
C THR D 31 -15.43 -12.10 8.71
N THR D 32 -15.01 -11.27 9.65
CA THR D 32 -15.72 -11.11 10.92
C THR D 32 -17.19 -10.73 10.71
N ALA D 33 -17.45 -10.05 9.60
CA ALA D 33 -18.80 -9.62 9.23
C ALA D 33 -19.73 -10.81 8.94
N LYS D 34 -19.39 -11.63 7.95
CA LYS D 34 -20.25 -12.76 7.58
C LYS D 34 -20.31 -13.82 8.68
N LEU D 35 -19.30 -13.83 9.54
CA LEU D 35 -19.29 -14.77 10.64
C LEU D 35 -20.41 -14.42 11.60
N ALA D 36 -20.36 -13.18 12.11
CA ALA D 36 -21.42 -12.64 12.96
C ALA D 36 -22.79 -12.94 12.37
N ALA D 37 -22.91 -12.81 11.05
CA ALA D 37 -24.15 -13.11 10.35
C ALA D 37 -24.50 -14.59 10.49
N SER D 38 -23.55 -15.45 10.15
CA SER D 38 -23.73 -16.88 10.31
C SER D 38 -24.23 -17.21 11.71
N VAL D 39 -23.57 -16.63 12.71
CA VAL D 39 -23.94 -16.82 14.11
C VAL D 39 -25.38 -16.35 14.36
N GLY D 40 -25.61 -15.08 14.07
CA GLY D 40 -26.87 -14.43 14.42
C GLY D 40 -26.60 -13.35 15.44
N VAL D 41 -25.42 -12.74 15.36
CA VAL D 41 -24.98 -11.74 16.32
C VAL D 41 -24.15 -10.63 15.65
N SER D 42 -23.87 -9.54 16.37
CA SER D 42 -23.12 -8.40 15.83
C SER D 42 -21.60 -8.60 15.92
N GLU D 43 -20.88 -8.04 14.95
CA GLU D 43 -19.42 -8.04 14.95
C GLU D 43 -18.86 -7.49 16.26
N ALA D 44 -19.57 -6.54 16.86
CA ALA D 44 -19.15 -5.93 18.12
C ALA D 44 -19.14 -6.95 19.25
N ALA D 45 -20.17 -7.80 19.29
CA ALA D 45 -20.26 -8.83 20.32
C ALA D 45 -19.22 -9.92 20.07
N LEU D 46 -18.92 -10.16 18.81
CA LEU D 46 -17.92 -11.15 18.43
C LEU D 46 -16.59 -10.87 19.15
N TYR D 47 -16.28 -9.58 19.31
CA TYR D 47 -15.02 -9.17 19.92
C TYR D 47 -15.10 -9.00 21.44
N ARG D 48 -16.23 -9.40 22.01
CA ARG D 48 -16.35 -9.50 23.46
C ARG D 48 -16.05 -10.92 23.88
N HIS D 49 -15.67 -11.74 22.90
CA HIS D 49 -15.35 -13.14 23.13
C HIS D 49 -13.95 -13.45 22.61
N PHE D 50 -13.52 -12.69 21.61
CA PHE D 50 -12.14 -12.81 21.09
C PHE D 50 -11.48 -11.48 20.80
N PRO D 51 -10.20 -11.40 21.15
CA PRO D 51 -9.35 -10.22 20.94
C PRO D 51 -9.09 -10.02 19.45
N SER D 52 -9.18 -11.09 18.67
CA SER D 52 -8.97 -11.00 17.24
C SER D 52 -9.44 -12.25 16.51
N LYS D 53 -9.39 -12.20 15.20
CA LYS D 53 -9.78 -13.34 14.41
C LYS D 53 -8.79 -14.48 14.54
N THR D 54 -7.53 -14.11 14.73
CA THR D 54 -6.46 -15.06 14.92
C THR D 54 -6.69 -15.92 16.16
N ARG D 55 -7.34 -15.34 17.18
CA ARG D 55 -7.63 -16.07 18.41
C ARG D 55 -8.70 -17.14 18.20
N MET D 56 -9.55 -16.94 17.21
CA MET D 56 -10.58 -17.92 16.89
C MET D 56 -9.96 -19.18 16.29
N PHE D 57 -8.98 -18.99 15.41
CA PHE D 57 -8.28 -20.12 14.81
C PHE D 57 -7.38 -20.81 15.83
N ASP D 58 -6.81 -20.04 16.74
CA ASP D 58 -6.01 -20.61 17.82
C ASP D 58 -6.80 -21.65 18.59
N SER D 59 -8.07 -21.33 18.86
CA SER D 59 -8.96 -22.26 19.55
C SER D 59 -9.22 -23.49 18.69
N LEU D 60 -9.30 -23.29 17.38
CA LEU D 60 -9.55 -24.38 16.45
C LEU D 60 -8.34 -25.29 16.31
N ILE D 61 -7.15 -24.71 16.31
CA ILE D 61 -5.91 -25.49 16.21
C ILE D 61 -5.69 -26.33 17.46
N GLU D 62 -6.07 -25.79 18.61
CA GLU D 62 -5.97 -26.53 19.88
C GLU D 62 -6.93 -27.70 19.90
N PHE D 63 -8.12 -27.50 19.34
CA PHE D 63 -9.10 -28.56 19.23
C PHE D 63 -8.56 -29.69 18.36
N ILE D 64 -8.06 -29.33 17.19
CA ILE D 64 -7.49 -30.29 16.25
C ILE D 64 -6.35 -31.07 16.90
N GLU D 65 -5.41 -30.34 17.50
CA GLU D 65 -4.26 -30.96 18.16
C GLU D 65 -4.70 -31.89 19.29
N ASP D 66 -5.51 -31.36 20.20
CA ASP D 66 -6.04 -32.15 21.31
C ASP D 66 -6.73 -33.41 20.80
N SER D 67 -7.57 -33.25 19.78
CA SER D 67 -8.28 -34.36 19.19
C SER D 67 -7.31 -35.45 18.76
N LEU D 68 -6.28 -35.07 18.02
CA LEU D 68 -5.34 -36.02 17.44
C LEU D 68 -4.42 -36.68 18.46
N ILE D 69 -3.68 -35.87 19.21
CA ILE D 69 -2.75 -36.39 20.21
C ILE D 69 -3.43 -37.35 21.17
N THR D 70 -4.63 -37.00 21.62
CA THR D 70 -5.39 -37.84 22.53
C THR D 70 -5.76 -39.17 21.87
N ARG D 71 -6.20 -39.11 20.62
CA ARG D 71 -6.53 -40.33 19.88
C ARG D 71 -5.27 -41.18 19.70
N ILE D 72 -4.18 -40.55 19.27
CA ILE D 72 -2.94 -41.26 19.02
C ILE D 72 -2.42 -41.97 20.26
N ASN D 73 -2.49 -41.31 21.41
CA ASN D 73 -2.05 -41.91 22.66
C ASN D 73 -2.85 -43.16 23.04
N LEU D 74 -4.15 -43.13 22.74
CA LEU D 74 -4.98 -44.30 22.97
C LEU D 74 -4.54 -45.46 22.09
N ILE D 75 -4.25 -45.15 20.83
CA ILE D 75 -3.76 -46.15 19.88
C ILE D 75 -2.57 -46.89 20.45
N LEU D 76 -1.65 -46.16 21.07
CA LEU D 76 -0.43 -46.74 21.61
C LEU D 76 -0.69 -47.67 22.79
N LYS D 77 -1.86 -47.54 23.41
CA LYS D 77 -2.21 -48.37 24.56
C LYS D 77 -3.08 -49.56 24.16
N ASP D 78 -3.83 -49.40 23.07
CA ASP D 78 -4.74 -50.44 22.62
C ASP D 78 -4.04 -51.43 21.70
N GLU D 79 -2.92 -51.01 21.13
CA GLU D 79 -2.21 -51.81 20.14
C GLU D 79 -0.71 -51.84 20.39
N LYS D 80 -0.15 -53.04 20.45
CA LYS D 80 1.28 -53.21 20.73
C LYS D 80 2.10 -53.41 19.46
N ASP D 81 1.48 -53.98 18.44
CA ASP D 81 2.16 -54.25 17.18
C ASP D 81 2.50 -52.96 16.43
N THR D 82 3.77 -52.81 16.05
CA THR D 82 4.24 -51.62 15.39
C THR D 82 3.47 -51.30 14.11
N THR D 83 3.38 -52.28 13.22
CA THR D 83 2.67 -52.10 11.96
C THR D 83 1.23 -51.67 12.20
N ALA D 84 0.57 -52.34 13.14
CA ALA D 84 -0.83 -52.05 13.46
C ALA D 84 -0.99 -50.64 14.03
N ARG D 85 -0.01 -50.22 14.83
CA ARG D 85 -0.03 -48.87 15.39
C ARG D 85 0.05 -47.81 14.29
N LEU D 86 0.96 -48.02 13.35
CA LEU D 86 1.14 -47.09 12.23
C LEU D 86 -0.12 -47.01 11.37
N ARG D 87 -0.71 -48.17 11.08
CA ARG D 87 -1.92 -48.24 10.27
C ARG D 87 -3.06 -47.44 10.90
N LEU D 88 -3.26 -47.63 12.20
CA LEU D 88 -4.31 -46.94 12.92
C LEU D 88 -4.09 -45.44 12.96
N ILE D 89 -2.86 -45.02 13.21
CA ILE D 89 -2.52 -43.60 13.24
C ILE D 89 -2.83 -42.94 11.90
N VAL D 90 -2.40 -43.58 10.82
CA VAL D 90 -2.67 -43.07 9.47
C VAL D 90 -4.17 -43.00 9.20
N LEU D 91 -4.86 -44.12 9.41
CA LEU D 91 -6.30 -44.19 9.23
C LEU D 91 -7.00 -43.11 10.06
N LEU D 92 -6.35 -42.68 11.13
CA LEU D 92 -6.90 -41.68 12.06
C LEU D 92 -6.78 -40.27 11.48
N LEU D 93 -5.60 -39.94 10.98
CA LEU D 93 -5.36 -38.64 10.38
C LEU D 93 -6.27 -38.45 9.17
N LEU D 94 -6.45 -39.52 8.41
CA LEU D 94 -7.33 -39.49 7.25
C LEU D 94 -8.78 -39.39 7.70
N GLY D 95 -9.14 -40.15 8.71
CA GLY D 95 -10.50 -40.16 9.23
C GLY D 95 -10.91 -38.82 9.83
N PHE D 96 -10.04 -38.26 10.65
CA PHE D 96 -10.31 -36.97 11.28
C PHE D 96 -10.48 -35.86 10.25
N GLY D 97 -9.63 -35.89 9.21
CA GLY D 97 -9.72 -34.91 8.15
C GLY D 97 -11.01 -35.05 7.37
N GLU D 98 -11.43 -36.29 7.14
CA GLU D 98 -12.64 -36.56 6.37
C GLU D 98 -13.90 -36.13 7.12
N ARG D 99 -13.90 -36.37 8.44
CA ARG D 99 -15.03 -36.00 9.30
C ARG D 99 -15.06 -34.51 9.59
N ASN D 100 -13.94 -33.84 9.34
CA ASN D 100 -13.81 -32.42 9.64
C ASN D 100 -13.17 -31.65 8.49
N PRO D 101 -13.87 -31.60 7.34
CA PRO D 101 -13.38 -30.92 6.14
C PRO D 101 -12.95 -29.49 6.43
N GLY D 102 -13.79 -28.76 7.15
CA GLY D 102 -13.49 -27.38 7.51
C GLY D 102 -12.18 -27.26 8.27
N LEU D 103 -11.97 -28.16 9.21
CA LEU D 103 -10.74 -28.16 10.01
C LEU D 103 -9.56 -28.66 9.19
N THR D 104 -9.84 -29.43 8.16
CA THR D 104 -8.80 -29.92 7.26
C THR D 104 -8.16 -28.76 6.51
N ARG D 105 -8.97 -27.78 6.13
CA ARG D 105 -8.45 -26.57 5.48
C ARG D 105 -7.46 -25.86 6.39
N ILE D 106 -7.58 -26.10 7.68
CA ILE D 106 -6.64 -25.56 8.65
C ILE D 106 -5.37 -26.41 8.69
N LEU D 107 -5.53 -27.72 8.56
CA LEU D 107 -4.40 -28.64 8.56
C LEU D 107 -3.57 -28.48 7.28
N THR D 108 -4.25 -28.24 6.17
CA THR D 108 -3.56 -28.06 4.90
C THR D 108 -2.96 -26.66 4.78
N GLY D 109 -3.47 -25.75 5.61
CA GLY D 109 -2.93 -24.41 5.68
C GLY D 109 -3.65 -23.37 4.84
N HIS D 110 -4.60 -23.83 4.02
CA HIS D 110 -5.33 -22.93 3.12
C HIS D 110 -6.15 -21.89 3.87
N ALA D 111 -6.85 -22.33 4.91
CA ALA D 111 -7.69 -21.43 5.70
C ALA D 111 -6.84 -20.42 6.47
N LEU D 112 -5.57 -20.72 6.64
CA LEU D 112 -4.67 -19.87 7.40
C LEU D 112 -4.02 -18.79 6.54
N MET D 113 -4.31 -18.80 5.24
CA MET D 113 -3.69 -17.86 4.32
C MET D 113 -4.04 -16.41 4.66
N PHE D 114 -5.23 -16.19 5.21
CA PHE D 114 -5.69 -14.84 5.50
C PHE D 114 -5.20 -14.32 6.87
N GLU D 115 -4.91 -15.22 7.79
CA GLU D 115 -4.49 -14.79 9.13
C GLU D 115 -3.01 -14.72 9.24
N GLN D 116 -2.56 -14.20 10.37
CA GLN D 116 -1.14 -13.99 10.59
C GLN D 116 -0.40 -15.32 10.55
N ASP D 117 0.81 -15.26 10.02
CA ASP D 117 1.62 -16.44 9.73
C ASP D 117 1.95 -17.24 10.98
N ARG D 118 1.62 -16.70 12.15
CA ARG D 118 1.89 -17.38 13.41
C ARG D 118 1.06 -18.65 13.54
N LEU D 119 -0.14 -18.64 12.99
CA LEU D 119 -1.04 -19.79 13.06
C LEU D 119 -0.51 -20.99 12.29
N GLN D 120 0.09 -20.74 11.15
CA GLN D 120 0.68 -21.81 10.35
C GLN D 120 1.87 -22.41 11.10
N GLY D 121 2.52 -21.60 11.93
CA GLY D 121 3.62 -22.07 12.74
C GLY D 121 3.17 -23.10 13.75
N ARG D 122 1.98 -22.91 14.29
CA ARG D 122 1.42 -23.83 15.27
C ARG D 122 1.05 -25.17 14.62
N ILE D 123 0.35 -25.11 13.50
CA ILE D 123 -0.02 -26.32 12.77
C ILE D 123 1.21 -27.14 12.40
N ASN D 124 2.31 -26.45 12.09
CA ASN D 124 3.58 -27.12 11.81
C ASN D 124 4.06 -27.91 13.03
N GLN D 125 3.99 -27.28 14.20
CA GLN D 125 4.38 -27.94 15.45
C GLN D 125 3.53 -29.18 15.68
N LEU D 126 2.25 -29.08 15.34
CA LEU D 126 1.34 -30.22 15.44
C LEU D 126 1.88 -31.35 14.56
N PHE D 127 2.22 -31.01 13.33
CA PHE D 127 2.77 -31.98 12.38
C PHE D 127 4.09 -32.57 12.87
N GLU D 128 5.00 -31.71 13.32
CA GLU D 128 6.27 -32.15 13.87
C GLU D 128 6.03 -33.01 15.11
N ARG D 129 4.94 -32.72 15.81
CA ARG D 129 4.56 -33.50 16.99
C ARG D 129 4.09 -34.89 16.56
N ILE D 130 3.20 -34.92 15.57
CA ILE D 130 2.67 -36.17 15.05
C ILE D 130 3.78 -37.02 14.43
N GLU D 131 4.67 -36.37 13.69
CA GLU D 131 5.77 -37.07 13.03
C GLU D 131 6.70 -37.71 14.06
N ALA D 132 6.90 -37.03 15.18
CA ALA D 132 7.69 -37.58 16.27
C ALA D 132 7.08 -38.90 16.72
N GLN D 133 5.78 -38.89 17.03
CA GLN D 133 5.08 -40.09 17.43
C GLN D 133 5.27 -41.22 16.41
N LEU D 134 5.16 -40.88 15.13
CA LEU D 134 5.40 -41.84 14.06
C LEU D 134 6.83 -42.37 14.12
N ARG D 135 7.76 -41.49 14.44
CA ARG D 135 9.19 -41.82 14.48
C ARG D 135 9.48 -42.68 15.70
N GLN D 136 8.69 -42.45 16.75
CA GLN D 136 8.79 -43.19 18.01
C GLN D 136 8.32 -44.62 17.83
N VAL D 137 7.17 -44.78 17.20
CA VAL D 137 6.61 -46.10 16.90
C VAL D 137 7.59 -46.92 16.07
N LEU D 138 8.18 -46.28 15.06
CA LEU D 138 9.16 -46.94 14.20
C LEU D 138 10.37 -47.40 15.00
N ARG D 139 10.89 -46.49 15.81
CA ARG D 139 12.08 -46.72 16.62
C ARG D 139 11.94 -47.92 17.56
N GLU D 140 10.72 -48.18 18.02
CA GLU D 140 10.49 -49.22 19.03
C GLU D 140 10.31 -50.60 18.43
N LYS D 141 10.27 -50.69 17.11
CA LYS D 141 10.17 -51.99 16.44
C LYS D 141 11.35 -52.86 16.83
N ARG D 142 12.45 -52.21 17.22
CA ARG D 142 13.67 -52.90 17.62
C ARG D 142 13.47 -53.63 18.94
N MET D 143 13.08 -52.90 19.97
CA MET D 143 12.87 -53.47 21.29
C MET D 143 11.78 -54.52 21.28
N ARG D 144 10.73 -54.27 20.50
CA ARG D 144 9.54 -55.10 20.52
C ARG D 144 9.63 -56.34 19.62
N GLU D 145 10.27 -56.19 18.46
CA GLU D 145 10.32 -57.28 17.49
C GLU D 145 11.73 -57.83 17.28
N GLY D 146 12.73 -57.14 17.80
CA GLY D 146 14.11 -57.61 17.70
C GLY D 146 14.90 -56.96 16.57
N GLU D 147 14.25 -56.77 15.43
CA GLU D 147 14.90 -56.14 14.29
C GLU D 147 14.16 -54.87 13.87
N GLY D 148 14.89 -53.77 13.80
CA GLY D 148 14.31 -52.50 13.41
C GLY D 148 14.11 -52.41 11.91
N TYR D 149 14.28 -51.21 11.36
CA TYR D 149 14.16 -51.00 9.93
C TYR D 149 15.53 -50.69 9.31
N THR D 150 15.72 -51.08 8.07
CA THR D 150 16.94 -50.77 7.34
C THR D 150 16.96 -49.29 6.99
N THR D 151 15.78 -48.75 6.71
CA THR D 151 15.64 -47.34 6.37
C THR D 151 15.63 -46.48 7.62
N ASP D 152 16.20 -45.28 7.51
CA ASP D 152 16.18 -44.32 8.61
C ASP D 152 14.76 -44.06 9.05
N GLU D 153 14.53 -43.97 10.36
CA GLU D 153 13.19 -43.77 10.89
C GLU D 153 12.62 -42.39 10.55
N THR D 154 13.46 -41.37 10.63
CA THR D 154 13.05 -40.01 10.30
C THR D 154 12.54 -39.94 8.87
N LEU D 155 13.21 -40.69 7.98
CA LEU D 155 12.82 -40.73 6.57
C LEU D 155 11.52 -41.51 6.40
N LEU D 156 11.37 -42.59 7.15
CA LEU D 156 10.16 -43.40 7.11
C LEU D 156 8.96 -42.64 7.65
N ALA D 157 9.14 -41.97 8.77
CA ALA D 157 8.08 -41.20 9.39
C ALA D 157 7.60 -40.10 8.44
N SER D 158 8.54 -39.39 7.84
CA SER D 158 8.23 -38.32 6.91
C SER D 158 7.56 -38.86 5.64
N GLN D 159 7.96 -40.07 5.24
CA GLN D 159 7.38 -40.71 4.07
C GLN D 159 5.90 -40.99 4.30
N ILE D 160 5.59 -41.53 5.48
CA ILE D 160 4.21 -41.82 5.87
C ILE D 160 3.42 -40.52 6.01
N LEU D 161 4.00 -39.55 6.71
CA LEU D 161 3.34 -38.28 6.97
C LEU D 161 3.05 -37.54 5.66
N ALA D 162 4.00 -37.61 4.73
CA ALA D 162 3.85 -36.95 3.44
C ALA D 162 2.64 -37.47 2.69
N PHE D 163 2.44 -38.78 2.73
CA PHE D 163 1.28 -39.41 2.11
C PHE D 163 -0.01 -38.86 2.71
N CYS D 164 -0.01 -38.68 4.03
CA CYS D 164 -1.18 -38.18 4.73
C CYS D 164 -1.51 -36.75 4.31
N GLU D 165 -0.53 -35.86 4.40
CA GLU D 165 -0.72 -34.48 3.94
C GLU D 165 -1.15 -34.46 2.49
N GLY D 166 -0.61 -35.38 1.70
CA GLY D 166 -0.97 -35.51 0.30
C GLY D 166 -2.46 -35.77 0.12
N MET D 167 -2.96 -36.74 0.88
CA MET D 167 -4.38 -37.10 0.82
C MET D 167 -5.26 -35.97 1.36
N LEU D 168 -4.77 -35.29 2.39
CA LEU D 168 -5.53 -34.20 3.01
C LEU D 168 -5.63 -32.97 2.10
N SER D 169 -4.51 -32.57 1.50
CA SER D 169 -4.50 -31.43 0.59
C SER D 169 -5.30 -31.78 -0.67
N ARG D 170 -5.22 -33.04 -1.07
CA ARG D 170 -5.98 -33.54 -2.20
C ARG D 170 -7.46 -33.50 -1.86
N PHE D 171 -7.75 -33.61 -0.56
CA PHE D 171 -9.12 -33.56 -0.06
C PHE D 171 -9.68 -32.15 -0.16
N VAL D 172 -8.95 -31.19 0.39
CA VAL D 172 -9.33 -29.79 0.30
C VAL D 172 -9.39 -29.33 -1.15
N ARG D 173 -8.35 -29.68 -1.90
CA ARG D 173 -8.21 -29.24 -3.29
C ARG D 173 -9.42 -29.59 -4.15
N SER D 174 -9.92 -30.81 -4.01
CA SER D 174 -11.03 -31.28 -4.83
C SER D 174 -12.39 -30.95 -4.22
N GLU D 175 -12.40 -30.02 -3.28
CA GLU D 175 -13.63 -29.63 -2.62
C GLU D 175 -14.31 -30.82 -1.94
N PHE D 176 -13.49 -31.68 -1.35
CA PHE D 176 -13.98 -32.79 -0.53
C PHE D 176 -14.63 -33.90 -1.35
N LYS D 177 -14.30 -33.96 -2.64
CA LYS D 177 -14.78 -35.04 -3.49
C LYS D 177 -13.90 -36.26 -3.30
N TYR D 178 -12.59 -36.04 -3.22
CA TYR D 178 -11.64 -37.09 -2.92
C TYR D 178 -11.58 -37.36 -1.41
N ARG D 179 -12.36 -38.33 -0.96
CA ARG D 179 -12.39 -38.68 0.47
C ARG D 179 -11.13 -39.46 0.85
N PRO D 180 -10.41 -38.98 1.87
CA PRO D 180 -9.14 -39.56 2.32
C PRO D 180 -9.21 -41.07 2.56
N THR D 181 -10.05 -41.50 3.50
CA THR D 181 -10.11 -42.91 3.87
C THR D 181 -10.66 -43.80 2.75
N ASP D 182 -10.85 -43.23 1.56
CA ASP D 182 -11.34 -44.01 0.43
C ASP D 182 -10.30 -45.02 -0.04
N ASP D 183 -10.69 -46.29 0.02
CA ASP D 183 -9.82 -47.40 -0.39
C ASP D 183 -8.57 -47.50 0.48
N PHE D 184 -8.74 -47.21 1.76
CA PHE D 184 -7.62 -47.25 2.71
C PHE D 184 -7.07 -48.66 2.89
N ASP D 185 -7.96 -49.65 2.93
CA ASP D 185 -7.55 -51.04 3.12
C ASP D 185 -6.81 -51.57 1.90
N ALA D 186 -7.03 -50.95 0.75
CA ALA D 186 -6.31 -51.32 -0.47
C ALA D 186 -5.04 -50.49 -0.58
N ARG D 187 -5.02 -49.34 0.10
CA ARG D 187 -3.86 -48.45 0.08
C ARG D 187 -2.81 -48.85 1.12
N TRP D 188 -3.26 -49.36 2.26
CA TRP D 188 -2.33 -49.66 3.35
C TRP D 188 -1.25 -50.67 2.98
N PRO D 189 -1.63 -51.78 2.31
CA PRO D 189 -0.60 -52.74 1.89
C PRO D 189 0.52 -52.06 1.12
N LEU D 190 0.17 -51.00 0.39
CA LEU D 190 1.17 -50.22 -0.35
C LEU D 190 2.10 -49.49 0.62
N ILE D 191 1.52 -48.84 1.61
CA ILE D 191 2.28 -48.09 2.61
C ILE D 191 3.14 -49.02 3.47
N ALA D 192 2.58 -50.18 3.81
CA ALA D 192 3.29 -51.16 4.63
C ALA D 192 4.56 -51.65 3.95
N ALA D 193 4.51 -51.71 2.62
CA ALA D 193 5.65 -52.19 1.84
C ALA D 193 6.84 -51.23 1.93
N GLN D 194 6.60 -50.05 2.48
CA GLN D 194 7.65 -49.05 2.64
C GLN D 194 8.40 -49.26 3.95
N LEU D 195 7.76 -49.96 4.89
CA LEU D 195 8.34 -50.21 6.20
C LEU D 195 9.42 -51.28 6.12
N GLN D 196 10.59 -50.91 5.63
CA GLN D 196 11.69 -51.85 5.46
C GLN D 196 12.99 -51.32 6.04
N ARG E 7 1.84 16.98 32.43
CA ARG E 7 1.35 18.29 32.84
C ARG E 7 2.05 19.42 32.09
N ASN E 8 2.36 20.50 32.82
CA ASN E 8 3.06 21.65 32.26
C ASN E 8 4.47 21.27 31.84
N ARG E 9 4.62 20.02 31.42
CA ARG E 9 5.87 19.47 30.96
C ARG E 9 5.80 19.30 29.45
N ARG E 10 4.92 18.39 29.00
CA ARG E 10 4.77 18.09 27.58
C ARG E 10 4.26 19.26 26.74
N GLU E 11 3.50 20.16 27.36
CA GLU E 11 2.93 21.29 26.65
C GLU E 11 3.78 22.55 26.82
N GLU E 12 4.59 22.55 27.87
CA GLU E 12 5.59 23.58 28.06
C GLU E 12 6.57 23.61 26.88
N ILE E 13 6.91 22.41 26.39
CA ILE E 13 7.81 22.27 25.25
C ILE E 13 7.15 22.63 23.92
N LEU E 14 5.90 22.19 23.76
CA LEU E 14 5.15 22.51 22.55
C LEU E 14 4.99 24.01 22.40
N GLN E 15 4.93 24.71 23.53
CA GLN E 15 4.86 26.15 23.54
C GLN E 15 6.21 26.75 23.15
N SER E 16 7.27 26.23 23.76
CA SER E 16 8.62 26.66 23.42
C SER E 16 8.89 26.48 21.93
N LEU E 17 8.34 25.41 21.37
CA LEU E 17 8.47 25.13 19.95
C LEU E 17 7.72 26.18 19.13
N ALA E 18 6.52 26.52 19.59
CA ALA E 18 5.71 27.54 18.93
C ALA E 18 6.39 28.91 19.04
N LEU E 19 6.87 29.23 20.24
CA LEU E 19 7.57 30.49 20.47
C LEU E 19 8.83 30.58 19.61
N MET E 20 9.58 29.49 19.54
CA MET E 20 10.78 29.44 18.70
C MET E 20 10.42 29.59 17.22
N LEU E 21 9.33 28.94 16.82
CA LEU E 21 8.84 29.05 15.44
C LEU E 21 8.44 30.49 15.13
N GLU E 22 7.89 31.16 16.13
CA GLU E 22 7.46 32.55 15.98
C GLU E 22 8.65 33.49 15.97
N SER E 23 9.64 33.20 16.81
CA SER E 23 10.82 34.05 16.93
C SER E 23 11.58 34.17 15.62
N SER E 24 12.61 34.99 15.59
CA SER E 24 13.42 35.18 14.39
C SER E 24 14.14 33.88 14.02
N ASP E 25 14.19 32.94 14.98
CA ASP E 25 14.82 31.65 14.75
C ASP E 25 13.97 30.77 13.83
N GLY E 26 12.66 30.99 13.87
CA GLY E 26 11.72 30.21 13.07
C GLY E 26 12.06 30.17 11.59
N SER E 27 12.93 31.08 11.15
CA SER E 27 13.37 31.10 9.76
C SER E 27 14.39 30.01 9.47
N GLN E 28 14.77 29.26 10.50
CA GLN E 28 15.70 28.16 10.35
C GLN E 28 15.14 26.87 10.93
N ARG E 29 15.92 25.79 10.84
CA ARG E 29 15.52 24.51 11.41
C ARG E 29 15.61 24.55 12.93
N ILE E 30 14.61 23.97 13.59
CA ILE E 30 14.58 23.95 15.05
C ILE E 30 15.26 22.70 15.58
N THR E 31 16.58 22.78 15.75
CA THR E 31 17.35 21.66 16.25
C THR E 31 16.93 21.30 17.68
N THR E 32 16.93 20.01 17.97
CA THR E 32 16.59 19.53 19.32
C THR E 32 17.52 20.15 20.35
N ALA E 33 18.70 20.55 19.91
CA ALA E 33 19.67 21.20 20.79
C ALA E 33 19.23 22.60 21.15
N LYS E 34 18.63 23.30 20.18
CA LYS E 34 18.13 24.65 20.41
C LYS E 34 16.82 24.61 21.20
N LEU E 35 15.92 23.71 20.82
CA LEU E 35 14.66 23.54 21.53
C LEU E 35 14.90 23.14 22.98
N ALA E 36 15.93 22.33 23.19
CA ALA E 36 16.30 21.89 24.54
C ALA E 36 16.70 23.09 25.40
N ALA E 37 17.66 23.87 24.91
CA ALA E 37 18.13 25.05 25.63
C ALA E 37 16.97 26.01 25.88
N SER E 38 16.13 26.19 24.88
CA SER E 38 14.96 27.06 24.97
C SER E 38 14.03 26.65 26.12
N VAL E 39 13.88 25.35 26.32
CA VAL E 39 13.00 24.84 27.36
C VAL E 39 13.68 24.83 28.73
N GLY E 40 15.00 24.81 28.73
CA GLY E 40 15.77 24.80 29.96
C GLY E 40 16.03 23.40 30.47
N VAL E 41 16.12 22.45 29.54
CA VAL E 41 16.38 21.06 29.87
C VAL E 41 17.40 20.47 28.90
N SER E 42 17.65 19.17 29.01
CA SER E 42 18.56 18.50 28.10
C SER E 42 17.78 17.87 26.96
N GLU E 43 18.46 17.59 25.85
CA GLU E 43 17.82 16.98 24.69
C GLU E 43 17.16 15.66 25.08
N ALA E 44 17.72 15.01 26.09
CA ALA E 44 17.18 13.73 26.58
C ALA E 44 15.85 13.94 27.29
N ALA E 45 15.75 15.02 28.06
CA ALA E 45 14.51 15.36 28.75
C ALA E 45 13.38 15.50 27.74
N LEU E 46 13.71 16.01 26.56
CA LEU E 46 12.75 16.12 25.47
C LEU E 46 12.15 14.77 25.13
N TYR E 47 13.02 13.79 24.88
CA TYR E 47 12.59 12.47 24.46
C TYR E 47 11.94 11.67 25.59
N ARG E 48 11.94 12.22 26.79
CA ARG E 48 11.24 11.61 27.89
C ARG E 48 9.75 11.87 27.74
N HIS E 49 9.41 12.78 26.82
CA HIS E 49 8.02 13.14 26.58
C HIS E 49 7.62 12.90 25.12
N PHE E 50 8.59 12.99 24.21
CA PHE E 50 8.33 12.75 22.80
C PHE E 50 9.30 11.72 22.22
N PRO E 51 8.79 10.75 21.46
CA PRO E 51 9.61 9.73 20.83
C PRO E 51 10.51 10.31 19.73
N SER E 52 10.07 11.41 19.12
CA SER E 52 10.85 12.06 18.08
C SER E 52 10.45 13.52 17.95
N LYS E 53 11.29 14.31 17.29
CA LYS E 53 10.97 15.70 17.05
C LYS E 53 9.76 15.82 16.13
N THR E 54 9.65 14.88 15.20
CA THR E 54 8.50 14.82 14.31
C THR E 54 7.20 14.82 15.10
N ARG E 55 7.16 14.03 16.16
CA ARG E 55 5.97 13.93 17.00
C ARG E 55 5.56 15.29 17.57
N MET E 56 6.54 16.09 17.95
CA MET E 56 6.27 17.42 18.46
C MET E 56 5.48 18.23 17.45
N PHE E 57 5.86 18.09 16.18
CA PHE E 57 5.17 18.81 15.11
C PHE E 57 3.78 18.24 14.85
N ASP E 58 3.60 16.94 15.07
CA ASP E 58 2.29 16.34 14.99
C ASP E 58 1.37 16.95 16.05
N SER E 59 1.90 17.07 17.26
CA SER E 59 1.14 17.66 18.36
C SER E 59 0.74 19.09 18.03
N LEU E 60 1.62 19.81 17.32
CA LEU E 60 1.33 21.17 16.91
C LEU E 60 0.27 21.19 15.82
N ILE E 61 0.42 20.32 14.83
CA ILE E 61 -0.53 20.24 13.73
C ILE E 61 -1.91 19.82 14.23
N GLU E 62 -1.95 18.92 15.21
CA GLU E 62 -3.22 18.48 15.78
C GLU E 62 -3.87 19.63 16.55
N PHE E 63 -3.06 20.40 17.26
CA PHE E 63 -3.54 21.55 18.00
C PHE E 63 -4.14 22.59 17.07
N ILE E 64 -3.40 22.93 16.03
CA ILE E 64 -3.86 23.88 15.02
C ILE E 64 -5.14 23.39 14.35
N GLU E 65 -5.24 22.08 14.16
CA GLU E 65 -6.36 21.48 13.45
C GLU E 65 -7.61 21.39 14.33
N ASP E 66 -7.41 21.24 15.64
CA ASP E 66 -8.52 21.25 16.58
C ASP E 66 -9.00 22.67 16.84
N SER E 67 -8.06 23.59 17.04
CA SER E 67 -8.39 24.99 17.21
C SER E 67 -9.24 25.50 16.05
N LEU E 68 -8.87 25.14 14.84
CA LEU E 68 -9.56 25.62 13.64
C LEU E 68 -10.93 24.94 13.38
N ILE E 69 -10.95 23.61 13.35
CA ILE E 69 -12.19 22.87 13.09
C ILE E 69 -13.23 23.07 14.20
N THR E 70 -12.80 22.96 15.45
CA THR E 70 -13.69 23.19 16.58
C THR E 70 -14.39 24.54 16.46
N ARG E 71 -13.61 25.56 16.13
CA ARG E 71 -14.12 26.92 16.08
C ARG E 71 -14.90 27.23 14.81
N ILE E 72 -14.65 26.46 13.75
CA ILE E 72 -15.44 26.61 12.53
C ILE E 72 -16.80 25.96 12.73
N ASN E 73 -16.80 24.82 13.42
CA ASN E 73 -18.03 24.13 13.77
C ASN E 73 -18.93 25.00 14.66
N LEU E 74 -18.30 25.84 15.47
CA LEU E 74 -19.04 26.76 16.33
C LEU E 74 -19.75 27.84 15.51
N ILE E 75 -19.10 28.29 14.43
CA ILE E 75 -19.70 29.30 13.56
C ILE E 75 -20.94 28.76 12.87
N LEU E 76 -20.90 27.48 12.50
CA LEU E 76 -21.97 26.83 11.75
C LEU E 76 -23.20 26.57 12.61
N LYS E 77 -23.09 26.83 13.91
CA LYS E 77 -24.19 26.62 14.84
C LYS E 77 -24.57 27.93 15.53
N ASP E 78 -23.60 28.82 15.70
CA ASP E 78 -23.85 30.12 16.32
C ASP E 78 -24.04 31.21 15.27
N GLU E 79 -24.38 30.78 14.07
CA GLU E 79 -24.66 31.70 12.97
C GLU E 79 -25.29 30.94 11.81
N LYS E 80 -26.40 31.47 11.29
CA LYS E 80 -27.15 30.77 10.26
C LYS E 80 -27.09 31.48 8.91
N ASP E 81 -26.55 32.69 8.90
CA ASP E 81 -26.43 33.45 7.65
C ASP E 81 -25.24 32.96 6.84
N THR E 82 -25.48 32.63 5.57
CA THR E 82 -24.44 32.12 4.69
C THR E 82 -23.26 33.08 4.58
N THR E 83 -23.55 34.32 4.19
CA THR E 83 -22.51 35.34 4.04
C THR E 83 -21.82 35.65 5.36
N ALA E 84 -22.60 35.69 6.44
CA ALA E 84 -22.05 35.93 7.76
C ALA E 84 -21.09 34.81 8.16
N ARG E 85 -21.46 33.57 7.83
CA ARG E 85 -20.62 32.42 8.11
C ARG E 85 -19.27 32.54 7.40
N LEU E 86 -19.31 32.80 6.10
CA LEU E 86 -18.09 32.96 5.31
C LEU E 86 -17.17 34.02 5.90
N ARG E 87 -17.76 35.12 6.34
CA ARG E 87 -16.98 36.22 6.91
C ARG E 87 -16.21 35.76 8.15
N LEU E 88 -16.94 35.18 9.10
CA LEU E 88 -16.35 34.72 10.35
C LEU E 88 -15.22 33.73 10.13
N ILE E 89 -15.45 32.77 9.25
CA ILE E 89 -14.45 31.73 8.98
C ILE E 89 -13.15 32.31 8.44
N VAL E 90 -13.25 33.22 7.48
CA VAL E 90 -12.07 33.88 6.92
C VAL E 90 -11.35 34.68 8.00
N LEU E 91 -12.11 35.46 8.76
CA LEU E 91 -11.56 36.26 9.85
C LEU E 91 -10.90 35.34 10.87
N LEU E 92 -11.42 34.12 10.95
CA LEU E 92 -10.92 33.11 11.87
C LEU E 92 -9.52 32.65 11.45
N LEU E 93 -9.40 32.18 10.22
CA LEU E 93 -8.12 31.75 9.66
C LEU E 93 -7.08 32.87 9.74
N LEU E 94 -7.48 34.07 9.31
CA LEU E 94 -6.59 35.23 9.36
C LEU E 94 -6.22 35.60 10.79
N GLY E 95 -7.21 35.58 11.68
CA GLY E 95 -6.98 35.91 13.08
C GLY E 95 -6.08 34.90 13.76
N PHE E 96 -6.41 33.63 13.60
CA PHE E 96 -5.60 32.55 14.18
C PHE E 96 -4.16 32.65 13.69
N GLY E 97 -4.01 32.93 12.39
CA GLY E 97 -2.69 33.07 11.81
C GLY E 97 -1.89 34.19 12.45
N GLU E 98 -2.52 35.34 12.61
CA GLU E 98 -1.85 36.50 13.19
C GLU E 98 -1.43 36.25 14.62
N ARG E 99 -2.36 35.74 15.43
CA ARG E 99 -2.11 35.50 16.84
C ARG E 99 -1.05 34.43 17.07
N ASN E 100 -0.94 33.50 16.13
CA ASN E 100 0.06 32.44 16.23
C ASN E 100 1.06 32.48 15.07
N PRO E 101 1.95 33.47 15.08
CA PRO E 101 2.95 33.63 14.01
C PRO E 101 3.79 32.36 13.85
N GLY E 102 4.06 31.69 14.97
CA GLY E 102 4.83 30.46 14.95
C GLY E 102 4.09 29.32 14.28
N LEU E 103 2.84 29.11 14.69
CA LEU E 103 2.03 28.04 14.12
C LEU E 103 1.70 28.31 12.66
N THR E 104 1.65 29.58 12.29
CA THR E 104 1.38 29.96 10.91
C THR E 104 2.50 29.52 9.99
N ARG E 105 3.73 29.51 10.52
CA ARG E 105 4.88 29.08 9.75
C ARG E 105 4.76 27.60 9.38
N ILE E 106 3.90 26.89 10.11
CA ILE E 106 3.57 25.50 9.78
C ILE E 106 2.44 25.48 8.75
N LEU E 107 1.43 26.31 8.96
CA LEU E 107 0.30 26.41 8.06
C LEU E 107 0.73 26.81 6.65
N THR E 108 1.83 27.57 6.57
CA THR E 108 2.36 28.00 5.28
C THR E 108 3.32 26.98 4.72
N GLY E 109 3.70 26.01 5.55
CA GLY E 109 4.53 24.90 5.12
C GLY E 109 6.02 25.16 5.19
N HIS E 110 6.41 26.39 5.52
CA HIS E 110 7.82 26.75 5.54
C HIS E 110 8.58 26.06 6.67
N ALA E 111 7.93 25.90 7.82
CA ALA E 111 8.54 25.23 8.96
C ALA E 111 8.68 23.73 8.72
N LEU E 112 7.86 23.21 7.83
CA LEU E 112 7.82 21.77 7.55
C LEU E 112 8.85 21.35 6.51
N MET E 113 9.61 22.31 6.00
CA MET E 113 10.64 22.02 5.00
C MET E 113 11.83 21.29 5.62
N PHE E 114 11.99 21.43 6.93
CA PHE E 114 13.10 20.79 7.64
C PHE E 114 12.69 19.41 8.16
N GLU E 115 11.39 19.13 8.14
CA GLU E 115 10.88 17.88 8.71
C GLU E 115 10.30 16.94 7.65
N GLN E 116 9.70 15.86 8.11
CA GLN E 116 9.21 14.81 7.20
C GLN E 116 8.12 15.29 6.25
N ASP E 117 8.14 14.76 5.03
CA ASP E 117 7.12 15.06 4.03
C ASP E 117 5.72 14.68 4.51
N ARG E 118 5.63 13.78 5.48
CA ARG E 118 4.34 13.33 6.00
C ARG E 118 3.60 14.49 6.68
N LEU E 119 4.35 15.36 7.35
CA LEU E 119 3.74 16.48 8.08
C LEU E 119 2.98 17.43 7.17
N GLN E 120 3.53 17.70 5.99
CA GLN E 120 2.86 18.58 5.03
C GLN E 120 1.56 17.95 4.54
N GLY E 121 1.56 16.63 4.40
CA GLY E 121 0.36 15.90 4.03
C GLY E 121 -0.74 16.13 5.06
N ARG E 122 -0.33 16.33 6.30
CA ARG E 122 -1.27 16.63 7.38
C ARG E 122 -1.84 18.03 7.23
N ILE E 123 -0.96 19.00 7.07
CA ILE E 123 -1.38 20.38 6.83
C ILE E 123 -2.29 20.45 5.60
N ASN E 124 -2.06 19.54 4.65
CA ASN E 124 -2.90 19.44 3.46
C ASN E 124 -4.31 18.93 3.80
N GLN E 125 -4.38 17.87 4.59
CA GLN E 125 -5.66 17.34 5.03
C GLN E 125 -6.47 18.40 5.77
N LEU E 126 -5.76 19.25 6.50
CA LEU E 126 -6.39 20.33 7.26
C LEU E 126 -7.06 21.33 6.35
N PHE E 127 -6.34 21.78 5.33
CA PHE E 127 -6.88 22.73 4.36
C PHE E 127 -8.05 22.13 3.60
N GLU E 128 -8.00 20.83 3.34
CA GLU E 128 -9.09 20.14 2.68
C GLU E 128 -10.31 20.10 3.59
N ARG E 129 -10.06 20.00 4.89
CA ARG E 129 -11.14 20.00 5.88
C ARG E 129 -11.82 21.37 5.90
N ILE E 130 -11.01 22.42 5.95
CA ILE E 130 -11.52 23.79 5.96
C ILE E 130 -12.25 24.11 4.66
N GLU E 131 -11.69 23.65 3.54
CA GLU E 131 -12.28 23.88 2.24
C GLU E 131 -13.63 23.16 2.12
N ALA E 132 -13.74 22.03 2.80
CA ALA E 132 -14.98 21.27 2.81
C ALA E 132 -16.07 22.02 3.57
N GLN E 133 -15.68 22.65 4.67
CA GLN E 133 -16.63 23.43 5.47
C GLN E 133 -17.15 24.62 4.68
N LEU E 134 -16.25 25.31 3.98
CA LEU E 134 -16.64 26.44 3.16
C LEU E 134 -17.68 26.04 2.13
N ARG E 135 -17.43 24.92 1.44
CA ARG E 135 -18.39 24.40 0.48
C ARG E 135 -19.73 24.15 1.14
N GLN E 136 -19.70 23.51 2.31
CA GLN E 136 -20.92 23.22 3.06
C GLN E 136 -21.73 24.49 3.33
N VAL E 137 -21.04 25.60 3.59
CA VAL E 137 -21.70 26.86 3.87
C VAL E 137 -22.33 27.44 2.60
N LEU E 138 -21.61 27.32 1.48
CA LEU E 138 -22.10 27.81 0.19
C LEU E 138 -23.27 27.00 -0.34
N ARG E 139 -23.23 25.68 -0.11
CA ARG E 139 -24.22 24.77 -0.65
C ARG E 139 -25.56 24.92 0.06
N GLU E 140 -25.53 25.58 1.21
CA GLU E 140 -26.74 25.78 1.99
C GLU E 140 -27.32 27.16 1.68
N LYS E 141 -26.65 27.91 0.81
CA LYS E 141 -27.12 29.25 0.45
C LYS E 141 -28.52 29.20 -0.16
N ARG E 142 -28.82 28.13 -0.89
CA ARG E 142 -30.16 27.97 -1.46
C ARG E 142 -31.14 27.48 -0.41
N MET E 143 -30.76 26.42 0.29
CA MET E 143 -31.58 25.85 1.35
C MET E 143 -32.05 26.93 2.32
N ARG E 144 -31.19 27.93 2.52
CA ARG E 144 -31.34 28.91 3.58
C ARG E 144 -31.98 30.24 3.16
N GLU E 145 -31.95 30.56 1.87
CA GLU E 145 -32.55 31.81 1.40
C GLU E 145 -33.08 31.75 -0.03
N GLY E 146 -33.28 30.53 -0.52
CA GLY E 146 -33.91 30.32 -1.81
C GLY E 146 -33.01 30.58 -3.00
N GLU E 147 -32.15 31.60 -2.90
CA GLU E 147 -31.24 31.94 -3.98
C GLU E 147 -30.04 30.99 -3.98
N GLY E 148 -29.38 30.88 -5.12
CA GLY E 148 -28.18 30.05 -5.23
C GLY E 148 -27.00 30.82 -5.81
N TYR E 149 -25.81 30.28 -5.65
CA TYR E 149 -24.61 30.89 -6.23
C TYR E 149 -24.43 30.52 -7.70
N THR E 150 -24.11 31.50 -8.52
CA THR E 150 -23.88 31.28 -9.94
C THR E 150 -22.57 30.54 -10.14
N THR E 151 -21.56 30.93 -9.37
CA THR E 151 -20.24 30.32 -9.46
C THR E 151 -20.20 28.97 -8.77
N ASP E 152 -19.47 28.03 -9.35
CA ASP E 152 -19.28 26.71 -8.77
C ASP E 152 -18.81 26.86 -7.32
N GLU E 153 -19.44 26.12 -6.41
CA GLU E 153 -19.11 26.23 -4.99
C GLU E 153 -17.67 25.83 -4.70
N THR E 154 -17.20 24.79 -5.38
CA THR E 154 -15.82 24.33 -5.20
C THR E 154 -14.85 25.43 -5.62
N LEU E 155 -15.26 26.23 -6.60
CA LEU E 155 -14.43 27.33 -7.08
C LEU E 155 -14.43 28.48 -6.09
N LEU E 156 -15.62 28.86 -5.62
CA LEU E 156 -15.74 29.90 -4.60
C LEU E 156 -14.98 29.52 -3.34
N ALA E 157 -15.14 28.28 -2.90
CA ALA E 157 -14.45 27.79 -1.71
C ALA E 157 -12.94 27.90 -1.90
N SER E 158 -12.45 27.44 -3.04
CA SER E 158 -11.02 27.51 -3.34
C SER E 158 -10.55 28.95 -3.49
N GLN E 159 -11.39 29.76 -4.13
CA GLN E 159 -11.10 31.18 -4.33
C GLN E 159 -10.89 31.86 -2.98
N ILE E 160 -11.79 31.59 -2.05
CA ILE E 160 -11.72 32.16 -0.71
C ILE E 160 -10.50 31.66 0.05
N LEU E 161 -10.31 30.34 0.03
CA LEU E 161 -9.18 29.73 0.75
C LEU E 161 -7.85 30.15 0.15
N ALA E 162 -7.83 30.40 -1.17
CA ALA E 162 -6.63 30.84 -1.85
C ALA E 162 -6.18 32.20 -1.31
N PHE E 163 -7.14 33.08 -1.08
CA PHE E 163 -6.85 34.40 -0.51
C PHE E 163 -6.25 34.26 0.88
N CYS E 164 -6.89 33.45 1.72
CA CYS E 164 -6.43 33.24 3.08
C CYS E 164 -5.00 32.71 3.12
N GLU E 165 -4.73 31.70 2.29
CA GLU E 165 -3.38 31.14 2.20
C GLU E 165 -2.39 32.20 1.74
N GLY E 166 -2.80 33.02 0.78
CA GLY E 166 -1.97 34.09 0.28
C GLY E 166 -1.60 35.08 1.37
N MET E 167 -2.60 35.46 2.16
CA MET E 167 -2.38 36.40 3.26
C MET E 167 -1.42 35.83 4.29
N LEU E 168 -1.61 34.58 4.66
CA LEU E 168 -0.74 33.92 5.63
C LEU E 168 0.68 33.83 5.10
N SER E 169 0.82 33.46 3.83
CA SER E 169 2.13 33.37 3.19
C SER E 169 2.84 34.71 3.23
N ARG E 170 2.10 35.78 2.89
CA ARG E 170 2.65 37.12 2.95
C ARG E 170 3.06 37.46 4.38
N PHE E 171 2.21 37.08 5.32
CA PHE E 171 2.48 37.33 6.74
C PHE E 171 3.79 36.68 7.16
N VAL E 172 4.02 35.46 6.70
CA VAL E 172 5.25 34.73 7.04
C VAL E 172 6.49 35.28 6.35
N ARG E 173 6.40 35.48 5.03
CA ARG E 173 7.56 35.90 4.25
C ARG E 173 7.98 37.33 4.55
N SER E 174 7.10 38.10 5.18
CA SER E 174 7.39 39.48 5.52
C SER E 174 7.88 39.59 6.95
N GLU E 175 8.30 38.46 7.53
CA GLU E 175 8.77 38.42 8.90
C GLU E 175 7.66 38.85 9.86
N PHE E 176 6.42 38.67 9.43
CA PHE E 176 5.24 39.00 10.23
C PHE E 176 4.98 40.51 10.31
N LYS E 177 5.30 41.22 9.24
CA LYS E 177 5.04 42.65 9.15
C LYS E 177 3.62 42.89 8.67
N TYR E 178 3.21 42.15 7.63
CA TYR E 178 1.85 42.23 7.11
C TYR E 178 0.90 41.41 7.96
N ARG E 179 0.26 42.03 8.94
CA ARG E 179 -0.75 41.34 9.73
C ARG E 179 -1.93 40.96 8.84
N PRO E 180 -2.31 39.67 8.86
CA PRO E 180 -3.37 39.13 8.01
C PRO E 180 -4.72 39.82 8.19
N THR E 181 -5.01 40.28 9.40
CA THR E 181 -6.32 40.86 9.70
C THR E 181 -6.37 42.37 9.47
N ASP E 182 -5.21 42.98 9.24
CA ASP E 182 -5.15 44.41 8.96
C ASP E 182 -6.06 44.78 7.81
N ASP E 183 -6.99 45.70 8.05
CA ASP E 183 -7.91 46.18 7.02
C ASP E 183 -8.90 45.12 6.58
N PHE E 184 -9.15 44.14 7.44
CA PHE E 184 -10.07 43.05 7.11
C PHE E 184 -11.45 43.56 6.71
N ASP E 185 -12.01 44.46 7.52
CA ASP E 185 -13.34 45.00 7.26
C ASP E 185 -13.43 45.73 5.92
N ALA E 186 -12.29 46.21 5.43
CA ALA E 186 -12.25 46.86 4.12
C ALA E 186 -12.08 45.79 3.05
N ARG E 187 -11.33 44.74 3.38
CA ARG E 187 -11.09 43.65 2.44
C ARG E 187 -12.34 42.80 2.23
N TRP E 188 -13.08 42.55 3.30
CA TRP E 188 -14.24 41.66 3.23
C TRP E 188 -15.20 41.98 2.09
N PRO E 189 -15.60 43.25 1.95
CA PRO E 189 -16.49 43.63 0.85
C PRO E 189 -15.94 43.17 -0.51
N LEU E 190 -14.61 43.18 -0.65
CA LEU E 190 -13.98 42.67 -1.86
C LEU E 190 -14.27 41.18 -2.03
N ILE E 191 -14.09 40.42 -0.95
CA ILE E 191 -14.41 39.01 -0.96
C ILE E 191 -15.90 38.81 -1.20
N ALA E 192 -16.71 39.60 -0.49
CA ALA E 192 -18.16 39.52 -0.59
C ALA E 192 -18.64 39.71 -2.04
N ALA E 193 -17.91 40.53 -2.79
CA ALA E 193 -18.26 40.80 -4.19
C ALA E 193 -18.22 39.52 -5.03
N GLN E 194 -17.48 38.53 -4.56
CA GLN E 194 -17.34 37.26 -5.26
C GLN E 194 -18.48 36.30 -4.93
N LEU E 195 -19.15 36.54 -3.81
CA LEU E 195 -20.22 35.69 -3.33
C LEU E 195 -21.49 35.87 -4.15
N GLN E 196 -21.56 35.21 -5.29
CA GLN E 196 -22.61 35.48 -6.27
C GLN E 196 -22.73 34.33 -7.27
N ASN F 8 28.91 26.85 -21.19
CA ASN F 8 27.80 27.16 -20.31
C ASN F 8 27.60 26.13 -19.20
N ARG F 9 28.68 25.72 -18.54
CA ARG F 9 28.53 24.77 -17.45
C ARG F 9 27.89 25.46 -16.25
N ARG F 10 28.09 26.77 -16.16
CA ARG F 10 27.43 27.57 -15.14
C ARG F 10 25.95 27.73 -15.49
N GLU F 11 25.52 27.04 -16.54
CA GLU F 11 24.12 27.09 -17.00
C GLU F 11 23.44 25.74 -16.81
N GLU F 12 24.21 24.67 -16.99
CA GLU F 12 23.71 23.31 -16.85
C GLU F 12 23.60 22.88 -15.39
N ILE F 13 24.19 23.68 -14.50
CA ILE F 13 24.02 23.49 -13.07
C ILE F 13 22.61 23.95 -12.69
N LEU F 14 22.34 25.21 -12.98
CA LEU F 14 21.04 25.81 -12.72
C LEU F 14 19.93 25.06 -13.45
N GLN F 15 20.27 24.49 -14.60
CA GLN F 15 19.32 23.74 -15.41
C GLN F 15 18.89 22.45 -14.71
N SER F 16 19.76 21.95 -13.83
CA SER F 16 19.45 20.75 -13.08
C SER F 16 18.86 21.10 -11.72
N LEU F 17 19.48 22.08 -11.05
CA LEU F 17 18.97 22.57 -9.77
C LEU F 17 17.49 22.90 -9.90
N ALA F 18 17.09 23.32 -11.09
CA ALA F 18 15.69 23.59 -11.39
C ALA F 18 14.91 22.28 -11.48
N LEU F 19 15.42 21.34 -12.27
CA LEU F 19 14.79 20.04 -12.44
C LEU F 19 14.51 19.40 -11.09
N MET F 20 15.47 19.49 -10.18
CA MET F 20 15.34 18.89 -8.86
C MET F 20 14.28 19.60 -8.02
N LEU F 21 14.25 20.93 -8.11
CA LEU F 21 13.23 21.73 -7.43
C LEU F 21 11.84 21.33 -7.89
N GLU F 22 11.73 20.98 -9.17
CA GLU F 22 10.46 20.56 -9.75
C GLU F 22 10.05 19.18 -9.26
N SER F 23 11.00 18.25 -9.23
CA SER F 23 10.74 16.89 -8.78
C SER F 23 10.36 16.87 -7.30
N SER F 24 9.96 15.70 -6.81
CA SER F 24 9.54 15.55 -5.42
C SER F 24 10.72 15.68 -4.46
N ASP F 25 11.92 15.83 -5.00
CA ASP F 25 13.10 16.05 -4.20
C ASP F 25 13.17 17.50 -3.74
N GLY F 26 12.30 18.32 -4.31
CA GLY F 26 12.29 19.75 -4.04
C GLY F 26 11.51 20.14 -2.79
N SER F 27 11.02 19.15 -2.06
CA SER F 27 10.37 19.41 -0.79
C SER F 27 11.34 19.17 0.36
N GLN F 28 12.60 18.96 -0.02
CA GLN F 28 13.67 18.78 0.96
C GLN F 28 14.93 19.49 0.48
N ARG F 29 15.88 19.68 1.40
CA ARG F 29 17.12 20.37 1.09
C ARG F 29 17.79 19.79 -0.16
N ILE F 30 18.12 20.66 -1.10
CA ILE F 30 18.85 20.25 -2.30
C ILE F 30 20.35 20.38 -2.04
N THR F 31 20.95 19.31 -1.54
CA THR F 31 22.36 19.33 -1.15
C THR F 31 23.29 19.50 -2.34
N THR F 32 24.48 20.02 -2.08
CA THR F 32 25.50 20.17 -3.11
C THR F 32 25.89 18.81 -3.66
N ALA F 33 25.81 17.80 -2.80
CA ALA F 33 26.14 16.44 -3.19
C ALA F 33 25.15 15.89 -4.21
N LYS F 34 23.89 15.79 -3.81
CA LYS F 34 22.84 15.28 -4.69
C LYS F 34 22.69 16.12 -5.95
N LEU F 35 23.20 17.35 -5.92
CA LEU F 35 23.18 18.21 -7.09
C LEU F 35 24.30 17.82 -8.06
N ALA F 36 25.53 17.76 -7.53
CA ALA F 36 26.67 17.34 -8.33
C ALA F 36 26.46 15.93 -8.87
N ALA F 37 25.65 15.16 -8.16
CA ALA F 37 25.33 13.80 -8.59
C ALA F 37 24.41 13.83 -9.81
N SER F 38 23.67 14.90 -9.97
CA SER F 38 22.76 15.06 -11.09
C SER F 38 23.48 15.68 -12.29
N VAL F 39 24.32 16.68 -12.02
CA VAL F 39 25.08 17.34 -13.07
C VAL F 39 26.09 16.36 -13.67
N GLY F 40 26.34 15.27 -12.97
CA GLY F 40 27.30 14.26 -13.41
C GLY F 40 28.72 14.75 -13.28
N VAL F 41 28.98 15.53 -12.22
CA VAL F 41 30.29 16.11 -11.98
C VAL F 41 30.65 16.12 -10.49
N SER F 42 31.86 16.54 -10.15
CA SER F 42 32.32 16.61 -8.77
C SER F 42 31.88 17.91 -8.08
N GLU F 43 31.73 17.84 -6.75
CA GLU F 43 31.38 19.02 -5.97
C GLU F 43 32.42 20.13 -6.14
N ALA F 44 33.68 19.73 -6.28
CA ALA F 44 34.77 20.67 -6.51
C ALA F 44 34.54 21.45 -7.81
N ALA F 45 33.85 20.83 -8.74
CA ALA F 45 33.58 21.45 -10.04
C ALA F 45 32.57 22.59 -9.94
N LEU F 46 31.48 22.35 -9.22
CA LEU F 46 30.43 23.34 -9.04
C LEU F 46 30.97 24.67 -8.49
N TYR F 47 31.92 24.55 -7.56
CA TYR F 47 32.48 25.73 -6.89
C TYR F 47 33.51 26.48 -7.73
N ARG F 48 33.86 25.93 -8.90
CA ARG F 48 34.72 26.64 -9.83
C ARG F 48 33.89 27.61 -10.66
N HIS F 49 32.57 27.59 -10.44
CA HIS F 49 31.64 28.48 -11.12
C HIS F 49 30.95 29.39 -10.12
N PHE F 50 30.36 28.78 -9.09
CA PHE F 50 29.66 29.53 -8.05
C PHE F 50 30.44 29.54 -6.74
N PRO F 51 30.53 30.70 -6.09
CA PRO F 51 31.16 30.82 -4.76
C PRO F 51 30.42 29.96 -3.73
N SER F 52 29.10 29.96 -3.79
CA SER F 52 28.28 29.17 -2.88
C SER F 52 27.00 28.70 -3.57
N LYS F 53 26.21 27.90 -2.86
CA LYS F 53 24.94 27.44 -3.42
C LYS F 53 23.96 28.60 -3.47
N THR F 54 24.13 29.55 -2.56
CA THR F 54 23.33 30.76 -2.54
C THR F 54 23.40 31.46 -3.90
N ARG F 55 24.59 31.48 -4.48
CA ARG F 55 24.78 32.10 -5.79
C ARG F 55 23.94 31.42 -6.87
N MET F 56 23.78 30.10 -6.74
CA MET F 56 22.98 29.34 -7.69
C MET F 56 21.53 29.79 -7.71
N PHE F 57 21.01 30.15 -6.54
CA PHE F 57 19.63 30.61 -6.43
C PHE F 57 19.46 32.07 -6.85
N ASP F 58 20.50 32.87 -6.62
CA ASP F 58 20.51 34.25 -7.10
C ASP F 58 20.34 34.29 -8.60
N SER F 59 21.04 33.39 -9.30
CA SER F 59 20.95 33.27 -10.74
C SER F 59 19.58 32.73 -11.16
N LEU F 60 19.02 31.84 -10.34
CA LEU F 60 17.68 31.31 -10.59
C LEU F 60 16.61 32.37 -10.35
N ILE F 61 16.78 33.13 -9.26
CA ILE F 61 15.87 34.22 -8.91
C ILE F 61 15.92 35.30 -9.97
N GLU F 62 17.14 35.66 -10.38
CA GLU F 62 17.35 36.69 -11.38
C GLU F 62 16.61 36.33 -12.67
N PHE F 63 16.46 35.04 -12.92
CA PHE F 63 15.67 34.57 -14.06
C PHE F 63 14.20 34.88 -13.83
N ILE F 64 13.73 34.62 -12.61
CA ILE F 64 12.36 34.92 -12.23
C ILE F 64 12.07 36.40 -12.43
N GLU F 65 12.93 37.24 -11.87
CA GLU F 65 12.77 38.68 -11.94
C GLU F 65 12.69 39.18 -13.38
N ASP F 66 13.66 38.79 -14.19
CA ASP F 66 13.67 39.19 -15.59
C ASP F 66 12.44 38.66 -16.34
N SER F 67 12.16 37.37 -16.16
CA SER F 67 11.04 36.74 -16.84
C SER F 67 9.70 37.36 -16.47
N LEU F 68 9.65 38.01 -15.30
CA LEU F 68 8.40 38.60 -14.82
C LEU F 68 8.28 40.07 -15.18
N ILE F 69 9.23 40.88 -14.74
CA ILE F 69 9.20 42.31 -15.00
C ILE F 69 9.20 42.63 -16.49
N THR F 70 10.01 41.90 -17.25
CA THR F 70 10.06 42.08 -18.70
C THR F 70 8.70 41.78 -19.33
N ARG F 71 8.12 40.65 -18.92
CA ARG F 71 6.84 40.22 -19.44
C ARG F 71 5.71 41.18 -19.07
N ILE F 72 5.77 41.76 -17.88
CA ILE F 72 4.74 42.68 -17.41
C ILE F 72 4.75 44.00 -18.18
N ASN F 73 5.94 44.50 -18.50
CA ASN F 73 6.06 45.75 -19.24
C ASN F 73 5.42 45.68 -20.62
N LEU F 74 5.58 44.54 -21.29
CA LEU F 74 4.98 44.34 -22.60
C LEU F 74 3.46 44.37 -22.51
N ILE F 75 2.92 43.88 -21.39
CA ILE F 75 1.48 43.92 -21.16
C ILE F 75 0.99 45.36 -21.11
N LEU F 76 1.80 46.23 -20.53
CA LEU F 76 1.45 47.64 -20.41
C LEU F 76 1.50 48.35 -21.77
N LYS F 77 2.44 47.95 -22.61
CA LYS F 77 2.62 48.57 -23.92
C LYS F 77 1.64 48.02 -24.96
N ASP F 78 1.28 46.75 -24.81
CA ASP F 78 0.40 46.09 -25.78
C ASP F 78 -1.08 46.21 -25.40
N GLU F 79 -1.37 46.20 -24.11
CA GLU F 79 -2.74 46.29 -23.64
C GLU F 79 -3.06 47.66 -23.03
N LYS F 80 -4.12 48.28 -23.54
CA LYS F 80 -4.51 49.63 -23.15
C LYS F 80 -5.52 49.62 -22.00
N ASP F 81 -6.43 48.64 -22.02
CA ASP F 81 -7.48 48.54 -21.02
C ASP F 81 -6.92 48.18 -19.65
N THR F 82 -7.29 48.95 -18.63
CA THR F 82 -6.84 48.69 -17.27
C THR F 82 -7.24 47.30 -16.80
N THR F 83 -8.52 46.97 -16.96
CA THR F 83 -9.02 45.67 -16.58
C THR F 83 -8.23 44.56 -17.27
N ALA F 84 -8.08 44.68 -18.58
CA ALA F 84 -7.34 43.69 -19.36
C ALA F 84 -5.88 43.61 -18.93
N ARG F 85 -5.33 44.74 -18.49
CA ARG F 85 -3.96 44.77 -17.99
C ARG F 85 -3.83 43.92 -16.73
N LEU F 86 -4.65 44.22 -15.73
CA LEU F 86 -4.65 43.47 -14.48
C LEU F 86 -4.75 41.97 -14.73
N ARG F 87 -5.61 41.60 -15.68
CA ARG F 87 -5.93 40.21 -15.97
C ARG F 87 -4.76 39.47 -16.63
N LEU F 88 -4.10 40.14 -17.56
CA LEU F 88 -2.94 39.55 -18.22
C LEU F 88 -1.80 39.36 -17.23
N ILE F 89 -1.70 40.30 -16.29
CA ILE F 89 -0.68 40.24 -15.25
C ILE F 89 -0.94 39.06 -14.31
N VAL F 90 -2.16 38.96 -13.80
CA VAL F 90 -2.55 37.85 -12.94
C VAL F 90 -2.34 36.52 -13.65
N LEU F 91 -2.71 36.47 -14.92
CA LEU F 91 -2.56 35.27 -15.72
C LEU F 91 -1.09 34.93 -15.93
N LEU F 92 -0.26 35.97 -16.00
CA LEU F 92 1.18 35.79 -16.14
C LEU F 92 1.79 35.17 -14.90
N LEU F 93 1.40 35.68 -13.73
CA LEU F 93 1.90 35.16 -12.46
C LEU F 93 1.55 33.68 -12.28
N LEU F 94 0.27 33.36 -12.50
CA LEU F 94 -0.20 31.98 -12.41
C LEU F 94 0.50 31.12 -13.45
N GLY F 95 0.52 31.60 -14.69
CA GLY F 95 1.13 30.88 -15.80
C GLY F 95 2.60 30.57 -15.58
N PHE F 96 3.38 31.62 -15.32
CA PHE F 96 4.81 31.46 -15.11
C PHE F 96 5.11 30.42 -14.03
N GLY F 97 4.34 30.46 -12.95
CA GLY F 97 4.51 29.52 -11.87
C GLY F 97 4.19 28.09 -12.30
N GLU F 98 3.17 27.96 -13.13
CA GLU F 98 2.73 26.65 -13.61
C GLU F 98 3.74 26.04 -14.59
N ARG F 99 4.42 26.91 -15.33
CA ARG F 99 5.42 26.47 -16.30
C ARG F 99 6.75 26.20 -15.62
N ASN F 100 6.90 26.71 -14.40
CA ASN F 100 8.13 26.53 -13.64
C ASN F 100 7.86 26.14 -12.18
N PRO F 101 7.38 24.90 -11.98
CA PRO F 101 7.04 24.39 -10.65
C PRO F 101 8.20 24.54 -9.67
N GLY F 102 9.38 24.13 -10.08
CA GLY F 102 10.57 24.22 -9.24
C GLY F 102 10.88 25.64 -8.81
N LEU F 103 10.70 26.58 -9.74
CA LEU F 103 10.94 27.99 -9.47
C LEU F 103 9.84 28.57 -8.59
N THR F 104 8.65 27.98 -8.67
CA THR F 104 7.53 28.40 -7.84
C THR F 104 7.86 28.21 -6.37
N ARG F 105 8.58 27.13 -6.06
CA ARG F 105 9.02 26.89 -4.69
C ARG F 105 9.85 28.06 -4.17
N ILE F 106 10.58 28.70 -5.08
CA ILE F 106 11.38 29.87 -4.73
C ILE F 106 10.48 31.09 -4.50
N LEU F 107 9.52 31.29 -5.40
CA LEU F 107 8.57 32.38 -5.26
C LEU F 107 7.74 32.25 -3.99
N THR F 108 7.43 31.01 -3.63
CA THR F 108 6.65 30.74 -2.41
C THR F 108 7.54 30.74 -1.18
N GLY F 109 8.85 30.76 -1.39
CA GLY F 109 9.80 30.88 -0.30
C GLY F 109 10.23 29.56 0.32
N HIS F 110 9.57 28.48 -0.05
CA HIS F 110 9.86 27.17 0.53
C HIS F 110 11.28 26.71 0.20
N ALA F 111 11.66 26.81 -1.07
CA ALA F 111 12.98 26.37 -1.51
C ALA F 111 14.09 27.23 -0.93
N LEU F 112 13.71 28.39 -0.39
CA LEU F 112 14.67 29.34 0.15
C LEU F 112 14.93 29.12 1.63
N MET F 113 14.26 28.13 2.21
CA MET F 113 14.37 27.87 3.65
C MET F 113 15.74 27.32 4.03
N PHE F 114 16.52 26.89 3.05
CA PHE F 114 17.78 26.21 3.32
C PHE F 114 19.03 27.07 3.11
N GLU F 115 18.93 28.10 2.28
CA GLU F 115 20.06 29.00 2.03
C GLU F 115 20.03 30.25 2.88
N GLN F 116 20.88 31.22 2.52
CA GLN F 116 20.97 32.48 3.27
C GLN F 116 19.67 33.27 3.23
N ASP F 117 19.36 33.94 4.33
CA ASP F 117 18.12 34.70 4.45
C ASP F 117 17.98 35.78 3.39
N ARG F 118 19.11 36.30 2.92
CA ARG F 118 19.11 37.40 1.97
C ARG F 118 18.45 37.05 0.64
N LEU F 119 18.14 35.78 0.43
CA LEU F 119 17.49 35.34 -0.79
C LEU F 119 15.99 35.61 -0.76
N GLN F 120 15.38 35.41 0.41
CA GLN F 120 13.95 35.65 0.58
C GLN F 120 13.64 37.14 0.49
N GLY F 121 14.54 37.96 1.02
CA GLY F 121 14.39 39.40 0.98
C GLY F 121 14.46 39.94 -0.44
N ARG F 122 15.06 39.15 -1.33
CA ARG F 122 15.15 39.53 -2.74
C ARG F 122 13.88 39.16 -3.49
N ILE F 123 13.23 38.08 -3.05
CA ILE F 123 11.94 37.69 -3.60
C ILE F 123 10.86 38.62 -3.09
N ASN F 124 11.04 39.12 -1.87
CA ASN F 124 10.13 40.10 -1.30
C ASN F 124 10.09 41.39 -2.11
N GLN F 125 11.24 41.74 -2.70
CA GLN F 125 11.35 42.95 -3.52
C GLN F 125 10.68 42.73 -4.86
N LEU F 126 10.82 41.52 -5.40
CA LEU F 126 10.14 41.16 -6.64
C LEU F 126 8.64 41.37 -6.45
N PHE F 127 8.14 40.93 -5.31
CA PHE F 127 6.73 41.06 -4.99
C PHE F 127 6.31 42.52 -4.77
N GLU F 128 7.15 43.29 -4.07
CA GLU F 128 6.87 44.71 -3.87
C GLU F 128 6.84 45.42 -5.22
N ARG F 129 7.67 44.96 -6.14
CA ARG F 129 7.76 45.54 -7.47
C ARG F 129 6.56 45.14 -8.32
N ILE F 130 6.17 43.87 -8.23
CA ILE F 130 4.99 43.39 -8.93
C ILE F 130 3.73 44.04 -8.39
N GLU F 131 3.73 44.31 -7.09
CA GLU F 131 2.58 44.93 -6.43
C GLU F 131 2.49 46.41 -6.76
N ALA F 132 3.64 47.09 -6.80
CA ALA F 132 3.68 48.48 -7.19
C ALA F 132 3.21 48.63 -8.63
N GLN F 133 3.73 47.79 -9.52
CA GLN F 133 3.31 47.77 -10.91
C GLN F 133 1.79 47.64 -10.96
N LEU F 134 1.27 46.74 -10.14
CA LEU F 134 -0.18 46.53 -10.04
C LEU F 134 -0.87 47.80 -9.56
N ARG F 135 -0.27 48.46 -8.58
CA ARG F 135 -0.79 49.71 -8.04
C ARG F 135 -0.85 50.77 -9.13
N GLN F 136 0.21 50.87 -9.92
CA GLN F 136 0.28 51.83 -11.01
C GLN F 136 -0.87 51.64 -11.99
N VAL F 137 -1.13 50.38 -12.33
CA VAL F 137 -2.21 50.05 -13.26
C VAL F 137 -3.56 50.50 -12.71
N LEU F 138 -3.78 50.28 -11.43
CA LEU F 138 -5.04 50.65 -10.78
C LEU F 138 -5.20 52.17 -10.71
N ARG F 139 -4.12 52.87 -10.43
CA ARG F 139 -4.17 54.32 -10.27
C ARG F 139 -4.36 55.04 -11.61
N GLU F 140 -3.98 54.38 -12.70
CA GLU F 140 -4.09 54.98 -14.02
C GLU F 140 -5.50 54.89 -14.59
N LYS F 141 -6.32 54.00 -14.04
CA LYS F 141 -7.70 53.85 -14.49
C LYS F 141 -8.41 55.18 -14.37
N ARG F 142 -7.93 56.04 -13.48
CA ARG F 142 -8.50 57.36 -13.28
C ARG F 142 -8.24 58.27 -14.48
N MET F 143 -6.97 58.41 -14.84
CA MET F 143 -6.60 59.25 -15.98
C MET F 143 -7.18 58.71 -17.28
N ARG F 144 -7.30 57.39 -17.38
CA ARG F 144 -7.72 56.74 -18.61
C ARG F 144 -9.23 56.66 -18.79
N GLU F 145 -9.96 56.58 -17.67
CA GLU F 145 -11.40 56.36 -17.74
C GLU F 145 -12.21 57.41 -16.98
N GLY F 146 -11.53 58.26 -16.23
CA GLY F 146 -12.19 59.27 -15.43
C GLY F 146 -12.55 58.76 -14.06
N GLU F 147 -13.41 57.74 -14.02
CA GLU F 147 -13.79 57.10 -12.77
C GLU F 147 -12.65 56.23 -12.26
N GLY F 148 -12.27 56.43 -10.99
CA GLY F 148 -11.26 55.60 -10.37
C GLY F 148 -11.87 54.35 -9.76
N TYR F 149 -11.37 53.97 -8.59
CA TYR F 149 -11.93 52.86 -7.82
C TYR F 149 -12.48 53.34 -6.49
N THR F 150 -13.55 52.69 -6.02
CA THR F 150 -14.04 52.90 -4.67
C THR F 150 -12.90 52.56 -3.72
N THR F 151 -12.45 51.31 -3.82
CA THR F 151 -11.43 50.75 -2.93
C THR F 151 -10.07 51.43 -3.07
N ASP F 152 -9.40 51.64 -1.94
CA ASP F 152 -8.04 52.17 -1.91
C ASP F 152 -7.15 51.33 -2.82
N GLU F 153 -6.31 52.00 -3.62
CA GLU F 153 -5.46 51.31 -4.57
C GLU F 153 -4.53 50.29 -3.91
N THR F 154 -3.80 50.73 -2.89
CA THR F 154 -2.84 49.86 -2.21
C THR F 154 -3.50 48.58 -1.73
N LEU F 155 -4.73 48.71 -1.22
CA LEU F 155 -5.46 47.56 -0.69
C LEU F 155 -5.95 46.66 -1.81
N LEU F 156 -6.36 47.26 -2.92
CA LEU F 156 -6.86 46.50 -4.06
C LEU F 156 -5.74 45.68 -4.69
N ALA F 157 -4.57 46.30 -4.86
CA ALA F 157 -3.42 45.61 -5.44
C ALA F 157 -3.00 44.43 -4.58
N SER F 158 -2.81 44.68 -3.29
CA SER F 158 -2.44 43.63 -2.35
C SER F 158 -3.49 42.53 -2.33
N GLN F 159 -4.74 42.92 -2.53
CA GLN F 159 -5.85 41.96 -2.59
C GLN F 159 -5.67 41.05 -3.80
N ILE F 160 -5.20 41.63 -4.90
CA ILE F 160 -4.93 40.88 -6.12
C ILE F 160 -3.73 39.96 -5.92
N LEU F 161 -2.69 40.49 -5.29
CA LEU F 161 -1.45 39.76 -5.08
C LEU F 161 -1.65 38.61 -4.11
N ALA F 162 -2.34 38.87 -3.00
CA ALA F 162 -2.62 37.84 -2.00
C ALA F 162 -3.24 36.60 -2.65
N PHE F 163 -4.14 36.83 -3.60
CA PHE F 163 -4.76 35.74 -4.32
C PHE F 163 -3.74 34.94 -5.10
N CYS F 164 -2.91 35.63 -5.89
CA CYS F 164 -1.89 34.98 -6.68
C CYS F 164 -0.95 34.15 -5.82
N GLU F 165 -0.37 34.76 -4.80
CA GLU F 165 0.53 34.06 -3.88
C GLU F 165 -0.18 32.87 -3.24
N GLY F 166 -1.49 33.02 -3.05
CA GLY F 166 -2.29 31.94 -2.49
C GLY F 166 -2.36 30.75 -3.42
N MET F 167 -2.61 31.02 -4.70
CA MET F 167 -2.68 29.97 -5.71
C MET F 167 -1.34 29.28 -5.91
N LEU F 168 -0.27 30.07 -5.98
CA LEU F 168 1.07 29.52 -6.13
C LEU F 168 1.44 28.68 -4.91
N SER F 169 0.92 29.07 -3.75
CA SER F 169 1.18 28.35 -2.51
C SER F 169 0.42 27.02 -2.49
N ARG F 170 -0.80 27.03 -3.01
CA ARG F 170 -1.58 25.80 -3.13
C ARG F 170 -0.90 24.87 -4.12
N PHE F 171 -0.28 25.47 -5.12
CA PHE F 171 0.42 24.72 -6.15
C PHE F 171 1.56 23.92 -5.51
N VAL F 172 2.46 24.62 -4.83
CA VAL F 172 3.58 23.98 -4.15
C VAL F 172 3.07 23.01 -3.08
N ARG F 173 2.11 23.45 -2.29
CA ARG F 173 1.57 22.66 -1.19
C ARG F 173 1.16 21.27 -1.65
N SER F 174 0.36 21.21 -2.71
CA SER F 174 -0.19 19.96 -3.20
C SER F 174 0.76 19.23 -4.14
N GLU F 175 2.03 19.64 -4.14
CA GLU F 175 3.03 19.00 -4.98
C GLU F 175 2.71 19.18 -6.46
N PHE F 176 2.30 20.39 -6.83
CA PHE F 176 2.05 20.76 -8.21
C PHE F 176 0.85 20.02 -8.80
N LYS F 177 -0.16 19.82 -7.97
CA LYS F 177 -1.38 19.15 -8.39
C LYS F 177 -2.48 20.18 -8.62
N TYR F 178 -2.49 21.22 -7.80
CA TYR F 178 -3.40 22.35 -8.00
C TYR F 178 -2.81 23.34 -8.99
N ARG F 179 -3.00 23.06 -10.27
CA ARG F 179 -2.48 23.93 -11.32
C ARG F 179 -3.06 25.33 -11.19
N PRO F 180 -2.19 26.32 -10.98
CA PRO F 180 -2.58 27.71 -10.73
C PRO F 180 -3.55 28.27 -11.77
N THR F 181 -3.38 27.90 -13.03
CA THR F 181 -4.18 28.47 -14.12
C THR F 181 -5.38 27.62 -14.50
N ASP F 182 -5.75 26.66 -13.67
CA ASP F 182 -6.92 25.84 -13.93
C ASP F 182 -8.21 26.61 -13.65
N ASP F 183 -9.13 26.59 -14.60
CA ASP F 183 -10.40 27.29 -14.47
C ASP F 183 -10.22 28.80 -14.34
N PHE F 184 -9.07 29.30 -14.81
CA PHE F 184 -8.77 30.72 -14.71
C PHE F 184 -9.83 31.57 -15.40
N ASP F 185 -10.49 31.01 -16.40
CA ASP F 185 -11.54 31.72 -17.12
C ASP F 185 -12.77 31.94 -16.24
N ALA F 186 -13.04 30.99 -15.35
CA ALA F 186 -14.15 31.12 -14.42
C ALA F 186 -13.73 31.88 -13.18
N ARG F 187 -12.44 31.85 -12.88
CA ARG F 187 -11.91 32.53 -11.71
C ARG F 187 -11.83 34.04 -11.89
N TRP F 188 -11.30 34.49 -13.03
CA TRP F 188 -11.07 35.91 -13.25
C TRP F 188 -12.27 36.80 -12.93
N PRO F 189 -13.47 36.43 -13.43
CA PRO F 189 -14.65 37.24 -13.12
C PRO F 189 -14.74 37.57 -11.63
N LEU F 190 -14.43 36.58 -10.79
CA LEU F 190 -14.45 36.78 -9.35
C LEU F 190 -13.46 37.86 -8.91
N ILE F 191 -12.30 37.90 -9.57
CA ILE F 191 -11.32 38.95 -9.31
C ILE F 191 -11.82 40.29 -9.82
N ALA F 192 -12.37 40.28 -11.03
CA ALA F 192 -12.88 41.50 -11.66
C ALA F 192 -13.94 42.17 -10.79
N ALA F 193 -14.75 41.36 -10.12
CA ALA F 193 -15.79 41.87 -9.25
C ALA F 193 -15.21 42.69 -8.10
N GLN F 194 -13.98 42.35 -7.71
CA GLN F 194 -13.29 43.07 -6.64
C GLN F 194 -12.84 44.45 -7.12
N LEU F 195 -12.75 44.61 -8.44
CA LEU F 195 -12.32 45.87 -9.02
C LEU F 195 -13.46 46.90 -9.00
N GLN F 196 -13.69 47.48 -7.83
CA GLN F 196 -14.77 48.45 -7.67
C GLN F 196 -14.27 49.72 -6.99
N ARG G 7 42.95 0.35 -2.99
CA ARG G 7 42.62 1.74 -2.75
C ARG G 7 43.47 2.31 -1.62
N ASN G 8 44.20 3.40 -1.92
CA ASN G 8 44.99 4.07 -0.91
C ASN G 8 44.23 4.21 0.41
N ARG G 9 42.96 4.57 0.31
CA ARG G 9 42.16 4.85 1.49
C ARG G 9 41.08 3.80 1.83
N ARG G 10 40.44 3.22 0.82
CA ARG G 10 39.38 2.26 1.09
C ARG G 10 39.96 0.98 1.68
N GLU G 11 41.29 0.87 1.66
CA GLU G 11 42.01 -0.28 2.18
C GLU G 11 42.73 0.11 3.48
N GLU G 12 43.31 1.31 3.50
CA GLU G 12 43.92 1.86 4.71
C GLU G 12 42.88 1.97 5.82
N ILE G 13 41.62 2.17 5.43
CA ILE G 13 40.53 2.21 6.38
C ILE G 13 40.23 0.81 6.91
N LEU G 14 40.04 -0.14 6.00
CA LEU G 14 39.76 -1.52 6.38
C LEU G 14 40.92 -2.12 7.19
N GLN G 15 42.12 -1.60 6.97
CA GLN G 15 43.29 -2.10 7.69
C GLN G 15 43.39 -1.45 9.07
N SER G 16 43.17 -0.14 9.13
CA SER G 16 43.20 0.57 10.39
C SER G 16 42.06 0.07 11.28
N LEU G 17 41.03 -0.48 10.65
CA LEU G 17 39.91 -1.06 11.36
C LEU G 17 40.36 -2.35 12.02
N ALA G 18 40.93 -3.25 11.22
CA ALA G 18 41.44 -4.52 11.71
C ALA G 18 42.50 -4.32 12.78
N LEU G 19 43.32 -3.29 12.61
CA LEU G 19 44.38 -2.99 13.55
C LEU G 19 43.81 -2.53 14.90
N MET G 20 42.69 -1.82 14.88
CA MET G 20 42.04 -1.39 16.10
C MET G 20 41.30 -2.55 16.77
N LEU G 21 40.73 -3.42 15.94
CA LEU G 21 40.11 -4.66 16.42
C LEU G 21 41.16 -5.58 17.00
N GLU G 22 42.33 -5.48 16.39
CA GLU G 22 43.52 -6.23 16.73
C GLU G 22 44.06 -5.77 18.07
N SER G 23 44.02 -4.45 18.28
CA SER G 23 44.50 -3.82 19.51
C SER G 23 43.60 -4.05 20.74
N SER G 24 44.11 -3.71 21.93
CA SER G 24 43.36 -3.89 23.18
C SER G 24 42.07 -3.07 23.22
N ASP G 25 41.88 -2.23 22.21
CA ASP G 25 40.65 -1.45 22.09
C ASP G 25 39.66 -2.17 21.17
N GLY G 26 39.96 -3.43 20.88
CA GLY G 26 39.11 -4.25 20.04
C GLY G 26 38.00 -4.91 20.84
N SER G 27 38.15 -4.92 22.16
CA SER G 27 37.10 -5.40 23.04
C SER G 27 36.11 -4.28 23.25
N GLN G 28 36.51 -3.08 22.84
CA GLN G 28 35.66 -1.91 22.98
C GLN G 28 34.96 -1.61 21.67
N ARG G 29 34.03 -0.66 21.69
CA ARG G 29 33.29 -0.29 20.50
C ARG G 29 34.16 0.52 19.56
N ILE G 30 34.06 0.23 18.27
CA ILE G 30 34.84 0.94 17.26
C ILE G 30 34.01 2.07 16.67
N THR G 31 34.18 3.25 17.22
CA THR G 31 33.42 4.41 16.78
C THR G 31 34.03 5.00 15.51
N THR G 32 33.20 5.69 14.74
CA THR G 32 33.66 6.40 13.55
C THR G 32 34.61 7.52 13.95
N ALA G 33 34.46 8.01 15.17
CA ALA G 33 35.32 9.07 15.68
C ALA G 33 36.75 8.57 15.86
N LYS G 34 36.89 7.42 16.52
CA LYS G 34 38.20 6.84 16.75
C LYS G 34 38.79 6.26 15.46
N LEU G 35 37.94 5.64 14.65
CA LEU G 35 38.39 5.04 13.39
C LEU G 35 39.08 6.07 12.51
N ALA G 36 38.38 7.16 12.20
CA ALA G 36 38.94 8.23 11.39
C ALA G 36 40.21 8.77 12.01
N ALA G 37 40.18 8.99 13.32
CA ALA G 37 41.34 9.49 14.05
C ALA G 37 42.51 8.53 13.93
N SER G 38 42.21 7.25 13.75
CA SER G 38 43.23 6.23 13.59
C SER G 38 43.82 6.27 12.19
N VAL G 39 42.98 6.61 11.21
CA VAL G 39 43.40 6.68 9.82
C VAL G 39 44.12 8.00 9.53
N GLY G 40 43.86 8.99 10.36
CA GLY G 40 44.46 10.30 10.18
C GLY G 40 43.59 11.20 9.32
N VAL G 41 42.28 11.04 9.44
CA VAL G 41 41.33 11.81 8.64
C VAL G 41 40.10 12.23 9.43
N SER G 42 39.04 12.54 8.71
CA SER G 42 37.77 12.92 9.32
C SER G 42 36.73 11.83 9.11
N GLU G 43 35.73 11.79 10.01
CA GLU G 43 34.66 10.82 9.90
C GLU G 43 33.98 10.92 8.53
N ALA G 44 33.91 12.14 8.01
CA ALA G 44 33.34 12.37 6.68
C ALA G 44 34.20 11.74 5.60
N ALA G 45 35.53 11.80 5.79
CA ALA G 45 36.46 11.19 4.85
C ALA G 45 36.17 9.71 4.68
N LEU G 46 35.73 9.07 5.77
CA LEU G 46 35.36 7.66 5.74
C LEU G 46 34.21 7.40 4.77
N TYR G 47 33.17 8.23 4.86
CA TYR G 47 31.96 8.02 4.08
C TYR G 47 32.12 8.35 2.61
N ARG G 48 33.32 8.75 2.22
CA ARG G 48 33.65 8.93 0.81
C ARG G 48 33.93 7.56 0.19
N HIS G 49 34.20 6.58 1.04
CA HIS G 49 34.57 5.24 0.59
C HIS G 49 33.57 4.19 1.06
N PHE G 50 32.92 4.45 2.20
CA PHE G 50 31.93 3.53 2.74
C PHE G 50 30.65 4.25 3.15
N PRO G 51 29.50 3.76 2.66
CA PRO G 51 28.19 4.34 2.99
C PRO G 51 27.89 4.27 4.48
N SER G 52 28.18 3.12 5.08
CA SER G 52 27.97 2.92 6.52
C SER G 52 29.13 2.13 7.11
N LYS G 53 29.32 2.27 8.42
CA LYS G 53 30.38 1.51 9.10
C LYS G 53 30.17 0.02 8.91
N THR G 54 28.91 -0.38 8.75
CA THR G 54 28.55 -1.78 8.59
C THR G 54 29.23 -2.40 7.38
N ARG G 55 29.36 -1.60 6.32
CA ARG G 55 29.95 -2.07 5.08
C ARG G 55 31.46 -2.23 5.18
N MET G 56 32.04 -1.58 6.19
CA MET G 56 33.46 -1.78 6.50
C MET G 56 33.65 -3.17 7.10
N PHE G 57 32.75 -3.55 7.99
CA PHE G 57 32.75 -4.89 8.58
C PHE G 57 32.37 -5.93 7.53
N ASP G 58 31.47 -5.55 6.62
CA ASP G 58 31.08 -6.43 5.52
C ASP G 58 32.29 -6.77 4.66
N SER G 59 33.14 -5.77 4.43
CA SER G 59 34.37 -5.97 3.66
C SER G 59 35.31 -6.90 4.41
N LEU G 60 35.50 -6.64 5.70
CA LEU G 60 36.35 -7.48 6.54
C LEU G 60 35.86 -8.92 6.57
N ILE G 61 34.54 -9.09 6.58
CA ILE G 61 33.94 -10.43 6.57
C ILE G 61 34.20 -11.13 5.24
N GLU G 62 34.17 -10.37 4.15
CA GLU G 62 34.45 -10.92 2.83
C GLU G 62 35.93 -11.26 2.69
N PHE G 63 36.78 -10.41 3.23
CA PHE G 63 38.22 -10.64 3.21
C PHE G 63 38.57 -11.88 4.04
N ILE G 64 38.05 -11.94 5.26
CA ILE G 64 38.26 -13.09 6.13
C ILE G 64 37.89 -14.38 5.42
N GLU G 65 36.72 -14.37 4.79
CA GLU G 65 36.21 -15.56 4.11
C GLU G 65 36.98 -15.84 2.82
N ASP G 66 37.41 -14.79 2.15
CA ASP G 66 38.17 -14.95 0.90
C ASP G 66 39.48 -15.69 1.18
N SER G 67 40.18 -15.25 2.22
CA SER G 67 41.43 -15.88 2.61
C SER G 67 41.19 -17.35 2.95
N LEU G 68 40.41 -17.59 4.00
CA LEU G 68 40.13 -18.93 4.48
C LEU G 68 39.78 -19.92 3.36
N ILE G 69 38.76 -19.59 2.58
CA ILE G 69 38.31 -20.47 1.51
C ILE G 69 39.41 -20.76 0.49
N THR G 70 40.08 -19.71 0.02
CA THR G 70 41.12 -19.85 -0.99
C THR G 70 42.23 -20.79 -0.54
N ARG G 71 42.71 -20.59 0.68
CA ARG G 71 43.79 -21.41 1.21
C ARG G 71 43.38 -22.85 1.47
N ILE G 72 42.12 -23.05 1.87
CA ILE G 72 41.59 -24.39 2.06
C ILE G 72 41.58 -25.14 0.72
N ASN G 73 41.23 -24.44 -0.34
CA ASN G 73 41.24 -25.01 -1.68
C ASN G 73 42.65 -25.37 -2.15
N LEU G 74 43.60 -24.48 -1.88
CA LEU G 74 45.00 -24.75 -2.21
C LEU G 74 45.49 -25.96 -1.42
N ILE G 75 45.07 -26.05 -0.16
CA ILE G 75 45.42 -27.19 0.68
C ILE G 75 44.87 -28.48 0.09
N LEU G 76 43.59 -28.48 -0.27
CA LEU G 76 42.97 -29.63 -0.90
C LEU G 76 43.68 -30.01 -2.19
N LYS G 77 44.22 -29.00 -2.87
CA LYS G 77 44.84 -29.20 -4.17
C LYS G 77 46.31 -29.55 -4.05
N ASP G 78 46.91 -29.25 -2.90
CA ASP G 78 48.32 -29.54 -2.68
C ASP G 78 48.54 -30.76 -1.80
N GLU G 79 47.51 -31.16 -1.06
CA GLU G 79 47.60 -32.33 -0.19
C GLU G 79 46.59 -33.41 -0.59
N LYS G 80 47.02 -34.65 -0.52
CA LYS G 80 46.23 -35.78 -1.01
C LYS G 80 45.70 -36.66 0.12
N ASP G 81 46.41 -36.64 1.25
CA ASP G 81 46.03 -37.47 2.39
C ASP G 81 44.90 -36.84 3.20
N THR G 82 43.86 -37.63 3.48
CA THR G 82 42.72 -37.16 4.26
C THR G 82 43.15 -36.57 5.60
N THR G 83 43.97 -37.32 6.33
CA THR G 83 44.43 -36.88 7.64
C THR G 83 45.29 -35.62 7.53
N ALA G 84 46.23 -35.62 6.60
CA ALA G 84 47.12 -34.48 6.40
C ALA G 84 46.33 -33.21 6.06
N ARG G 85 45.26 -33.37 5.27
CA ARG G 85 44.38 -32.26 4.95
C ARG G 85 43.78 -31.66 6.21
N LEU G 86 43.07 -32.50 6.96
CA LEU G 86 42.45 -32.08 8.22
C LEU G 86 43.44 -31.31 9.09
N ARG G 87 44.69 -31.73 9.06
CA ARG G 87 45.73 -31.11 9.87
C ARG G 87 46.06 -29.70 9.38
N LEU G 88 46.24 -29.55 8.07
CA LEU G 88 46.56 -28.25 7.49
C LEU G 88 45.39 -27.29 7.59
N ILE G 89 44.17 -27.81 7.42
CA ILE G 89 42.98 -26.98 7.51
C ILE G 89 42.78 -26.43 8.92
N VAL G 90 42.99 -27.26 9.93
CA VAL G 90 42.90 -26.84 11.31
C VAL G 90 44.02 -25.85 11.63
N LEU G 91 45.24 -26.21 11.25
CA LEU G 91 46.39 -25.34 11.44
C LEU G 91 46.15 -23.99 10.78
N LEU G 92 45.40 -24.01 9.68
CA LEU G 92 45.07 -22.79 8.94
C LEU G 92 44.20 -21.85 9.78
N LEU G 93 43.06 -22.36 10.24
CA LEU G 93 42.13 -21.55 11.02
C LEU G 93 42.79 -20.99 12.27
N LEU G 94 43.59 -21.81 12.94
CA LEU G 94 44.33 -21.37 14.12
C LEU G 94 45.37 -20.32 13.73
N GLY G 95 46.18 -20.65 12.71
CA GLY G 95 47.20 -19.74 12.23
C GLY G 95 46.63 -18.40 11.82
N PHE G 96 45.63 -18.43 10.94
CA PHE G 96 45.00 -17.20 10.46
C PHE G 96 44.48 -16.35 11.62
N GLY G 97 43.82 -17.02 12.57
CA GLY G 97 43.29 -16.32 13.73
C GLY G 97 44.36 -15.65 14.56
N GLU G 98 45.50 -16.32 14.70
CA GLU G 98 46.59 -15.81 15.52
C GLU G 98 47.29 -14.60 14.89
N ARG G 99 47.55 -14.69 13.59
CA ARG G 99 48.21 -13.61 12.87
C ARG G 99 47.22 -12.51 12.46
N ASN G 100 45.96 -12.69 12.86
CA ASN G 100 44.93 -11.68 12.64
C ASN G 100 43.96 -11.64 13.81
N PRO G 101 44.45 -11.22 14.99
CA PRO G 101 43.67 -11.18 16.22
C PRO G 101 42.41 -10.32 16.09
N GLY G 102 42.51 -9.20 15.37
CA GLY G 102 41.38 -8.32 15.16
C GLY G 102 40.24 -9.01 14.44
N LEU G 103 40.58 -9.68 13.33
CA LEU G 103 39.58 -10.38 12.54
C LEU G 103 38.99 -11.54 13.33
N THR G 104 39.77 -12.08 14.27
CA THR G 104 39.30 -13.17 15.11
C THR G 104 38.15 -12.70 16.00
N ARG G 105 38.21 -11.45 16.44
CA ARG G 105 37.13 -10.88 17.24
C ARG G 105 35.83 -10.84 16.44
N ILE G 106 35.96 -10.71 15.12
CA ILE G 106 34.81 -10.81 14.23
C ILE G 106 34.41 -12.27 14.06
N LEU G 107 35.42 -13.12 13.93
CA LEU G 107 35.22 -14.54 13.69
C LEU G 107 34.56 -15.23 14.88
N THR G 108 34.82 -14.71 16.07
CA THR G 108 34.25 -15.27 17.29
C THR G 108 32.90 -14.62 17.61
N GLY G 109 32.62 -13.50 16.96
CA GLY G 109 31.35 -12.81 17.12
C GLY G 109 31.38 -11.66 18.09
N HIS G 110 32.46 -11.55 18.86
CA HIS G 110 32.54 -10.52 19.89
C HIS G 110 32.48 -9.10 19.32
N ALA G 111 33.17 -8.88 18.20
CA ALA G 111 33.21 -7.55 17.59
C ALA G 111 31.89 -7.19 16.90
N LEU G 112 31.06 -8.20 16.66
CA LEU G 112 29.78 -7.98 15.98
C LEU G 112 28.65 -7.74 16.96
N MET G 113 29.00 -7.52 18.22
CA MET G 113 28.00 -7.22 19.25
C MET G 113 27.54 -5.78 19.18
N PHE G 114 28.44 -4.90 18.75
CA PHE G 114 28.13 -3.48 18.65
C PHE G 114 27.50 -3.16 17.30
N GLU G 115 27.67 -4.06 16.35
CA GLU G 115 27.16 -3.85 15.00
C GLU G 115 25.93 -4.69 14.69
N GLN G 116 25.45 -4.57 13.45
CA GLN G 116 24.21 -5.21 13.01
C GLN G 116 24.23 -6.73 13.19
N ASP G 117 23.05 -7.33 13.28
CA ASP G 117 22.92 -8.77 13.41
C ASP G 117 23.25 -9.51 12.11
N ARG G 118 22.91 -8.89 10.99
CA ARG G 118 23.17 -9.48 9.68
C ARG G 118 24.63 -9.88 9.53
N LEU G 119 25.51 -9.11 10.16
CA LEU G 119 26.94 -9.39 10.10
C LEU G 119 27.27 -10.75 10.71
N GLN G 120 26.70 -11.03 11.88
CA GLN G 120 26.89 -12.31 12.55
C GLN G 120 26.40 -13.46 11.67
N GLY G 121 25.20 -13.30 11.12
CA GLY G 121 24.62 -14.30 10.24
C GLY G 121 25.56 -14.66 9.10
N ARG G 122 26.29 -13.66 8.62
CA ARG G 122 27.28 -13.88 7.56
C ARG G 122 28.43 -14.75 8.06
N ILE G 123 28.94 -14.41 9.23
CA ILE G 123 29.98 -15.22 9.88
C ILE G 123 29.50 -16.65 10.07
N ASN G 124 28.21 -16.79 10.39
CA ASN G 124 27.59 -18.10 10.53
C ASN G 124 27.66 -18.91 9.24
N GLN G 125 27.45 -18.24 8.11
CA GLN G 125 27.51 -18.89 6.82
C GLN G 125 28.93 -19.34 6.49
N LEU G 126 29.91 -18.57 6.95
CA LEU G 126 31.31 -18.89 6.72
C LEU G 126 31.70 -20.18 7.46
N PHE G 127 31.32 -20.26 8.73
CA PHE G 127 31.61 -21.45 9.52
C PHE G 127 30.89 -22.67 8.96
N GLU G 128 29.68 -22.48 8.44
CA GLU G 128 28.94 -23.55 7.79
C GLU G 128 29.70 -23.97 6.54
N ARG G 129 30.17 -22.98 5.79
CA ARG G 129 30.93 -23.22 4.56
C ARG G 129 32.20 -24.01 4.86
N ILE G 130 32.92 -23.59 5.90
CA ILE G 130 34.14 -24.28 6.32
C ILE G 130 33.83 -25.69 6.77
N GLU G 131 32.75 -25.84 7.53
CA GLU G 131 32.33 -27.14 8.05
C GLU G 131 31.91 -28.06 6.91
N ALA G 132 31.40 -27.47 5.84
CA ALA G 132 31.04 -28.23 4.64
C ALA G 132 32.29 -28.82 3.99
N GLN G 133 33.39 -28.07 4.04
CA GLN G 133 34.66 -28.55 3.50
C GLN G 133 35.17 -29.73 4.32
N LEU G 134 35.22 -29.56 5.63
CA LEU G 134 35.63 -30.63 6.53
C LEU G 134 34.81 -31.89 6.29
N ARG G 135 33.51 -31.71 6.08
CA ARG G 135 32.60 -32.82 5.78
C ARG G 135 33.01 -33.47 4.46
N GLN G 136 33.36 -32.62 3.49
CA GLN G 136 33.74 -33.08 2.17
C GLN G 136 35.02 -33.91 2.23
N VAL G 137 35.98 -33.42 3.02
CA VAL G 137 37.26 -34.11 3.18
C VAL G 137 37.09 -35.45 3.90
N LEU G 138 36.28 -35.45 4.95
CA LEU G 138 36.10 -36.64 5.78
C LEU G 138 35.52 -37.83 5.02
N ARG G 139 34.44 -37.61 4.30
CA ARG G 139 33.78 -38.70 3.58
C ARG G 139 34.48 -39.01 2.27
N GLU G 140 35.55 -38.27 1.99
CA GLU G 140 36.34 -38.48 0.80
C GLU G 140 37.34 -39.61 1.07
N LYS G 141 37.51 -39.94 2.34
CA LYS G 141 38.40 -41.00 2.77
C LYS G 141 37.98 -42.35 2.19
N ARG G 142 36.69 -42.47 1.90
CA ARG G 142 36.09 -43.72 1.41
C ARG G 142 36.66 -44.16 0.07
N MET G 143 36.64 -43.25 -0.89
CA MET G 143 37.12 -43.56 -2.23
C MET G 143 38.63 -43.54 -2.25
N ARG G 144 39.23 -42.68 -1.43
CA ARG G 144 40.67 -42.48 -1.42
C ARG G 144 41.42 -43.60 -0.72
N GLU G 145 40.90 -44.04 0.43
CA GLU G 145 41.60 -45.04 1.23
C GLU G 145 40.81 -46.35 1.35
N GLY G 146 39.56 -46.34 0.92
CA GLY G 146 38.75 -47.55 0.91
C GLY G 146 37.78 -47.65 2.08
N GLU G 147 38.25 -47.32 3.27
CA GLU G 147 37.40 -47.33 4.45
C GLU G 147 37.06 -45.91 4.89
N GLY G 148 35.77 -45.64 5.06
CA GLY G 148 35.34 -44.34 5.56
C GLY G 148 35.63 -44.21 7.04
N TYR G 149 34.81 -43.43 7.75
CA TYR G 149 34.89 -43.35 9.21
C TYR G 149 33.69 -44.02 9.86
N THR G 150 33.93 -44.64 11.02
CA THR G 150 32.85 -45.19 11.82
C THR G 150 31.94 -44.05 12.23
N THR G 151 32.54 -43.04 12.85
CA THR G 151 31.81 -41.85 13.26
C THR G 151 31.18 -41.13 12.06
N ASP G 152 29.98 -40.60 12.27
CA ASP G 152 29.29 -39.82 11.24
C ASP G 152 30.09 -38.58 10.86
N GLU G 153 30.33 -38.40 9.57
CA GLU G 153 31.14 -37.27 9.08
C GLU G 153 30.69 -35.94 9.65
N THR G 154 29.39 -35.67 9.59
CA THR G 154 28.83 -34.43 10.10
C THR G 154 29.27 -34.20 11.55
N LEU G 155 29.23 -35.26 12.34
CA LEU G 155 29.60 -35.18 13.74
C LEU G 155 31.10 -34.90 13.91
N LEU G 156 31.91 -35.53 13.08
CA LEU G 156 33.35 -35.32 13.11
C LEU G 156 33.72 -33.91 12.67
N ALA G 157 33.05 -33.43 11.63
CA ALA G 157 33.28 -32.07 11.15
C ALA G 157 32.98 -31.05 12.24
N SER G 158 31.81 -31.18 12.86
CA SER G 158 31.41 -30.29 13.94
C SER G 158 32.34 -30.43 15.14
N GLN G 159 32.78 -31.65 15.41
CA GLN G 159 33.71 -31.91 16.50
C GLN G 159 34.99 -31.11 16.30
N ILE G 160 35.59 -31.28 15.12
CA ILE G 160 36.83 -30.58 14.77
C ILE G 160 36.67 -29.07 14.83
N LEU G 161 35.62 -28.56 14.19
CA LEU G 161 35.38 -27.13 14.12
C LEU G 161 35.10 -26.56 15.52
N ALA G 162 34.44 -27.35 16.35
CA ALA G 162 34.15 -26.93 17.73
C ALA G 162 35.45 -26.62 18.47
N PHE G 163 36.46 -27.47 18.29
CA PHE G 163 37.76 -27.24 18.89
C PHE G 163 38.39 -25.97 18.36
N CYS G 164 38.36 -25.79 17.05
CA CYS G 164 38.90 -24.60 16.41
C CYS G 164 38.26 -23.35 16.99
N GLU G 165 36.93 -23.29 16.98
CA GLU G 165 36.23 -22.15 17.55
C GLU G 165 36.55 -21.99 19.03
N GLY G 166 36.78 -23.11 19.70
CA GLY G 166 37.14 -23.09 21.11
C GLY G 166 38.44 -22.36 21.33
N MET G 167 39.45 -22.71 20.53
CA MET G 167 40.76 -22.09 20.64
C MET G 167 40.71 -20.61 20.31
N LEU G 168 40.04 -20.27 19.20
CA LEU G 168 39.88 -18.87 18.82
C LEU G 168 39.15 -18.10 19.91
N SER G 169 38.14 -18.72 20.48
CA SER G 169 37.37 -18.12 21.56
C SER G 169 38.27 -17.79 22.74
N ARG G 170 39.13 -18.74 23.10
CA ARG G 170 40.07 -18.55 24.21
C ARG G 170 41.12 -17.50 23.86
N PHE G 171 41.47 -17.43 22.58
CA PHE G 171 42.40 -16.42 22.10
C PHE G 171 41.88 -15.04 22.44
N VAL G 172 40.56 -14.86 22.29
CA VAL G 172 39.92 -13.58 22.57
C VAL G 172 39.79 -13.32 24.07
N ARG G 173 39.39 -14.34 24.82
CA ARG G 173 39.25 -14.21 26.28
C ARG G 173 40.50 -13.61 26.90
N SER G 174 41.60 -14.34 26.80
CA SER G 174 42.85 -13.95 27.45
C SER G 174 43.45 -12.67 26.89
N GLU G 175 42.79 -12.08 25.89
CA GLU G 175 43.34 -10.93 25.16
C GLU G 175 44.55 -11.33 24.33
N PHE G 176 44.43 -12.43 23.59
CA PHE G 176 45.50 -12.85 22.69
C PHE G 176 46.75 -13.23 23.48
N LYS G 177 46.57 -13.98 24.55
CA LYS G 177 47.69 -14.49 25.32
C LYS G 177 47.77 -16.00 25.12
N TYR G 178 46.62 -16.61 24.90
CA TYR G 178 46.55 -18.02 24.52
C TYR G 178 46.74 -18.16 23.01
N ARG G 179 47.99 -18.30 22.58
CA ARG G 179 48.29 -18.45 21.17
C ARG G 179 47.63 -19.71 20.62
N PRO G 180 46.75 -19.54 19.63
CA PRO G 180 45.99 -20.64 19.03
C PRO G 180 46.88 -21.76 18.49
N THR G 181 48.07 -21.42 17.99
CA THR G 181 48.94 -22.44 17.40
C THR G 181 49.99 -22.95 18.38
N ASP G 182 49.98 -22.42 19.60
CA ASP G 182 50.89 -22.88 20.64
C ASP G 182 50.66 -24.36 20.95
N ASP G 183 51.70 -25.16 20.81
CA ASP G 183 51.63 -26.58 21.13
C ASP G 183 50.80 -27.36 20.12
N PHE G 184 50.55 -26.76 18.96
CA PHE G 184 49.71 -27.39 17.95
C PHE G 184 50.21 -28.78 17.56
N ASP G 185 51.50 -28.91 17.34
CA ASP G 185 52.10 -30.19 16.95
C ASP G 185 51.83 -31.26 18.00
N ALA G 186 51.84 -30.88 19.26
CA ALA G 186 51.54 -31.80 20.34
C ALA G 186 50.03 -32.04 20.44
N ARG G 187 49.26 -31.02 20.05
CA ARG G 187 47.80 -31.10 20.11
C ARG G 187 47.21 -32.01 19.04
N TRP G 188 47.74 -31.90 17.81
CA TRP G 188 47.17 -32.61 16.68
C TRP G 188 46.95 -34.11 16.91
N PRO G 189 47.94 -34.81 17.48
CA PRO G 189 47.76 -36.23 17.76
C PRO G 189 46.47 -36.50 18.52
N LEU G 190 46.05 -35.55 19.34
CA LEU G 190 44.80 -35.65 20.08
C LEU G 190 43.60 -35.60 19.14
N ILE G 191 43.62 -34.62 18.24
CA ILE G 191 42.55 -34.49 17.24
C ILE G 191 42.54 -35.69 16.31
N ALA G 192 43.72 -36.11 15.88
CA ALA G 192 43.86 -37.25 14.98
C ALA G 192 43.23 -38.51 15.55
N ALA G 193 43.25 -38.63 16.88
CA ALA G 193 42.69 -39.78 17.56
C ALA G 193 41.16 -39.79 17.44
N GLN G 194 40.57 -38.61 17.28
CA GLN G 194 39.12 -38.49 17.16
C GLN G 194 38.62 -38.99 15.81
N LEU G 195 39.51 -39.05 14.83
CA LEU G 195 39.14 -39.48 13.49
C LEU G 195 38.91 -40.99 13.43
N GLN G 196 37.78 -41.42 13.97
CA GLN G 196 37.44 -42.84 14.01
C GLN G 196 36.38 -43.17 12.96
N ARG H 7 14.81 -9.57 48.46
CA ARG H 7 15.23 -9.48 47.07
C ARG H 7 14.10 -9.75 46.09
N ASN H 8 12.85 -9.54 46.53
CA ASN H 8 11.72 -9.70 45.63
C ASN H 8 11.94 -8.91 44.35
N ARG H 9 12.65 -7.80 44.48
CA ARG H 9 12.93 -6.93 43.34
C ARG H 9 14.34 -7.14 42.81
N ARG H 10 15.30 -7.31 43.72
CA ARG H 10 16.68 -7.51 43.34
C ARG H 10 16.83 -8.82 42.57
N GLU H 11 16.03 -9.80 42.94
CA GLU H 11 16.08 -11.11 42.29
C GLU H 11 15.24 -11.15 41.02
N GLU H 12 14.11 -10.44 41.01
CA GLU H 12 13.29 -10.38 39.81
C GLU H 12 14.00 -9.62 38.70
N ILE H 13 14.80 -8.63 39.08
CA ILE H 13 15.58 -7.88 38.11
C ILE H 13 16.56 -8.81 37.41
N LEU H 14 17.31 -9.57 38.21
CA LEU H 14 18.31 -10.49 37.69
C LEU H 14 17.71 -11.59 36.82
N GLN H 15 16.60 -12.16 37.28
CA GLN H 15 15.93 -13.20 36.52
C GLN H 15 15.40 -12.65 35.20
N SER H 16 14.86 -11.43 35.26
CA SER H 16 14.39 -10.75 34.05
C SER H 16 15.55 -10.49 33.10
N LEU H 17 16.67 -10.05 33.65
CA LEU H 17 17.87 -9.79 32.86
C LEU H 17 18.34 -11.05 32.16
N ALA H 18 18.27 -12.18 32.87
CA ALA H 18 18.68 -13.46 32.31
C ALA H 18 17.77 -13.88 31.17
N LEU H 19 16.50 -13.51 31.26
CA LEU H 19 15.53 -13.88 30.25
C LEU H 19 15.77 -13.11 28.95
N MET H 20 16.31 -11.90 29.08
CA MET H 20 16.63 -11.08 27.92
C MET H 20 17.94 -11.52 27.29
N LEU H 21 18.94 -11.79 28.12
CA LEU H 21 20.19 -12.37 27.66
C LEU H 21 19.92 -13.63 26.85
N GLU H 22 18.74 -14.20 27.04
CA GLU H 22 18.36 -15.46 26.40
C GLU H 22 17.52 -15.23 25.15
N SER H 23 16.71 -14.17 25.14
CA SER H 23 15.89 -13.88 23.98
C SER H 23 16.74 -13.49 22.78
N SER H 24 16.10 -13.30 21.63
CA SER H 24 16.81 -12.85 20.44
C SER H 24 17.50 -11.52 20.70
N ASP H 25 17.01 -10.79 21.70
CA ASP H 25 17.55 -9.49 22.07
C ASP H 25 18.88 -9.62 22.82
N GLY H 26 19.20 -10.84 23.25
CA GLY H 26 20.44 -11.09 23.93
C GLY H 26 21.64 -10.96 23.02
N SER H 27 21.39 -10.60 21.76
CA SER H 27 22.45 -10.43 20.78
C SER H 27 22.89 -8.97 20.68
N GLN H 28 22.10 -8.08 21.26
CA GLN H 28 22.43 -6.66 21.24
C GLN H 28 22.53 -6.11 22.66
N ARG H 29 23.02 -4.88 22.78
CA ARG H 29 23.16 -4.25 24.09
C ARG H 29 21.83 -4.20 24.82
N ILE H 30 21.85 -4.48 26.13
CA ILE H 30 20.68 -4.38 26.96
C ILE H 30 20.76 -3.12 27.83
N THR H 31 19.91 -2.14 27.52
CA THR H 31 19.94 -0.86 28.22
C THR H 31 19.24 -0.92 29.58
N THR H 32 19.68 -0.08 30.50
CA THR H 32 19.04 0.03 31.81
C THR H 32 17.61 0.46 31.64
N ALA H 33 17.34 1.25 30.61
CA ALA H 33 15.99 1.66 30.28
C ALA H 33 15.15 0.47 29.82
N LYS H 34 15.69 -0.33 28.90
CA LYS H 34 15.00 -1.51 28.39
C LYS H 34 14.88 -2.59 29.46
N LEU H 35 15.79 -2.57 30.42
CA LEU H 35 15.77 -3.54 31.51
C LEU H 35 14.66 -3.22 32.50
N ALA H 36 14.58 -1.95 32.89
CA ALA H 36 13.57 -1.50 33.84
C ALA H 36 12.17 -1.65 33.26
N ALA H 37 12.03 -1.38 31.96
CA ALA H 37 10.74 -1.50 31.28
C ALA H 37 10.36 -2.97 31.05
N SER H 38 11.00 -3.87 31.80
CA SER H 38 10.67 -5.28 31.75
C SER H 38 10.44 -5.82 33.16
N VAL H 39 10.87 -5.04 34.14
CA VAL H 39 10.66 -5.41 35.54
C VAL H 39 9.32 -4.83 36.00
N GLY H 40 8.82 -3.85 35.27
CA GLY H 40 7.58 -3.18 35.62
C GLY H 40 7.85 -2.07 36.60
N VAL H 41 9.02 -1.44 36.47
CA VAL H 41 9.42 -0.39 37.39
C VAL H 41 10.19 0.70 36.67
N SER H 42 10.34 1.85 37.31
CA SER H 42 11.14 2.93 36.76
C SER H 42 12.61 2.53 36.70
N GLU H 43 13.39 3.34 35.98
CA GLU H 43 14.82 3.13 35.85
C GLU H 43 15.52 3.52 37.14
N ALA H 44 15.10 4.64 37.70
CA ALA H 44 15.59 5.10 38.98
C ALA H 44 15.40 4.02 40.03
N ALA H 45 14.34 3.23 39.87
CA ALA H 45 14.04 2.14 40.79
C ALA H 45 15.14 1.09 40.78
N LEU H 46 15.64 0.78 39.59
CA LEU H 46 16.70 -0.21 39.40
C LEU H 46 17.88 0.05 40.33
N TYR H 47 18.20 1.33 40.52
CA TYR H 47 19.37 1.75 41.25
C TYR H 47 19.12 1.81 42.77
N ARG H 48 17.95 1.35 43.19
CA ARG H 48 17.69 1.12 44.61
C ARG H 48 17.90 -0.36 44.93
N HIS H 49 18.68 -1.04 44.10
CA HIS H 49 19.02 -2.44 44.30
C HIS H 49 20.43 -2.72 43.80
N PHE H 50 20.81 -2.05 42.72
CA PHE H 50 22.16 -2.14 42.17
C PHE H 50 22.69 -0.74 41.86
N PRO H 51 23.95 -0.47 42.26
CA PRO H 51 24.58 0.82 42.04
C PRO H 51 25.03 1.01 40.58
N SER H 52 25.00 -0.07 39.81
CA SER H 52 25.41 -0.01 38.41
C SER H 52 24.95 -1.28 37.69
N LYS H 53 24.88 -1.21 36.36
CA LYS H 53 24.50 -2.37 35.57
C LYS H 53 25.63 -3.40 35.57
N THR H 54 26.83 -2.96 35.95
CA THR H 54 27.98 -3.84 36.06
C THR H 54 27.78 -4.83 37.21
N ARG H 55 27.11 -4.36 38.26
CA ARG H 55 26.90 -5.16 39.46
C ARG H 55 25.83 -6.23 39.27
N MET H 56 24.97 -6.04 38.27
CA MET H 56 23.94 -7.05 37.96
C MET H 56 24.59 -8.26 37.31
N PHE H 57 25.56 -8.00 36.43
CA PHE H 57 26.29 -9.08 35.79
C PHE H 57 27.25 -9.75 36.77
N ASP H 58 27.60 -9.04 37.84
CA ASP H 58 28.42 -9.60 38.90
C ASP H 58 27.66 -10.72 39.62
N SER H 59 26.39 -10.46 39.90
CA SER H 59 25.54 -11.44 40.56
C SER H 59 25.28 -12.64 39.66
N LEU H 60 25.17 -12.39 38.35
CA LEU H 60 24.96 -13.45 37.38
C LEU H 60 26.19 -14.36 37.30
N ILE H 61 27.37 -13.75 37.29
CA ILE H 61 28.62 -14.50 37.27
C ILE H 61 28.75 -15.38 38.52
N GLU H 62 28.40 -14.80 39.66
CA GLU H 62 28.41 -15.52 40.94
C GLU H 62 27.50 -16.73 40.89
N PHE H 63 26.37 -16.56 40.20
CA PHE H 63 25.40 -17.63 40.07
C PHE H 63 25.98 -18.75 39.22
N ILE H 64 26.58 -18.36 38.09
CA ILE H 64 27.24 -19.31 37.21
C ILE H 64 28.38 -20.00 37.95
N GLU H 65 29.14 -19.20 38.71
CA GLU H 65 30.27 -19.72 39.48
C GLU H 65 29.82 -20.73 40.52
N ASP H 66 28.78 -20.38 41.27
CA ASP H 66 28.28 -21.25 42.33
C ASP H 66 27.70 -22.54 41.76
N SER H 67 26.81 -22.41 40.79
CA SER H 67 26.23 -23.57 40.13
C SER H 67 27.33 -24.54 39.70
N LEU H 68 28.21 -24.08 38.82
CA LEU H 68 29.25 -24.96 38.26
C LEU H 68 30.20 -25.54 39.29
N ILE H 69 30.82 -24.69 40.10
CA ILE H 69 31.80 -25.14 41.08
C ILE H 69 31.19 -26.14 42.08
N THR H 70 29.97 -25.86 42.53
CA THR H 70 29.26 -26.78 43.42
C THR H 70 29.01 -28.11 42.74
N ARG H 71 28.44 -28.06 41.53
CA ARG H 71 28.14 -29.26 40.77
C ARG H 71 29.39 -30.10 40.55
N ILE H 72 30.48 -29.45 40.18
CA ILE H 72 31.74 -30.15 39.92
C ILE H 72 32.26 -30.86 41.16
N ASN H 73 32.18 -30.20 42.31
CA ASN H 73 32.59 -30.80 43.57
C ASN H 73 31.78 -32.04 43.91
N LEU H 74 30.52 -32.04 43.53
CA LEU H 74 29.66 -33.18 43.78
C LEU H 74 30.00 -34.32 42.82
N ILE H 75 30.48 -33.96 41.64
CA ILE H 75 30.89 -34.96 40.67
C ILE H 75 32.02 -35.83 41.23
N LEU H 76 33.00 -35.17 41.82
CA LEU H 76 34.20 -35.85 42.31
C LEU H 76 33.91 -36.74 43.51
N LYS H 77 32.78 -36.49 44.17
CA LYS H 77 32.38 -37.28 45.33
C LYS H 77 31.54 -38.49 44.93
N ASP H 78 30.67 -38.31 43.95
CA ASP H 78 29.78 -39.37 43.49
C ASP H 78 30.47 -40.38 42.58
N GLU H 79 31.64 -40.00 42.05
CA GLU H 79 32.38 -40.83 41.11
C GLU H 79 33.88 -40.82 41.40
N LYS H 80 34.53 -41.97 41.25
CA LYS H 80 35.97 -42.07 41.47
C LYS H 80 36.73 -42.35 40.17
N ASP H 81 36.04 -42.89 39.18
CA ASP H 81 36.66 -43.21 37.90
C ASP H 81 37.11 -41.94 37.18
N THR H 82 38.40 -41.82 36.93
CA THR H 82 38.97 -40.62 36.33
C THR H 82 38.28 -40.22 35.04
N THR H 83 38.22 -41.14 34.09
CA THR H 83 37.61 -40.87 32.79
C THR H 83 36.14 -40.49 32.94
N ALA H 84 35.43 -41.20 33.82
CA ALA H 84 34.02 -40.94 34.06
C ALA H 84 33.82 -39.59 34.74
N ARG H 85 34.76 -39.23 35.59
CA ARG H 85 34.73 -37.89 36.18
C ARG H 85 34.70 -36.86 35.03
N LEU H 86 35.76 -36.85 34.23
CA LEU H 86 35.84 -35.92 33.10
C LEU H 86 34.58 -35.90 32.25
N ARG H 87 33.99 -37.07 32.03
CA ARG H 87 32.78 -37.17 31.19
C ARG H 87 31.62 -36.37 31.77
N LEU H 88 31.49 -36.40 33.09
CA LEU H 88 30.41 -35.69 33.77
C LEU H 88 30.69 -34.19 33.88
N ILE H 89 31.94 -33.81 34.05
CA ILE H 89 32.30 -32.39 34.15
C ILE H 89 31.99 -31.69 32.83
N VAL H 90 32.32 -32.34 31.72
CA VAL H 90 32.05 -31.79 30.40
C VAL H 90 30.54 -31.71 30.14
N LEU H 91 29.85 -32.81 30.39
CA LEU H 91 28.40 -32.87 30.21
C LEU H 91 27.72 -31.79 31.04
N LEU H 92 28.26 -31.51 32.22
CA LEU H 92 27.73 -30.47 33.08
C LEU H 92 27.83 -29.10 32.43
N LEU H 93 29.03 -28.76 31.94
CA LEU H 93 29.25 -27.50 31.26
C LEU H 93 28.28 -27.32 30.10
N LEU H 94 28.19 -28.33 29.25
CA LEU H 94 27.28 -28.28 28.10
C LEU H 94 25.83 -28.22 28.56
N GLY H 95 25.53 -28.95 29.63
CA GLY H 95 24.18 -28.98 30.17
C GLY H 95 23.75 -27.65 30.76
N PHE H 96 24.63 -27.06 31.57
CA PHE H 96 24.36 -25.78 32.18
C PHE H 96 24.16 -24.70 31.12
N GLY H 97 25.02 -24.71 30.10
CA GLY H 97 24.94 -23.76 29.02
C GLY H 97 23.67 -23.89 28.22
N GLU H 98 23.21 -25.13 28.05
CA GLU H 98 22.00 -25.40 27.27
C GLU H 98 20.75 -25.02 28.06
N ARG H 99 20.81 -25.14 29.38
CA ARG H 99 19.70 -24.78 30.26
C ARG H 99 19.63 -23.28 30.49
N ASN H 100 20.76 -22.61 30.29
CA ASN H 100 20.85 -21.17 30.52
C ASN H 100 21.48 -20.44 29.35
N PRO H 101 20.78 -20.42 28.20
CA PRO H 101 21.27 -19.79 26.97
C PRO H 101 21.70 -18.35 27.21
N GLY H 102 21.00 -17.66 28.10
CA GLY H 102 21.34 -16.29 28.43
C GLY H 102 22.63 -16.18 29.21
N LEU H 103 22.79 -17.04 30.21
CA LEU H 103 24.00 -17.06 31.02
C LEU H 103 25.20 -17.53 30.20
N THR H 104 24.92 -18.35 29.19
CA THR H 104 25.95 -18.84 28.29
C THR H 104 26.56 -17.66 27.53
N ARG H 105 25.73 -16.68 27.20
CA ARG H 105 26.21 -15.47 26.54
C ARG H 105 27.20 -14.72 27.42
N ILE H 106 27.15 -14.98 28.72
CA ILE H 106 28.10 -14.41 29.64
C ILE H 106 29.38 -15.24 29.69
N LEU H 107 29.20 -16.56 29.64
CA LEU H 107 30.34 -17.48 29.62
C LEU H 107 31.16 -17.30 28.35
N THR H 108 30.48 -17.18 27.20
CA THR H 108 31.16 -16.99 25.93
C THR H 108 31.72 -15.58 25.81
N GLY H 109 31.24 -14.67 26.66
CA GLY H 109 31.79 -13.33 26.74
C GLY H 109 31.12 -12.29 25.88
N HIS H 110 30.18 -12.71 25.04
CA HIS H 110 29.50 -11.80 24.13
C HIS H 110 28.68 -10.74 24.86
N ALA H 111 28.02 -11.15 25.94
CA ALA H 111 27.18 -10.24 26.70
C ALA H 111 28.00 -9.23 27.48
N LEU H 112 29.27 -9.56 27.72
CA LEU H 112 30.16 -8.69 28.50
C LEU H 112 30.84 -7.63 27.65
N MET H 113 30.53 -7.62 26.36
CA MET H 113 31.13 -6.66 25.44
C MET H 113 30.72 -5.24 25.77
N PHE H 114 29.61 -5.09 26.48
CA PHE H 114 29.04 -3.77 26.75
C PHE H 114 29.41 -3.21 28.12
N GLU H 115 29.79 -4.08 29.05
CA GLU H 115 30.08 -3.66 30.42
C GLU H 115 31.57 -3.68 30.77
N GLN H 116 31.89 -3.29 31.99
CA GLN H 116 33.29 -3.17 32.44
C GLN H 116 34.13 -4.41 32.10
N ASP H 117 35.37 -4.18 31.69
CA ASP H 117 36.26 -5.25 31.27
C ASP H 117 36.60 -6.26 32.36
N ARG H 118 36.39 -5.86 33.62
CA ARG H 118 36.72 -6.75 34.74
C ARG H 118 35.73 -7.92 34.84
N LEU H 119 34.59 -7.79 34.19
CA LEU H 119 33.60 -8.86 34.17
C LEU H 119 34.11 -10.05 33.38
N GLN H 120 34.82 -9.78 32.30
CA GLN H 120 35.42 -10.82 31.49
C GLN H 120 36.61 -11.45 32.22
N GLY H 121 37.26 -10.65 33.06
CA GLY H 121 38.35 -11.14 33.89
C GLY H 121 37.83 -12.13 34.90
N ARG H 122 36.64 -11.86 35.43
CA ARG H 122 35.97 -12.78 36.34
C ARG H 122 35.66 -14.09 35.64
N ILE H 123 35.07 -13.99 34.47
CA ILE H 123 34.74 -15.18 33.67
C ILE H 123 35.99 -15.98 33.32
N ASN H 124 37.11 -15.29 33.12
CA ASN H 124 38.38 -15.95 32.84
C ASN H 124 38.87 -16.77 34.03
N GLN H 125 38.63 -16.27 35.23
CA GLN H 125 39.03 -16.97 36.45
C GLN H 125 38.18 -18.23 36.65
N LEU H 126 36.93 -18.17 36.21
CA LEU H 126 36.04 -19.33 36.28
C LEU H 126 36.61 -20.45 35.43
N PHE H 127 36.91 -20.13 34.17
CA PHE H 127 37.50 -21.11 33.25
C PHE H 127 38.82 -21.64 33.76
N GLU H 128 39.65 -20.75 34.31
CA GLU H 128 40.93 -21.15 34.86
C GLU H 128 40.73 -22.11 36.03
N ARG H 129 39.67 -21.90 36.79
CA ARG H 129 39.35 -22.77 37.92
C ARG H 129 38.82 -24.10 37.42
N ILE H 130 37.91 -24.06 36.44
CA ILE H 130 37.38 -25.27 35.84
C ILE H 130 38.51 -26.09 35.22
N GLU H 131 39.43 -25.40 34.56
CA GLU H 131 40.57 -26.05 33.93
C GLU H 131 41.52 -26.62 34.98
N ALA H 132 41.55 -25.97 36.14
CA ALA H 132 42.38 -26.43 37.25
C ALA H 132 41.87 -27.77 37.78
N GLN H 133 40.55 -27.89 37.90
CA GLN H 133 39.94 -29.13 38.35
C GLN H 133 40.20 -30.25 37.35
N LEU H 134 39.91 -29.97 36.08
CA LEU H 134 40.19 -30.91 35.01
C LEU H 134 41.64 -31.38 35.11
N ARG H 135 42.53 -30.45 35.40
CA ARG H 135 43.94 -30.75 35.57
C ARG H 135 44.13 -31.73 36.72
N GLN H 136 43.58 -31.38 37.88
CA GLN H 136 43.70 -32.21 39.06
C GLN H 136 43.15 -33.61 38.82
N VAL H 137 41.98 -33.68 38.17
CA VAL H 137 41.37 -34.95 37.83
C VAL H 137 42.30 -35.77 36.95
N LEU H 138 42.89 -35.12 35.95
CA LEU H 138 43.80 -35.79 35.03
C LEU H 138 45.08 -36.25 35.72
N ARG H 139 45.62 -35.41 36.61
CA ARG H 139 46.90 -35.70 37.27
C ARG H 139 46.78 -36.81 38.32
N GLU H 140 45.56 -37.11 38.72
CA GLU H 140 45.32 -38.10 39.77
C GLU H 140 45.08 -39.50 39.23
N LYS H 141 45.10 -39.65 37.91
CA LYS H 141 44.90 -40.97 37.32
C LYS H 141 46.05 -41.91 37.66
N ARG H 142 47.23 -41.34 37.82
CA ARG H 142 48.42 -42.12 38.13
C ARG H 142 48.36 -42.71 39.53
N MET H 143 47.73 -41.99 40.46
CA MET H 143 47.65 -42.42 41.86
C MET H 143 46.47 -43.35 42.05
N ARG H 144 45.38 -43.06 41.34
CA ARG H 144 44.15 -43.83 41.44
C ARG H 144 44.19 -45.07 40.56
N GLU H 145 45.01 -45.05 39.51
CA GLU H 145 45.04 -46.14 38.55
C GLU H 145 46.44 -46.71 38.31
N GLY H 146 47.47 -45.96 38.67
CA GLY H 146 48.84 -46.44 38.54
C GLY H 146 49.66 -45.69 37.51
N GLU H 147 49.16 -45.67 36.28
CA GLU H 147 49.85 -45.00 35.19
C GLU H 147 49.12 -43.74 34.76
N GLY H 148 49.86 -42.64 34.61
CA GLY H 148 49.28 -41.38 34.24
C GLY H 148 48.97 -41.28 32.76
N TYR H 149 49.21 -40.11 32.17
CA TYR H 149 48.96 -39.89 30.76
C TYR H 149 50.25 -39.65 29.99
N THR H 150 50.24 -40.02 28.71
CA THR H 150 51.38 -39.76 27.83
C THR H 150 51.59 -38.27 27.64
N THR H 151 50.54 -37.59 27.20
CA THR H 151 50.63 -36.15 26.94
C THR H 151 50.45 -35.31 28.20
N ASP H 152 51.09 -34.15 28.21
CA ASP H 152 51.01 -33.20 29.32
C ASP H 152 49.56 -33.01 29.76
N GLU H 153 49.34 -33.01 31.08
CA GLU H 153 47.99 -32.86 31.61
C GLU H 153 47.39 -31.48 31.34
N THR H 154 48.21 -30.44 31.49
CA THR H 154 47.76 -29.08 31.21
C THR H 154 47.24 -29.00 29.78
N LEU H 155 47.88 -29.75 28.89
CA LEU H 155 47.50 -29.79 27.49
C LEU H 155 46.14 -30.49 27.32
N LEU H 156 45.99 -31.63 27.98
CA LEU H 156 44.73 -32.37 27.94
C LEU H 156 43.59 -31.56 28.52
N ALA H 157 43.85 -30.86 29.61
CA ALA H 157 42.84 -30.03 30.25
C ALA H 157 42.32 -28.96 29.30
N SER H 158 43.26 -28.27 28.66
CA SER H 158 42.92 -27.21 27.71
C SER H 158 42.21 -27.77 26.49
N GLN H 159 42.68 -28.92 26.00
CA GLN H 159 42.06 -29.58 24.86
C GLN H 159 40.59 -29.84 25.15
N ILE H 160 40.30 -30.23 26.38
CA ILE H 160 38.93 -30.49 26.82
C ILE H 160 38.13 -29.20 26.90
N LEU H 161 38.65 -28.23 27.65
CA LEU H 161 37.97 -26.95 27.82
C LEU H 161 37.75 -26.27 26.48
N ALA H 162 38.76 -26.33 25.61
CA ALA H 162 38.67 -25.74 24.29
C ALA H 162 37.45 -26.26 23.54
N PHE H 163 37.18 -27.55 23.69
CA PHE H 163 36.02 -28.16 23.08
C PHE H 163 34.73 -27.60 23.67
N CYS H 164 34.70 -27.49 25.00
CA CYS H 164 33.53 -26.99 25.70
C CYS H 164 33.19 -25.56 25.28
N GLU H 165 34.18 -24.68 25.32
CA GLU H 165 33.98 -23.30 24.91
C GLU H 165 33.55 -23.23 23.45
N GLY H 166 34.07 -24.14 22.65
CA GLY H 166 33.71 -24.21 21.25
C GLY H 166 32.24 -24.54 21.05
N MET H 167 31.77 -25.56 21.76
CA MET H 167 30.37 -25.97 21.69
C MET H 167 29.44 -24.87 22.22
N LEU H 168 29.90 -24.17 23.26
CA LEU H 168 29.13 -23.06 23.83
C LEU H 168 29.11 -21.87 22.89
N SER H 169 30.24 -21.63 22.23
CA SER H 169 30.36 -20.51 21.29
C SER H 169 29.45 -20.72 20.09
N ARG H 170 29.37 -21.96 19.61
CA ARG H 170 28.48 -22.30 18.50
C ARG H 170 27.03 -22.18 18.94
N PHE H 171 26.78 -22.52 20.20
CA PHE H 171 25.46 -22.44 20.77
C PHE H 171 24.94 -21.01 20.64
N VAL H 172 25.71 -20.08 21.19
CA VAL H 172 25.39 -18.66 21.07
C VAL H 172 25.42 -18.22 19.60
N ARG H 173 26.47 -18.63 18.90
CA ARG H 173 26.68 -18.26 17.51
C ARG H 173 25.43 -18.45 16.66
N SER H 174 24.75 -19.58 16.87
CA SER H 174 23.64 -19.97 16.02
C SER H 174 22.28 -19.62 16.61
N GLU H 175 22.25 -18.63 17.50
CA GLU H 175 21.00 -18.22 18.12
C GLU H 175 20.37 -19.38 18.89
N PHE H 176 21.22 -20.26 19.42
CA PHE H 176 20.80 -21.37 20.27
C PHE H 176 20.12 -22.50 19.50
N LYS H 177 20.56 -22.71 18.26
CA LYS H 177 20.06 -23.83 17.47
C LYS H 177 20.96 -25.05 17.64
N TYR H 178 22.26 -24.82 17.80
CA TYR H 178 23.20 -25.90 18.06
C TYR H 178 23.31 -26.15 19.56
N ARG H 179 22.46 -27.04 20.06
CA ARG H 179 22.43 -27.33 21.49
C ARG H 179 23.61 -28.19 21.92
N PRO H 180 24.34 -27.72 22.95
CA PRO H 180 25.60 -28.29 23.43
C PRO H 180 25.56 -29.80 23.70
N THR H 181 24.50 -30.31 24.31
CA THR H 181 24.45 -31.71 24.70
C THR H 181 23.90 -32.62 23.61
N ASP H 182 23.54 -32.04 22.47
CA ASP H 182 23.06 -32.84 21.34
C ASP H 182 24.14 -33.81 20.87
N ASP H 183 23.81 -35.09 20.87
CA ASP H 183 24.73 -36.14 20.40
C ASP H 183 25.97 -36.27 21.29
N PHE H 184 25.84 -35.86 22.55
CA PHE H 184 26.97 -35.90 23.47
C PHE H 184 27.54 -37.32 23.64
N ASP H 185 26.66 -38.30 23.71
CA ASP H 185 27.09 -39.69 23.93
C ASP H 185 27.88 -40.23 22.73
N ALA H 186 27.65 -39.64 21.56
CA ALA H 186 28.40 -40.02 20.37
C ALA H 186 29.70 -39.24 20.30
N ARG H 187 29.69 -38.03 20.87
CA ARG H 187 30.88 -37.18 20.87
C ARG H 187 31.90 -37.61 21.91
N TRP H 188 31.42 -38.12 23.04
CA TRP H 188 32.33 -38.44 24.14
C TRP H 188 33.45 -39.41 23.78
N PRO H 189 33.11 -40.56 23.16
CA PRO H 189 34.16 -41.51 22.78
C PRO H 189 35.27 -40.83 21.99
N LEU H 190 34.90 -39.83 21.19
CA LEU H 190 35.87 -39.05 20.43
C LEU H 190 36.81 -38.32 21.37
N ILE H 191 36.24 -37.64 22.35
CA ILE H 191 37.03 -36.91 23.35
C ILE H 191 37.89 -37.87 24.18
N ALA H 192 37.27 -38.98 24.60
CA ALA H 192 37.96 -39.97 25.41
C ALA H 192 39.25 -40.44 24.74
N ALA H 193 39.20 -40.59 23.42
CA ALA H 193 40.37 -41.04 22.65
C ALA H 193 41.54 -40.07 22.79
N GLN H 194 41.23 -38.81 23.08
CA GLN H 194 42.26 -37.77 23.20
C GLN H 194 43.08 -37.95 24.49
N LEU H 195 42.50 -38.65 25.46
CA LEU H 195 43.15 -38.84 26.75
C LEU H 195 44.25 -39.89 26.66
N GLN H 196 45.39 -39.49 26.11
CA GLN H 196 46.50 -40.41 25.87
C GLN H 196 47.61 -40.24 26.90
N LEU M 3 3.67 37.62 -25.20
CA LEU M 3 4.17 37.02 -23.97
C LEU M 3 3.95 35.51 -23.92
N ASP M 4 4.92 34.76 -24.44
CA ASP M 4 4.86 33.31 -24.34
C ASP M 4 5.67 32.81 -23.15
N ILE M 5 5.02 32.72 -21.98
CA ILE M 5 5.68 32.30 -20.74
C ILE M 5 6.83 31.31 -20.97
N PRO M 6 8.06 31.75 -20.70
CA PRO M 6 9.29 30.95 -20.82
C PRO M 6 9.40 29.91 -19.71
N ALA M 7 9.89 28.73 -20.07
CA ALA M 7 10.12 27.67 -19.10
C ALA M 7 11.62 27.40 -18.95
N PHE M 8 12.14 27.62 -17.75
CA PHE M 8 13.56 27.45 -17.49
C PHE M 8 14.03 26.07 -17.90
N LEU M 9 13.19 25.07 -17.67
CA LEU M 9 13.52 23.69 -18.00
C LEU M 9 13.00 23.30 -19.39
N ARG M 10 13.69 22.36 -20.02
CA ARG M 10 13.26 21.82 -21.31
C ARG M 10 13.76 20.39 -21.47
#